data_2CBP
# 
_entry.id   2CBP 
# 
_audit_conform.dict_name       mmcif_pdbx.dic 
_audit_conform.dict_version    5.398 
_audit_conform.dict_location   http://mmcif.pdb.org/dictionaries/ascii/mmcif_pdbx.dic 
# 
loop_
_database_2.database_id 
_database_2.database_code 
_database_2.pdbx_database_accession 
_database_2.pdbx_DOI 
PDB   2CBP         pdb_00002cbp 10.2210/pdb2cbp/pdb 
WWPDB D_1000177902 ?            ?                   
# 
loop_
_pdbx_audit_revision_history.ordinal 
_pdbx_audit_revision_history.data_content_type 
_pdbx_audit_revision_history.major_revision 
_pdbx_audit_revision_history.minor_revision 
_pdbx_audit_revision_history.revision_date 
1 'Structure model' 1 0 1997-04-21 
2 'Structure model' 1 1 2008-03-24 
3 'Structure model' 1 2 2011-07-13 
4 'Structure model' 1 3 2024-06-05 
5 'Structure model' 1 4 2024-11-06 
# 
_pdbx_audit_revision_details.ordinal             1 
_pdbx_audit_revision_details.revision_ordinal    1 
_pdbx_audit_revision_details.data_content_type   'Structure model' 
_pdbx_audit_revision_details.provider            repository 
_pdbx_audit_revision_details.type                'Initial release' 
_pdbx_audit_revision_details.description         ? 
_pdbx_audit_revision_details.details             ? 
# 
loop_
_pdbx_audit_revision_group.ordinal 
_pdbx_audit_revision_group.revision_ordinal 
_pdbx_audit_revision_group.data_content_type 
_pdbx_audit_revision_group.group 
1 2 'Structure model' 'Version format compliance' 
2 3 'Structure model' 'Version format compliance' 
3 4 'Structure model' 'Data collection'           
4 4 'Structure model' 'Database references'       
5 4 'Structure model' 'Derived calculations'      
6 4 'Structure model' Other                       
7 5 'Structure model' 'Structure summary'         
# 
loop_
_pdbx_audit_revision_category.ordinal 
_pdbx_audit_revision_category.revision_ordinal 
_pdbx_audit_revision_category.data_content_type 
_pdbx_audit_revision_category.category 
1 4 'Structure model' chem_comp_atom            
2 4 'Structure model' chem_comp_bond            
3 4 'Structure model' database_2                
4 4 'Structure model' pdbx_database_status      
5 4 'Structure model' struct_conn               
6 4 'Structure model' struct_ref_seq_dif        
7 4 'Structure model' struct_site               
8 5 'Structure model' pdbx_entry_details        
9 5 'Structure model' pdbx_modification_feature 
# 
loop_
_pdbx_audit_revision_item.ordinal 
_pdbx_audit_revision_item.revision_ordinal 
_pdbx_audit_revision_item.data_content_type 
_pdbx_audit_revision_item.item 
1  4 'Structure model' '_database_2.pdbx_DOI'                
2  4 'Structure model' '_database_2.pdbx_database_accession' 
3  4 'Structure model' '_pdbx_database_status.process_site'  
4  4 'Structure model' '_struct_conn.ptnr1_auth_comp_id'     
5  4 'Structure model' '_struct_conn.ptnr1_auth_seq_id'      
6  4 'Structure model' '_struct_conn.ptnr1_label_asym_id'    
7  4 'Structure model' '_struct_conn.ptnr1_label_atom_id'    
8  4 'Structure model' '_struct_conn.ptnr1_label_comp_id'    
9  4 'Structure model' '_struct_conn.ptnr1_label_seq_id'     
10 4 'Structure model' '_struct_conn.ptnr2_auth_comp_id'     
11 4 'Structure model' '_struct_conn.ptnr2_auth_seq_id'      
12 4 'Structure model' '_struct_conn.ptnr2_label_asym_id'    
13 4 'Structure model' '_struct_conn.ptnr2_label_atom_id'    
14 4 'Structure model' '_struct_conn.ptnr2_label_comp_id'    
15 4 'Structure model' '_struct_conn.ptnr2_label_seq_id'     
16 4 'Structure model' '_struct_ref_seq_dif.details'         
17 4 'Structure model' '_struct_site.pdbx_auth_asym_id'      
18 4 'Structure model' '_struct_site.pdbx_auth_comp_id'      
19 4 'Structure model' '_struct_site.pdbx_auth_seq_id'       
# 
_pdbx_database_PDB_obs_spr.id               SPRSDE 
_pdbx_database_PDB_obs_spr.date             1997-04-21 
_pdbx_database_PDB_obs_spr.pdb_id           2CBP 
_pdbx_database_PDB_obs_spr.replace_pdb_id   1CBP 
_pdbx_database_PDB_obs_spr.details          ? 
# 
_pdbx_database_status.status_code                     REL 
_pdbx_database_status.entry_id                        2CBP 
_pdbx_database_status.recvd_initial_deposition_date   1996-03-16 
_pdbx_database_status.deposit_site                    ? 
_pdbx_database_status.process_site                    BNL 
_pdbx_database_status.SG_entry                        . 
_pdbx_database_status.pdb_format_compatible           Y 
_pdbx_database_status.status_code_mr                  ? 
_pdbx_database_status.status_code_sf                  ? 
_pdbx_database_status.status_code_cs                  ? 
_pdbx_database_status.status_code_nmr_data            ? 
_pdbx_database_status.methods_development_category    ? 
# 
loop_
_audit_author.name 
_audit_author.pdbx_ordinal 
'Guss, J.M.'    1 
'Freeman, H.C.' 2 
# 
loop_
_citation.id 
_citation.title 
_citation.journal_abbrev 
_citation.journal_volume 
_citation.page_first 
_citation.page_last 
_citation.year 
_citation.journal_id_ASTM 
_citation.country 
_citation.journal_id_ISSN 
_citation.journal_id_CSD 
_citation.book_publisher 
_citation.pdbx_database_id_PubMed 
_citation.pdbx_database_id_DOI 
primary 'The structure of a phytocyanin, the basic blue protein from cucumber, refined at 1.8 A resolution.' J.Mol.Biol. 262 686 
705 1996 JMOBAK UK 0022-2836 0070 ? 8876647 10.1006/jmbi.1996.0545 
1       
;Phase Determination by Multiple-Wavelength X-Ray Diffraction. Crystal Structure of a Basic 'Blue' Copper Protein from Cucumbers
;
Science     241 806 ?   1988 SCIEAS US 0036-8075 0038 ? ?       ?                      
2       'Preliminary Crystallographic Data for a Basic Copper-Containing Protein from Cucumber Seedlings' J.Mol.Biol. 112 649 ?   
1977 JMOBAK UK 0022-2836 0070 ? ?       ?                      
# 
loop_
_citation_author.citation_id 
_citation_author.name 
_citation_author.ordinal 
_citation_author.identifier_ORCID 
primary 'Guss, J.M.'         1  ? 
primary 'Merritt, E.A.'      2  ? 
primary 'Phizackerley, R.P.' 3  ? 
primary 'Freeman, H.C.'      4  ? 
1       'Guss, J.M.'         5  ? 
1       'Merritt, E.A.'      6  ? 
1       'Phizackerley, R.P.' 7  ? 
1       'Hedman, B.'         8  ? 
1       'Murata, M.'         9  ? 
1       'Hodgson, K.O.'      10 ? 
1       'Freeman, H.C.'      11 ? 
2       'Colman, P.M.'       12 ? 
2       'Freeman, H.C.'      13 ? 
2       'Guss, J.M.'         14 ? 
2       'Murata, M.'         15 ? 
2       'Norris, V.A.'       16 ? 
2       'Ramshaw, J.A.'      17 ? 
2       'Venkatappa, M.P.'   18 ? 
2       'Vickery, L.E.'      19 ? 
# 
loop_
_entity.id 
_entity.type 
_entity.src_method 
_entity.pdbx_description 
_entity.formula_weight 
_entity.pdbx_number_of_molecules 
_entity.pdbx_ec 
_entity.pdbx_mutation 
_entity.pdbx_fragment 
_entity.details 
1 polymer     nat 'CUCUMBER BASIC PROTEIN' 10371.791 1   ? ? ? ? 
2 non-polymer syn 'COPPER (II) ION'        63.546    1   ? ? ? ? 
3 water       nat water                    18.015    122 ? ? ? ? 
# 
_entity_poly.entity_id                      1 
_entity_poly.type                           'polypeptide(L)' 
_entity_poly.nstd_linkage                   no 
_entity_poly.nstd_monomer                   no 
_entity_poly.pdbx_seq_one_letter_code       
;AVYVVGGSGGWTFNTESWPKGKRFRAGDILLFNYNPSMHNVVVVNQGGFSTCNTPAGAKVYTSGRDQIKLPKGQSYFICN
FPGHCQSGMKIAVNAL
;
_entity_poly.pdbx_seq_one_letter_code_can   
;AVYVVGGSGGWTFNTESWPKGKRFRAGDILLFNYNPSMHNVVVVNQGGFSTCNTPAGAKVYTSGRDQIKLPKGQSYFICN
FPGHCQSGMKIAVNAL
;
_entity_poly.pdbx_strand_id                 A 
_entity_poly.pdbx_target_identifier         ? 
# 
loop_
_pdbx_entity_nonpoly.entity_id 
_pdbx_entity_nonpoly.name 
_pdbx_entity_nonpoly.comp_id 
2 'COPPER (II) ION' CU  
3 water             HOH 
# 
loop_
_entity_poly_seq.entity_id 
_entity_poly_seq.num 
_entity_poly_seq.mon_id 
_entity_poly_seq.hetero 
1 1  ALA n 
1 2  VAL n 
1 3  TYR n 
1 4  VAL n 
1 5  VAL n 
1 6  GLY n 
1 7  GLY n 
1 8  SER n 
1 9  GLY n 
1 10 GLY n 
1 11 TRP n 
1 12 THR n 
1 13 PHE n 
1 14 ASN n 
1 15 THR n 
1 16 GLU n 
1 17 SER n 
1 18 TRP n 
1 19 PRO n 
1 20 LYS n 
1 21 GLY n 
1 22 LYS n 
1 23 ARG n 
1 24 PHE n 
1 25 ARG n 
1 26 ALA n 
1 27 GLY n 
1 28 ASP n 
1 29 ILE n 
1 30 LEU n 
1 31 LEU n 
1 32 PHE n 
1 33 ASN n 
1 34 TYR n 
1 35 ASN n 
1 36 PRO n 
1 37 SER n 
1 38 MET n 
1 39 HIS n 
1 40 ASN n 
1 41 VAL n 
1 42 VAL n 
1 43 VAL n 
1 44 VAL n 
1 45 ASN n 
1 46 GLN n 
1 47 GLY n 
1 48 GLY n 
1 49 PHE n 
1 50 SER n 
1 51 THR n 
1 52 CYS n 
1 53 ASN n 
1 54 THR n 
1 55 PRO n 
1 56 ALA n 
1 57 GLY n 
1 58 ALA n 
1 59 LYS n 
1 60 VAL n 
1 61 TYR n 
1 62 THR n 
1 63 SER n 
1 64 GLY n 
1 65 ARG n 
1 66 ASP n 
1 67 GLN n 
1 68 ILE n 
1 69 LYS n 
1 70 LEU n 
1 71 PRO n 
1 72 LYS n 
1 73 GLY n 
1 74 GLN n 
1 75 SER n 
1 76 TYR n 
1 77 PHE n 
1 78 ILE n 
1 79 CYS n 
1 80 ASN n 
1 81 PHE n 
1 82 PRO n 
1 83 GLY n 
1 84 HIS n 
1 85 CYS n 
1 86 GLN n 
1 87 SER n 
1 88 GLY n 
1 89 MET n 
1 90 LYS n 
1 91 ILE n 
1 92 ALA n 
1 93 VAL n 
1 94 ASN n 
1 95 ALA n 
1 96 LEU n 
# 
_entity_src_nat.entity_id                  1 
_entity_src_nat.pdbx_src_id                1 
_entity_src_nat.pdbx_alt_source_flag       sample 
_entity_src_nat.pdbx_beg_seq_num           ? 
_entity_src_nat.pdbx_end_seq_num           ? 
_entity_src_nat.common_name                cucumber 
_entity_src_nat.pdbx_organism_scientific   'Cucumis sativus' 
_entity_src_nat.pdbx_ncbi_taxonomy_id      3659 
_entity_src_nat.genus                      Cucumis 
_entity_src_nat.species                    ? 
_entity_src_nat.strain                     ? 
_entity_src_nat.tissue                     ? 
_entity_src_nat.tissue_fraction            ? 
_entity_src_nat.pdbx_secretion             ? 
_entity_src_nat.pdbx_fragment              ? 
_entity_src_nat.pdbx_variant               ? 
_entity_src_nat.pdbx_cell_line             ? 
_entity_src_nat.pdbx_atcc                  ? 
_entity_src_nat.pdbx_cellular_location     ? 
_entity_src_nat.pdbx_organ                 ? 
_entity_src_nat.pdbx_organelle             ? 
_entity_src_nat.pdbx_cell                  ? 
_entity_src_nat.pdbx_plasmid_name          ? 
_entity_src_nat.pdbx_plasmid_details       ? 
_entity_src_nat.details                    'FROM SEEDLINGS' 
# 
loop_
_chem_comp.id 
_chem_comp.type 
_chem_comp.mon_nstd_flag 
_chem_comp.name 
_chem_comp.pdbx_synonyms 
_chem_comp.formula 
_chem_comp.formula_weight 
ALA 'L-peptide linking' y ALANINE           ? 'C3 H7 N O2'     89.093  
ARG 'L-peptide linking' y ARGININE          ? 'C6 H15 N4 O2 1' 175.209 
ASN 'L-peptide linking' y ASPARAGINE        ? 'C4 H8 N2 O3'    132.118 
ASP 'L-peptide linking' y 'ASPARTIC ACID'   ? 'C4 H7 N O4'     133.103 
CU  non-polymer         . 'COPPER (II) ION' ? 'Cu 2'           63.546  
CYS 'L-peptide linking' y CYSTEINE          ? 'C3 H7 N O2 S'   121.158 
GLN 'L-peptide linking' y GLUTAMINE         ? 'C5 H10 N2 O3'   146.144 
GLU 'L-peptide linking' y 'GLUTAMIC ACID'   ? 'C5 H9 N O4'     147.129 
GLY 'peptide linking'   y GLYCINE           ? 'C2 H5 N O2'     75.067  
HIS 'L-peptide linking' y HISTIDINE         ? 'C6 H10 N3 O2 1' 156.162 
HOH non-polymer         . WATER             ? 'H2 O'           18.015  
ILE 'L-peptide linking' y ISOLEUCINE        ? 'C6 H13 N O2'    131.173 
LEU 'L-peptide linking' y LEUCINE           ? 'C6 H13 N O2'    131.173 
LYS 'L-peptide linking' y LYSINE            ? 'C6 H15 N2 O2 1' 147.195 
MET 'L-peptide linking' y METHIONINE        ? 'C5 H11 N O2 S'  149.211 
PHE 'L-peptide linking' y PHENYLALANINE     ? 'C9 H11 N O2'    165.189 
PRO 'L-peptide linking' y PROLINE           ? 'C5 H9 N O2'     115.130 
SER 'L-peptide linking' y SERINE            ? 'C3 H7 N O3'     105.093 
THR 'L-peptide linking' y THREONINE         ? 'C4 H9 N O3'     119.119 
TRP 'L-peptide linking' y TRYPTOPHAN        ? 'C11 H12 N2 O2'  204.225 
TYR 'L-peptide linking' y TYROSINE          ? 'C9 H11 N O3'    181.189 
VAL 'L-peptide linking' y VALINE            ? 'C5 H11 N O2'    117.146 
# 
loop_
_pdbx_poly_seq_scheme.asym_id 
_pdbx_poly_seq_scheme.entity_id 
_pdbx_poly_seq_scheme.seq_id 
_pdbx_poly_seq_scheme.mon_id 
_pdbx_poly_seq_scheme.ndb_seq_num 
_pdbx_poly_seq_scheme.pdb_seq_num 
_pdbx_poly_seq_scheme.auth_seq_num 
_pdbx_poly_seq_scheme.pdb_mon_id 
_pdbx_poly_seq_scheme.auth_mon_id 
_pdbx_poly_seq_scheme.pdb_strand_id 
_pdbx_poly_seq_scheme.pdb_ins_code 
_pdbx_poly_seq_scheme.hetero 
A 1 1  ALA 1  1  1  ALA ALA A . n 
A 1 2  VAL 2  2  2  VAL VAL A . n 
A 1 3  TYR 3  3  3  TYR TYR A . n 
A 1 4  VAL 4  4  4  VAL VAL A . n 
A 1 5  VAL 5  5  5  VAL VAL A . n 
A 1 6  GLY 6  6  6  GLY GLY A . n 
A 1 7  GLY 7  7  7  GLY GLY A . n 
A 1 8  SER 8  8  8  SER SER A . n 
A 1 9  GLY 9  9  9  GLY GLY A . n 
A 1 10 GLY 10 10 10 GLY GLY A . n 
A 1 11 TRP 11 11 11 TRP TRP A . n 
A 1 12 THR 12 12 12 THR THR A . n 
A 1 13 PHE 13 13 13 PHE PHE A . n 
A 1 14 ASN 14 14 14 ASN ASN A . n 
A 1 15 THR 15 15 15 THR THR A . n 
A 1 16 GLU 16 16 16 GLU GLU A . n 
A 1 17 SER 17 17 17 SER SER A . n 
A 1 18 TRP 18 18 18 TRP TRP A . n 
A 1 19 PRO 19 19 19 PRO PRO A . n 
A 1 20 LYS 20 20 20 LYS LYS A . n 
A 1 21 GLY 21 21 21 GLY GLY A . n 
A 1 22 LYS 22 22 22 LYS LYS A . n 
A 1 23 ARG 23 23 23 ARG ARG A . n 
A 1 24 PHE 24 24 24 PHE PHE A . n 
A 1 25 ARG 25 25 25 ARG ARG A . n 
A 1 26 ALA 26 26 26 ALA ALA A . n 
A 1 27 GLY 27 27 27 GLY GLY A . n 
A 1 28 ASP 28 28 28 ASP ASP A . n 
A 1 29 ILE 29 29 29 ILE ILE A . n 
A 1 30 LEU 30 30 30 LEU LEU A . n 
A 1 31 LEU 31 31 31 LEU LEU A . n 
A 1 32 PHE 32 32 32 PHE PHE A . n 
A 1 33 ASN 33 33 33 ASN ASN A . n 
A 1 34 TYR 34 34 34 TYR TYR A . n 
A 1 35 ASN 35 35 35 ASN ASN A . n 
A 1 36 PRO 36 36 36 PRO PRO A . n 
A 1 37 SER 37 37 37 SER SER A . n 
A 1 38 MET 38 38 38 MET MET A . n 
A 1 39 HIS 39 39 39 HIS HIS A . n 
A 1 40 ASN 40 40 40 ASN ASN A . n 
A 1 41 VAL 41 41 41 VAL VAL A . n 
A 1 42 VAL 42 42 42 VAL VAL A . n 
A 1 43 VAL 43 43 43 VAL VAL A . n 
A 1 44 VAL 44 44 44 VAL VAL A . n 
A 1 45 ASN 45 45 45 ASN ASN A . n 
A 1 46 GLN 46 46 46 GLN GLN A . n 
A 1 47 GLY 47 47 47 GLY GLY A . n 
A 1 48 GLY 48 48 48 GLY GLY A . n 
A 1 49 PHE 49 49 49 PHE PHE A . n 
A 1 50 SER 50 50 50 SER SER A . n 
A 1 51 THR 51 51 51 THR THR A . n 
A 1 52 CYS 52 52 52 CYS CYS A . n 
A 1 53 ASN 53 53 53 ASN ASN A . n 
A 1 54 THR 54 54 54 THR THR A . n 
A 1 55 PRO 55 55 55 PRO PRO A . n 
A 1 56 ALA 56 56 56 ALA ALA A . n 
A 1 57 GLY 57 57 57 GLY GLY A . n 
A 1 58 ALA 58 58 58 ALA ALA A . n 
A 1 59 LYS 59 59 59 LYS LYS A . n 
A 1 60 VAL 60 60 60 VAL VAL A . n 
A 1 61 TYR 61 61 61 TYR TYR A . n 
A 1 62 THR 62 62 62 THR THR A . n 
A 1 63 SER 63 63 63 SER SER A . n 
A 1 64 GLY 64 64 64 GLY GLY A . n 
A 1 65 ARG 65 65 65 ARG ARG A . n 
A 1 66 ASP 66 66 66 ASP ASP A . n 
A 1 67 GLN 67 67 67 GLN GLN A . n 
A 1 68 ILE 68 68 68 ILE ILE A . n 
A 1 69 LYS 69 69 69 LYS LYS A . n 
A 1 70 LEU 70 70 70 LEU LEU A . n 
A 1 71 PRO 71 71 71 PRO PRO A . n 
A 1 72 LYS 72 72 72 LYS LYS A . n 
A 1 73 GLY 73 73 73 GLY GLY A . n 
A 1 74 GLN 74 74 74 GLN GLN A . n 
A 1 75 SER 75 75 75 SER SER A . n 
A 1 76 TYR 76 76 76 TYR TYR A . n 
A 1 77 PHE 77 77 77 PHE PHE A . n 
A 1 78 ILE 78 78 78 ILE ILE A . n 
A 1 79 CYS 79 79 79 CYS CYS A . n 
A 1 80 ASN 80 80 80 ASN ASN A . n 
A 1 81 PHE 81 81 81 PHE PHE A . n 
A 1 82 PRO 82 82 82 PRO PRO A . n 
A 1 83 GLY 83 83 83 GLY GLY A . n 
A 1 84 HIS 84 84 84 HIS HIS A . n 
A 1 85 CYS 85 85 85 CYS CYS A . n 
A 1 86 GLN 86 86 86 GLN GLN A . n 
A 1 87 SER 87 87 87 SER SER A . n 
A 1 88 GLY 88 88 88 GLY GLY A . n 
A 1 89 MET 89 89 89 MET MET A . n 
A 1 90 LYS 90 90 90 LYS LYS A . n 
A 1 91 ILE 91 91 91 ILE ILE A . n 
A 1 92 ALA 92 92 92 ALA ALA A . n 
A 1 93 VAL 93 93 93 VAL VAL A . n 
A 1 94 ASN 94 94 94 ASN ASN A . n 
A 1 95 ALA 95 95 95 ALA ALA A . n 
A 1 96 LEU 96 96 96 LEU LEU A . n 
# 
loop_
_pdbx_nonpoly_scheme.asym_id 
_pdbx_nonpoly_scheme.entity_id 
_pdbx_nonpoly_scheme.mon_id 
_pdbx_nonpoly_scheme.ndb_seq_num 
_pdbx_nonpoly_scheme.pdb_seq_num 
_pdbx_nonpoly_scheme.auth_seq_num 
_pdbx_nonpoly_scheme.pdb_mon_id 
_pdbx_nonpoly_scheme.auth_mon_id 
_pdbx_nonpoly_scheme.pdb_strand_id 
_pdbx_nonpoly_scheme.pdb_ins_code 
B 2 CU  1   97  97  CU  CU  A . 
C 3 HOH 1   98  98  HOH HOH A . 
C 3 HOH 2   99  99  HOH HOH A . 
C 3 HOH 3   100 102 HOH HOH A . 
C 3 HOH 4   101 103 HOH HOH A . 
C 3 HOH 5   102 104 HOH HOH A . 
C 3 HOH 6   103 105 HOH HOH A . 
C 3 HOH 7   104 106 HOH HOH A . 
C 3 HOH 8   105 107 HOH HOH A . 
C 3 HOH 9   106 108 HOH HOH A . 
C 3 HOH 10  107 109 HOH HOH A . 
C 3 HOH 11  108 110 HOH HOH A . 
C 3 HOH 12  109 111 HOH HOH A . 
C 3 HOH 13  110 112 HOH HOH A . 
C 3 HOH 14  111 113 HOH HOH A . 
C 3 HOH 15  112 114 HOH HOH A . 
C 3 HOH 16  113 115 HOH HOH A . 
C 3 HOH 17  114 116 HOH HOH A . 
C 3 HOH 18  115 117 HOH HOH A . 
C 3 HOH 19  116 118 HOH HOH A . 
C 3 HOH 20  117 119 HOH HOH A . 
C 3 HOH 21  118 120 HOH HOH A . 
C 3 HOH 22  119 121 HOH HOH A . 
C 3 HOH 23  120 122 HOH HOH A . 
C 3 HOH 24  121 123 HOH HOH A . 
C 3 HOH 25  122 124 HOH HOH A . 
C 3 HOH 26  123 125 HOH HOH A . 
C 3 HOH 27  124 126 HOH HOH A . 
C 3 HOH 28  125 127 HOH HOH A . 
C 3 HOH 29  126 128 HOH HOH A . 
C 3 HOH 30  127 129 HOH HOH A . 
C 3 HOH 31  128 130 HOH HOH A . 
C 3 HOH 32  129 131 HOH HOH A . 
C 3 HOH 33  130 132 HOH HOH A . 
C 3 HOH 34  131 133 HOH HOH A . 
C 3 HOH 35  132 134 HOH HOH A . 
C 3 HOH 36  133 135 HOH HOH A . 
C 3 HOH 37  134 136 HOH HOH A . 
C 3 HOH 38  135 137 HOH HOH A . 
C 3 HOH 39  136 138 HOH HOH A . 
C 3 HOH 40  137 139 HOH HOH A . 
C 3 HOH 41  138 140 HOH HOH A . 
C 3 HOH 42  139 141 HOH HOH A . 
C 3 HOH 43  140 142 HOH HOH A . 
C 3 HOH 44  141 143 HOH HOH A . 
C 3 HOH 45  142 144 HOH HOH A . 
C 3 HOH 46  143 145 HOH HOH A . 
C 3 HOH 47  144 146 HOH HOH A . 
C 3 HOH 48  145 147 HOH HOH A . 
C 3 HOH 49  146 148 HOH HOH A . 
C 3 HOH 50  147 149 HOH HOH A . 
C 3 HOH 51  148 150 HOH HOH A . 
C 3 HOH 52  149 151 HOH HOH A . 
C 3 HOH 53  150 152 HOH HOH A . 
C 3 HOH 54  151 153 HOH HOH A . 
C 3 HOH 55  152 154 HOH HOH A . 
C 3 HOH 56  153 155 HOH HOH A . 
C 3 HOH 57  154 156 HOH HOH A . 
C 3 HOH 58  155 157 HOH HOH A . 
C 3 HOH 59  156 158 HOH HOH A . 
C 3 HOH 60  157 159 HOH HOH A . 
C 3 HOH 61  158 160 HOH HOH A . 
C 3 HOH 62  159 161 HOH HOH A . 
C 3 HOH 63  160 162 HOH HOH A . 
C 3 HOH 64  161 163 HOH HOH A . 
C 3 HOH 65  162 164 HOH HOH A . 
C 3 HOH 66  163 165 HOH HOH A . 
C 3 HOH 67  164 166 HOH HOH A . 
C 3 HOH 68  165 167 HOH HOH A . 
C 3 HOH 69  166 168 HOH HOH A . 
C 3 HOH 70  167 169 HOH HOH A . 
C 3 HOH 71  168 170 HOH HOH A . 
C 3 HOH 72  169 171 HOH HOH A . 
C 3 HOH 73  170 172 HOH HOH A . 
C 3 HOH 74  171 173 HOH HOH A . 
C 3 HOH 75  172 174 HOH HOH A . 
C 3 HOH 76  173 175 HOH HOH A . 
C 3 HOH 77  174 176 HOH HOH A . 
C 3 HOH 78  175 177 HOH HOH A . 
C 3 HOH 79  176 178 HOH HOH A . 
C 3 HOH 80  177 179 HOH HOH A . 
C 3 HOH 81  178 180 HOH HOH A . 
C 3 HOH 82  179 181 HOH HOH A . 
C 3 HOH 83  180 182 HOH HOH A . 
C 3 HOH 84  181 183 HOH HOH A . 
C 3 HOH 85  182 184 HOH HOH A . 
C 3 HOH 86  183 185 HOH HOH A . 
C 3 HOH 87  184 186 HOH HOH A . 
C 3 HOH 88  185 187 HOH HOH A . 
C 3 HOH 89  186 188 HOH HOH A . 
C 3 HOH 90  187 189 HOH HOH A . 
C 3 HOH 91  188 190 HOH HOH A . 
C 3 HOH 92  189 191 HOH HOH A . 
C 3 HOH 93  190 192 HOH HOH A . 
C 3 HOH 94  191 193 HOH HOH A . 
C 3 HOH 95  192 194 HOH HOH A . 
C 3 HOH 96  193 195 HOH HOH A . 
C 3 HOH 97  194 196 HOH HOH A . 
C 3 HOH 98  195 197 HOH HOH A . 
C 3 HOH 99  196 198 HOH HOH A . 
C 3 HOH 100 197 199 HOH HOH A . 
C 3 HOH 101 198 200 HOH HOH A . 
C 3 HOH 102 199 201 HOH HOH A . 
C 3 HOH 103 200 202 HOH HOH A . 
C 3 HOH 104 201 203 HOH HOH A . 
C 3 HOH 105 202 204 HOH HOH A . 
C 3 HOH 106 203 205 HOH HOH A . 
C 3 HOH 107 204 206 HOH HOH A . 
C 3 HOH 108 205 207 HOH HOH A . 
C 3 HOH 109 206 208 HOH HOH A . 
C 3 HOH 110 207 209 HOH HOH A . 
C 3 HOH 111 208 210 HOH HOH A . 
C 3 HOH 112 209 211 HOH HOH A . 
C 3 HOH 113 210 212 HOH HOH A . 
C 3 HOH 114 211 213 HOH HOH A . 
C 3 HOH 115 212 214 HOH HOH A . 
C 3 HOH 116 213 215 HOH HOH A . 
C 3 HOH 117 214 216 HOH HOH A . 
C 3 HOH 118 215 217 HOH HOH A . 
C 3 HOH 119 216 218 HOH HOH A . 
C 3 HOH 120 217 219 HOH HOH A . 
C 3 HOH 121 218 100 HOH HOH A . 
C 3 HOH 122 219 101 HOH HOH A . 
# 
_software.name             PROLSQ 
_software.classification   refinement 
_software.version          . 
_software.citation_id      ? 
_software.pdbx_ordinal     1 
# 
_cell.entry_id           2CBP 
_cell.length_a           30.880 
_cell.length_b           46.410 
_cell.length_c           65.570 
_cell.angle_alpha        90.00 
_cell.angle_beta         90.00 
_cell.angle_gamma        90.00 
_cell.Z_PDB              4 
_cell.pdbx_unique_axis   ? 
# 
_symmetry.entry_id                         2CBP 
_symmetry.space_group_name_H-M             'P 21 21 21' 
_symmetry.pdbx_full_space_group_name_H-M   ? 
_symmetry.cell_setting                     ? 
_symmetry.Int_Tables_number                19 
# 
_exptl.entry_id          2CBP 
_exptl.method            'X-RAY DIFFRACTION' 
_exptl.crystals_number   ? 
# 
_exptl_crystal.id                    1 
_exptl_crystal.density_meas          ? 
_exptl_crystal.density_Matthews      2.26 
_exptl_crystal.density_percent_sol   47. 
_exptl_crystal.description           ? 
# 
_diffrn.id                     1 
_diffrn.ambient_temp           ? 
_diffrn.ambient_temp_details   ? 
_diffrn.crystal_id             1 
# 
_diffrn_detector.diffrn_id              1 
_diffrn_detector.detector               'AREA DETECTOR' 
_diffrn_detector.type                   'XUONG-HAMLIN MULTIWIRE' 
_diffrn_detector.pdbx_collection_date   1986 
_diffrn_detector.details                ? 
# 
_diffrn_radiation.diffrn_id                        1 
_diffrn_radiation.wavelength_id                    1 
_diffrn_radiation.pdbx_monochromatic_or_laue_m_l   M 
_diffrn_radiation.monochromator                    ? 
_diffrn_radiation.pdbx_diffrn_protocol             ? 
_diffrn_radiation.pdbx_scattering_type             x-ray 
# 
loop_
_diffrn_radiation_wavelength.id 
_diffrn_radiation_wavelength.wavelength 
_diffrn_radiation_wavelength.wt 
1 1.2359 1.0 
2 1.3771 1.0 
3 1.3790 1.0 
4 1.5416 1.0 
# 
_diffrn_source.diffrn_id                   1 
_diffrn_source.source                      SYNCHROTRON 
_diffrn_source.type                        'SSRL BEAMLINE BL1-5' 
_diffrn_source.pdbx_synchrotron_site       SSRL 
_diffrn_source.pdbx_synchrotron_beamline   BL1-5 
_diffrn_source.pdbx_wavelength             ? 
_diffrn_source.pdbx_wavelength_list        '1.2359, 1.3771, 1.3790, 1.5416' 
# 
_reflns.entry_id                     2CBP 
_reflns.observed_criterion_sigma_I   1. 
_reflns.observed_criterion_sigma_F   ? 
_reflns.d_resolution_low             ? 
_reflns.d_resolution_high            ? 
_reflns.number_obs                   43466 
_reflns.number_all                   ? 
_reflns.percent_possible_obs         89. 
_reflns.pdbx_Rmerge_I_obs            0.043 
_reflns.pdbx_Rsym_value              ? 
_reflns.pdbx_netI_over_sigmaI        ? 
_reflns.B_iso_Wilson_estimate        ? 
_reflns.pdbx_redundancy              ? 
_reflns.pdbx_diffrn_id               1 
_reflns.pdbx_ordinal                 1 
# 
_refine.entry_id                                 2CBP 
_refine.ls_number_reflns_obs                     8124 
_refine.ls_number_reflns_all                     ? 
_refine.pdbx_ls_sigma_I                          ? 
_refine.pdbx_ls_sigma_F                          0.5 
_refine.pdbx_data_cutoff_high_absF               ? 
_refine.pdbx_data_cutoff_low_absF                ? 
_refine.pdbx_data_cutoff_high_rms_absF           ? 
_refine.ls_d_res_low                             7. 
_refine.ls_d_res_high                            1.8 
_refine.ls_percent_reflns_obs                    ? 
_refine.ls_R_factor_obs                          ? 
_refine.ls_R_factor_all                          ? 
_refine.ls_R_factor_R_work                       0.141 
_refine.ls_R_factor_R_free                       ? 
_refine.ls_R_factor_R_free_error                 ? 
_refine.ls_R_factor_R_free_error_details         ? 
_refine.ls_percent_reflns_R_free                 ? 
_refine.ls_number_reflns_R_free                  ? 
_refine.ls_number_parameters                     ? 
_refine.ls_number_restraints                     ? 
_refine.occupancy_min                            ? 
_refine.occupancy_max                            ? 
_refine.B_iso_mean                               11.9 
_refine.aniso_B[1][1]                            ? 
_refine.aniso_B[2][2]                            ? 
_refine.aniso_B[3][3]                            ? 
_refine.aniso_B[1][2]                            ? 
_refine.aniso_B[1][3]                            ? 
_refine.aniso_B[2][3]                            ? 
_refine.solvent_model_details                    ? 
_refine.solvent_model_param_ksol                 ? 
_refine.solvent_model_param_bsol                 ? 
_refine.pdbx_ls_cross_valid_method               ? 
_refine.details                                  
'1988 ESTIMATED COORD. ERROR 0.12 ANGSTROMS (BACKBONE) ESTIMATED COORD. ERROR 0.17 ANGSTROMS (SIDE CHAIN)' 
_refine.pdbx_starting_model                      ? 
_refine.pdbx_method_to_determine_struct          ? 
_refine.pdbx_isotropic_thermal_model             ? 
_refine.pdbx_stereochemistry_target_values       ? 
_refine.pdbx_stereochem_target_val_spec_case     ? 
_refine.pdbx_R_Free_selection_details            ? 
_refine.pdbx_overall_ESU_R                       ? 
_refine.pdbx_overall_ESU_R_Free                  ? 
_refine.overall_SU_ML                            ? 
_refine.overall_SU_B                             ? 
_refine.pdbx_refine_id                           'X-RAY DIFFRACTION' 
_refine.pdbx_diffrn_id                           1 
_refine.pdbx_TLS_residual_ADP_flag               ? 
_refine.correlation_coeff_Fo_to_Fc               ? 
_refine.correlation_coeff_Fo_to_Fc_free          ? 
_refine.pdbx_solvent_vdw_probe_radii             ? 
_refine.pdbx_solvent_ion_probe_radii             ? 
_refine.pdbx_solvent_shrinkage_radii             ? 
_refine.pdbx_overall_phase_error                 ? 
_refine.overall_SU_R_Cruickshank_DPI             ? 
_refine.pdbx_overall_SU_R_free_Cruickshank_DPI   ? 
_refine.pdbx_overall_SU_R_Blow_DPI               ? 
_refine.pdbx_overall_SU_R_free_Blow_DPI          ? 
# 
_refine_analyze.entry_id                        2CBP 
_refine_analyze.Luzzati_coordinate_error_obs    0.15 
_refine_analyze.Luzzati_sigma_a_obs             ? 
_refine_analyze.Luzzati_d_res_low_obs           ? 
_refine_analyze.Luzzati_coordinate_error_free   ? 
_refine_analyze.Luzzati_sigma_a_free            ? 
_refine_analyze.Luzzati_d_res_low_free          ? 
_refine_analyze.number_disordered_residues      ? 
_refine_analyze.occupancy_sum_hydrogen          ? 
_refine_analyze.occupancy_sum_non_hydrogen      ? 
_refine_analyze.pdbx_refine_id                  'X-RAY DIFFRACTION' 
# 
_refine_hist.pdbx_refine_id                   'X-RAY DIFFRACTION' 
_refine_hist.cycle_id                         LAST 
_refine_hist.pdbx_number_atoms_protein        1558 
_refine_hist.pdbx_number_atoms_nucleic_acid   0 
_refine_hist.pdbx_number_atoms_ligand         1 
_refine_hist.number_atoms_solvent             122 
_refine_hist.number_atoms_total               1681 
_refine_hist.d_res_high                       1.8 
_refine_hist.d_res_low                        7. 
# 
loop_
_refine_ls_restr.type 
_refine_ls_restr.dev_ideal 
_refine_ls_restr.dev_ideal_target 
_refine_ls_restr.weight 
_refine_ls_restr.number 
_refine_ls_restr.pdbx_refine_id 
_refine_ls_restr.pdbx_restraint_function 
p_bond_d            0.013 0.030 ? ? 'X-RAY DIFFRACTION' ? 
p_angle_d           0.027 0.040 ? ? 'X-RAY DIFFRACTION' ? 
p_angle_deg         ?     ?     ? ? 'X-RAY DIFFRACTION' ? 
p_planar_d          0.028 0.050 ? ? 'X-RAY DIFFRACTION' ? 
p_hb_or_metal_coord ?     ?     ? ? 'X-RAY DIFFRACTION' ? 
p_mcbond_it         2.8   6.0   ? ? 'X-RAY DIFFRACTION' ? 
p_mcangle_it        3.6   9.0   ? ? 'X-RAY DIFFRACTION' ? 
p_scbond_it         3.5   6.0   ? ? 'X-RAY DIFFRACTION' ? 
p_scangle_it        5.4   9.0   ? ? 'X-RAY DIFFRACTION' ? 
p_plane_restr       0.008 0.020 ? ? 'X-RAY DIFFRACTION' ? 
p_chiral_restr      0.123 0.150 ? ? 'X-RAY DIFFRACTION' ? 
p_singtor_nbd       0.144 0.500 ? ? 'X-RAY DIFFRACTION' ? 
p_multtor_nbd       0.199 0.500 ? ? 'X-RAY DIFFRACTION' ? 
p_xhyhbond_nbd      ?     ?     ? ? 'X-RAY DIFFRACTION' ? 
p_xyhbond_nbd       0.181 0.500 ? ? 'X-RAY DIFFRACTION' ? 
p_planar_tor        1.9   5.0   ? ? 'X-RAY DIFFRACTION' ? 
p_staggered_tor     16.0  15.0  ? ? 'X-RAY DIFFRACTION' ? 
p_orthonormal_tor   ?     ?     ? ? 'X-RAY DIFFRACTION' ? 
p_transverse_tor    14.9  22.0  ? ? 'X-RAY DIFFRACTION' ? 
p_special_tor       ?     ?     ? ? 'X-RAY DIFFRACTION' ? 
# 
_struct.entry_id                  2CBP 
_struct.title                     'CUCUMBER BASIC PROTEIN, A BLUE COPPER PROTEIN' 
_struct.pdbx_model_details        ? 
_struct.pdbx_CASP_flag            ? 
_struct.pdbx_model_type_details   ? 
# 
_struct_keywords.entry_id        2CBP 
_struct_keywords.pdbx_keywords   'ELECTRON TRANSPORT' 
_struct_keywords.text            'ELECTRON TRANSPORT, PHYTOCYANIN, TYPE 1 COPPER PROTEIN' 
# 
loop_
_struct_asym.id 
_struct_asym.pdbx_blank_PDB_chainid_flag 
_struct_asym.pdbx_modified 
_struct_asym.entity_id 
_struct_asym.details 
A N N 1 ? 
B N N 2 ? 
C N N 3 ? 
# 
_struct_ref.id                         1 
_struct_ref.db_name                    UNP 
_struct_ref.db_code                    BABL_CUCSA 
_struct_ref.entity_id                  1 
_struct_ref.pdbx_db_accession          P00303 
_struct_ref.pdbx_align_begin           1 
_struct_ref.pdbx_seq_one_letter_code   
;AVYVVGGSGGWTFNTESWPKGKRFRAGDILLFNYNPXMHNVVVVNQGGFSTCNTPAGAKVYTSGRDQIKLPKGQSYFICN
FPGHCQSGMKIAVNAL
;
_struct_ref.pdbx_db_isoform            ? 
# 
_struct_ref_seq.align_id                      1 
_struct_ref_seq.ref_id                        1 
_struct_ref_seq.pdbx_PDB_id_code              2CBP 
_struct_ref_seq.pdbx_strand_id                A 
_struct_ref_seq.seq_align_beg                 1 
_struct_ref_seq.pdbx_seq_align_beg_ins_code   ? 
_struct_ref_seq.seq_align_end                 96 
_struct_ref_seq.pdbx_seq_align_end_ins_code   ? 
_struct_ref_seq.pdbx_db_accession             P00303 
_struct_ref_seq.db_align_beg                  1 
_struct_ref_seq.pdbx_db_align_beg_ins_code    ? 
_struct_ref_seq.db_align_end                  95 
_struct_ref_seq.pdbx_db_align_end_ins_code    ? 
_struct_ref_seq.pdbx_auth_seq_align_beg       1 
_struct_ref_seq.pdbx_auth_seq_align_end       96 
# 
_struct_ref_seq_dif.align_id                     1 
_struct_ref_seq_dif.pdbx_pdb_id_code             2CBP 
_struct_ref_seq_dif.mon_id                       SER 
_struct_ref_seq_dif.pdbx_pdb_strand_id           A 
_struct_ref_seq_dif.seq_num                      37 
_struct_ref_seq_dif.pdbx_pdb_ins_code            ? 
_struct_ref_seq_dif.pdbx_seq_db_name             UNP 
_struct_ref_seq_dif.pdbx_seq_db_accession_code   P00303 
_struct_ref_seq_dif.db_mon_id                    ? 
_struct_ref_seq_dif.pdbx_seq_db_seq_num          ? 
_struct_ref_seq_dif.details                      insertion 
_struct_ref_seq_dif.pdbx_auth_seq_num            37 
_struct_ref_seq_dif.pdbx_ordinal                 1 
# 
_pdbx_struct_assembly.id                   1 
_pdbx_struct_assembly.details              author_defined_assembly 
_pdbx_struct_assembly.method_details       ? 
_pdbx_struct_assembly.oligomeric_details   monomeric 
_pdbx_struct_assembly.oligomeric_count     1 
# 
_pdbx_struct_assembly_gen.assembly_id       1 
_pdbx_struct_assembly_gen.oper_expression   1 
_pdbx_struct_assembly_gen.asym_id_list      A,B,C 
# 
_pdbx_struct_oper_list.id                   1 
_pdbx_struct_oper_list.type                 'identity operation' 
_pdbx_struct_oper_list.name                 1_555 
_pdbx_struct_oper_list.symmetry_operation   x,y,z 
_pdbx_struct_oper_list.matrix[1][1]         1.0000000000 
_pdbx_struct_oper_list.matrix[1][2]         0.0000000000 
_pdbx_struct_oper_list.matrix[1][3]         0.0000000000 
_pdbx_struct_oper_list.vector[1]            0.0000000000 
_pdbx_struct_oper_list.matrix[2][1]         0.0000000000 
_pdbx_struct_oper_list.matrix[2][2]         1.0000000000 
_pdbx_struct_oper_list.matrix[2][3]         0.0000000000 
_pdbx_struct_oper_list.vector[2]            0.0000000000 
_pdbx_struct_oper_list.matrix[3][1]         0.0000000000 
_pdbx_struct_oper_list.matrix[3][2]         0.0000000000 
_pdbx_struct_oper_list.matrix[3][3]         1.0000000000 
_pdbx_struct_oper_list.vector[3]            0.0000000000 
# 
_struct_biol.id   1 
# 
_struct_conf.conf_type_id            HELX_P 
_struct_conf.id                      HELX_P1 
_struct_conf.pdbx_PDB_helix_id       1 
_struct_conf.beg_label_comp_id       ASN 
_struct_conf.beg_label_asym_id       A 
_struct_conf.beg_label_seq_id        45 
_struct_conf.pdbx_beg_PDB_ins_code   ? 
_struct_conf.end_label_comp_id       CYS 
_struct_conf.end_label_asym_id       A 
_struct_conf.end_label_seq_id        52 
_struct_conf.pdbx_end_PDB_ins_code   ? 
_struct_conf.beg_auth_comp_id        ASN 
_struct_conf.beg_auth_asym_id        A 
_struct_conf.beg_auth_seq_id         45 
_struct_conf.end_auth_comp_id        CYS 
_struct_conf.end_auth_asym_id        A 
_struct_conf.end_auth_seq_id         52 
_struct_conf.pdbx_PDB_helix_class    1 
_struct_conf.details                 ? 
_struct_conf.pdbx_PDB_helix_length   8 
# 
_struct_conf_type.id          HELX_P 
_struct_conf_type.criteria    ? 
_struct_conf_type.reference   ? 
# 
loop_
_struct_conn.id 
_struct_conn.conn_type_id 
_struct_conn.pdbx_leaving_atom_flag 
_struct_conn.pdbx_PDB_id 
_struct_conn.ptnr1_label_asym_id 
_struct_conn.ptnr1_label_comp_id 
_struct_conn.ptnr1_label_seq_id 
_struct_conn.ptnr1_label_atom_id 
_struct_conn.pdbx_ptnr1_label_alt_id 
_struct_conn.pdbx_ptnr1_PDB_ins_code 
_struct_conn.pdbx_ptnr1_standard_comp_id 
_struct_conn.ptnr1_symmetry 
_struct_conn.ptnr2_label_asym_id 
_struct_conn.ptnr2_label_comp_id 
_struct_conn.ptnr2_label_seq_id 
_struct_conn.ptnr2_label_atom_id 
_struct_conn.pdbx_ptnr2_label_alt_id 
_struct_conn.pdbx_ptnr2_PDB_ins_code 
_struct_conn.ptnr1_auth_asym_id 
_struct_conn.ptnr1_auth_comp_id 
_struct_conn.ptnr1_auth_seq_id 
_struct_conn.ptnr2_auth_asym_id 
_struct_conn.ptnr2_auth_comp_id 
_struct_conn.ptnr2_auth_seq_id 
_struct_conn.ptnr2_symmetry 
_struct_conn.pdbx_ptnr3_label_atom_id 
_struct_conn.pdbx_ptnr3_label_seq_id 
_struct_conn.pdbx_ptnr3_label_comp_id 
_struct_conn.pdbx_ptnr3_label_asym_id 
_struct_conn.pdbx_ptnr3_label_alt_id 
_struct_conn.pdbx_ptnr3_PDB_ins_code 
_struct_conn.details 
_struct_conn.pdbx_dist_value 
_struct_conn.pdbx_value_order 
_struct_conn.pdbx_role 
disulf1 disulf ? ? A CYS 52 SG  ? ? ? 1_555 A CYS 85 SG ? ? A CYS 52 A CYS 85 1_555 ? ? ? ? ? ? ? 2.016 ? ? 
metalc1 metalc ? ? A HIS 39 ND1 ? ? ? 1_555 B CU  .  CU ? ? A HIS 39 A CU  97 1_555 ? ? ? ? ? ? ? 1.931 ? ? 
metalc2 metalc ? ? A CYS 79 SG  ? ? ? 1_555 B CU  .  CU ? ? A CYS 79 A CU  97 1_555 ? ? ? ? ? ? ? 2.155 ? ? 
metalc3 metalc ? ? A HIS 84 ND1 ? ? ? 1_555 B CU  .  CU ? ? A HIS 84 A CU  97 1_555 ? ? ? ? ? ? ? 1.951 ? ? 
metalc4 metalc ? ? A MET 89 SD  ? ? ? 1_555 B CU  .  CU ? ? A MET 89 A CU  97 1_555 ? ? ? ? ? ? ? 2.606 ? ? 
# 
loop_
_struct_conn_type.id 
_struct_conn_type.criteria 
_struct_conn_type.reference 
disulf ? ? 
metalc ? ? 
# 
loop_
_pdbx_struct_conn_angle.id 
_pdbx_struct_conn_angle.ptnr1_label_atom_id 
_pdbx_struct_conn_angle.ptnr1_label_alt_id 
_pdbx_struct_conn_angle.ptnr1_label_asym_id 
_pdbx_struct_conn_angle.ptnr1_label_comp_id 
_pdbx_struct_conn_angle.ptnr1_label_seq_id 
_pdbx_struct_conn_angle.ptnr1_auth_atom_id 
_pdbx_struct_conn_angle.ptnr1_auth_asym_id 
_pdbx_struct_conn_angle.ptnr1_auth_comp_id 
_pdbx_struct_conn_angle.ptnr1_auth_seq_id 
_pdbx_struct_conn_angle.ptnr1_PDB_ins_code 
_pdbx_struct_conn_angle.ptnr1_symmetry 
_pdbx_struct_conn_angle.ptnr2_label_atom_id 
_pdbx_struct_conn_angle.ptnr2_label_alt_id 
_pdbx_struct_conn_angle.ptnr2_label_asym_id 
_pdbx_struct_conn_angle.ptnr2_label_comp_id 
_pdbx_struct_conn_angle.ptnr2_label_seq_id 
_pdbx_struct_conn_angle.ptnr2_auth_atom_id 
_pdbx_struct_conn_angle.ptnr2_auth_asym_id 
_pdbx_struct_conn_angle.ptnr2_auth_comp_id 
_pdbx_struct_conn_angle.ptnr2_auth_seq_id 
_pdbx_struct_conn_angle.ptnr2_PDB_ins_code 
_pdbx_struct_conn_angle.ptnr2_symmetry 
_pdbx_struct_conn_angle.ptnr3_label_atom_id 
_pdbx_struct_conn_angle.ptnr3_label_alt_id 
_pdbx_struct_conn_angle.ptnr3_label_asym_id 
_pdbx_struct_conn_angle.ptnr3_label_comp_id 
_pdbx_struct_conn_angle.ptnr3_label_seq_id 
_pdbx_struct_conn_angle.ptnr3_auth_atom_id 
_pdbx_struct_conn_angle.ptnr3_auth_asym_id 
_pdbx_struct_conn_angle.ptnr3_auth_comp_id 
_pdbx_struct_conn_angle.ptnr3_auth_seq_id 
_pdbx_struct_conn_angle.ptnr3_PDB_ins_code 
_pdbx_struct_conn_angle.ptnr3_symmetry 
_pdbx_struct_conn_angle.value 
_pdbx_struct_conn_angle.value_esd 
1 ND1 ? A HIS 39 ? A HIS 39 ? 1_555 CU ? B CU . ? A CU 97 ? 1_555 SG  ? A CYS 79 ? A CYS 79 ? 1_555 138.1 ? 
2 ND1 ? A HIS 39 ? A HIS 39 ? 1_555 CU ? B CU . ? A CU 97 ? 1_555 ND1 ? A HIS 84 ? A HIS 84 ? 1_555 99.3  ? 
3 SG  ? A CYS 79 ? A CYS 79 ? 1_555 CU ? B CU . ? A CU 97 ? 1_555 ND1 ? A HIS 84 ? A HIS 84 ? 1_555 110.4 ? 
4 ND1 ? A HIS 39 ? A HIS 39 ? 1_555 CU ? B CU . ? A CU 97 ? 1_555 SD  ? A MET 89 ? A MET 89 ? 1_555 83.0  ? 
5 SG  ? A CYS 79 ? A CYS 79 ? 1_555 CU ? B CU . ? A CU 97 ? 1_555 SD  ? A MET 89 ? A MET 89 ? 1_555 110.6 ? 
6 ND1 ? A HIS 84 ? A HIS 84 ? 1_555 CU ? B CU . ? A CU 97 ? 1_555 SD  ? A MET 89 ? A MET 89 ? 1_555 112.1 ? 
# 
_pdbx_modification_feature.ordinal                            1 
_pdbx_modification_feature.label_comp_id                      CYS 
_pdbx_modification_feature.label_asym_id                      A 
_pdbx_modification_feature.label_seq_id                       52 
_pdbx_modification_feature.label_alt_id                       ? 
_pdbx_modification_feature.modified_residue_label_comp_id     CYS 
_pdbx_modification_feature.modified_residue_label_asym_id     A 
_pdbx_modification_feature.modified_residue_label_seq_id      85 
_pdbx_modification_feature.modified_residue_label_alt_id      ? 
_pdbx_modification_feature.auth_comp_id                       CYS 
_pdbx_modification_feature.auth_asym_id                       A 
_pdbx_modification_feature.auth_seq_id                        52 
_pdbx_modification_feature.PDB_ins_code                       ? 
_pdbx_modification_feature.symmetry                           1_555 
_pdbx_modification_feature.modified_residue_auth_comp_id      CYS 
_pdbx_modification_feature.modified_residue_auth_asym_id      A 
_pdbx_modification_feature.modified_residue_auth_seq_id       85 
_pdbx_modification_feature.modified_residue_PDB_ins_code      ? 
_pdbx_modification_feature.modified_residue_symmetry          1_555 
_pdbx_modification_feature.comp_id_linking_atom               SG 
_pdbx_modification_feature.modified_residue_id_linking_atom   SG 
_pdbx_modification_feature.modified_residue_id                . 
_pdbx_modification_feature.ref_pcm_id                         . 
_pdbx_modification_feature.ref_comp_id                        . 
_pdbx_modification_feature.type                               None 
_pdbx_modification_feature.category                           'Disulfide bridge' 
# 
loop_
_struct_sheet.id 
_struct_sheet.type 
_struct_sheet.number_strands 
_struct_sheet.details 
A ? 3 ? 
B ? 4 ? 
# 
loop_
_struct_sheet_order.sheet_id 
_struct_sheet_order.range_id_1 
_struct_sheet_order.range_id_2 
_struct_sheet_order.offset 
_struct_sheet_order.sense 
A 1 2 ? parallel      
A 2 3 ? anti-parallel 
B 1 2 ? anti-parallel 
B 2 3 ? anti-parallel 
B 3 4 ? anti-parallel 
# 
loop_
_struct_sheet_range.sheet_id 
_struct_sheet_range.id 
_struct_sheet_range.beg_label_comp_id 
_struct_sheet_range.beg_label_asym_id 
_struct_sheet_range.beg_label_seq_id 
_struct_sheet_range.pdbx_beg_PDB_ins_code 
_struct_sheet_range.end_label_comp_id 
_struct_sheet_range.end_label_asym_id 
_struct_sheet_range.end_label_seq_id 
_struct_sheet_range.pdbx_end_PDB_ins_code 
_struct_sheet_range.beg_auth_comp_id 
_struct_sheet_range.beg_auth_asym_id 
_struct_sheet_range.beg_auth_seq_id 
_struct_sheet_range.end_auth_comp_id 
_struct_sheet_range.end_auth_asym_id 
_struct_sheet_range.end_auth_seq_id 
A 1 ALA A 1  ? VAL A 5  ? ALA A 1  VAL A 5  
A 2 ASP A 28 ? TYR A 34 ? ASP A 28 TYR A 34 
A 3 GLY A 64 ? LEU A 70 ? GLY A 64 LEU A 70 
B 1 LYS A 59 ? TYR A 61 ? LYS A 59 TYR A 61 
B 2 VAL A 41 ? VAL A 44 ? VAL A 41 VAL A 44 
B 3 GLY A 73 ? CYS A 79 ? GLY A 73 CYS A 79 
B 4 MET A 89 ? ALA A 95 ? MET A 89 ALA A 95 
# 
loop_
_pdbx_struct_sheet_hbond.sheet_id 
_pdbx_struct_sheet_hbond.range_id_1 
_pdbx_struct_sheet_hbond.range_id_2 
_pdbx_struct_sheet_hbond.range_1_label_atom_id 
_pdbx_struct_sheet_hbond.range_1_label_comp_id 
_pdbx_struct_sheet_hbond.range_1_label_asym_id 
_pdbx_struct_sheet_hbond.range_1_label_seq_id 
_pdbx_struct_sheet_hbond.range_1_PDB_ins_code 
_pdbx_struct_sheet_hbond.range_1_auth_atom_id 
_pdbx_struct_sheet_hbond.range_1_auth_comp_id 
_pdbx_struct_sheet_hbond.range_1_auth_asym_id 
_pdbx_struct_sheet_hbond.range_1_auth_seq_id 
_pdbx_struct_sheet_hbond.range_2_label_atom_id 
_pdbx_struct_sheet_hbond.range_2_label_comp_id 
_pdbx_struct_sheet_hbond.range_2_label_asym_id 
_pdbx_struct_sheet_hbond.range_2_label_seq_id 
_pdbx_struct_sheet_hbond.range_2_PDB_ins_code 
_pdbx_struct_sheet_hbond.range_2_auth_atom_id 
_pdbx_struct_sheet_hbond.range_2_auth_comp_id 
_pdbx_struct_sheet_hbond.range_2_auth_asym_id 
_pdbx_struct_sheet_hbond.range_2_auth_seq_id 
A 1 2 O ALA A 1  ? O ALA A 1  N ILE A 29 ? N ILE A 29 
A 2 3 O TYR A 34 ? O TYR A 34 N GLY A 64 ? N GLY A 64 
B 1 2 O LYS A 59 ? O LYS A 59 N VAL A 43 ? N VAL A 43 
B 2 3 O VAL A 42 ? O VAL A 42 N ILE A 78 ? N ILE A 78 
B 3 4 O GLY A 73 ? O GLY A 73 N ALA A 95 ? N ALA A 95 
# 
_struct_site.id                   AC1 
_struct_site.pdbx_evidence_code   Software 
_struct_site.pdbx_auth_asym_id    A 
_struct_site.pdbx_auth_comp_id    CU 
_struct_site.pdbx_auth_seq_id     97 
_struct_site.pdbx_auth_ins_code   ? 
_struct_site.pdbx_num_residues    4 
_struct_site.details              'BINDING SITE FOR RESIDUE CU A 97' 
# 
loop_
_struct_site_gen.id 
_struct_site_gen.site_id 
_struct_site_gen.pdbx_num_res 
_struct_site_gen.label_comp_id 
_struct_site_gen.label_asym_id 
_struct_site_gen.label_seq_id 
_struct_site_gen.pdbx_auth_ins_code 
_struct_site_gen.auth_comp_id 
_struct_site_gen.auth_asym_id 
_struct_site_gen.auth_seq_id 
_struct_site_gen.label_atom_id 
_struct_site_gen.label_alt_id 
_struct_site_gen.symmetry 
_struct_site_gen.details 
1 AC1 4 HIS A 39 ? HIS A 39 . ? 1_555 ? 
2 AC1 4 CYS A 79 ? CYS A 79 . ? 1_555 ? 
3 AC1 4 HIS A 84 ? HIS A 84 . ? 1_555 ? 
4 AC1 4 MET A 89 ? MET A 89 . ? 1_555 ? 
# 
_pdbx_entry_details.entry_id                   2CBP 
_pdbx_entry_details.compound_details           ? 
_pdbx_entry_details.source_details             ? 
_pdbx_entry_details.nonpolymer_details         ? 
_pdbx_entry_details.sequence_details           ? 
_pdbx_entry_details.has_ligand_of_interest     ? 
_pdbx_entry_details.has_protein_modification   Y 
# 
_pdbx_validate_symm_contact.id                1 
_pdbx_validate_symm_contact.PDB_model_num     1 
_pdbx_validate_symm_contact.auth_atom_id_1    HD21 
_pdbx_validate_symm_contact.auth_asym_id_1    A 
_pdbx_validate_symm_contact.auth_comp_id_1    ASN 
_pdbx_validate_symm_contact.auth_seq_id_1     14 
_pdbx_validate_symm_contact.PDB_ins_code_1    ? 
_pdbx_validate_symm_contact.label_alt_id_1    A 
_pdbx_validate_symm_contact.site_symmetry_1   1_555 
_pdbx_validate_symm_contact.auth_atom_id_2    HE 
_pdbx_validate_symm_contact.auth_asym_id_2    A 
_pdbx_validate_symm_contact.auth_comp_id_2    ARG 
_pdbx_validate_symm_contact.auth_seq_id_2     65 
_pdbx_validate_symm_contact.PDB_ins_code_2    ? 
_pdbx_validate_symm_contact.label_alt_id_2    ? 
_pdbx_validate_symm_contact.site_symmetry_2   3_645 
_pdbx_validate_symm_contact.dist              1.10 
# 
loop_
_pdbx_validate_rmsd_angle.id 
_pdbx_validate_rmsd_angle.PDB_model_num 
_pdbx_validate_rmsd_angle.auth_atom_id_1 
_pdbx_validate_rmsd_angle.auth_asym_id_1 
_pdbx_validate_rmsd_angle.auth_comp_id_1 
_pdbx_validate_rmsd_angle.auth_seq_id_1 
_pdbx_validate_rmsd_angle.PDB_ins_code_1 
_pdbx_validate_rmsd_angle.label_alt_id_1 
_pdbx_validate_rmsd_angle.auth_atom_id_2 
_pdbx_validate_rmsd_angle.auth_asym_id_2 
_pdbx_validate_rmsd_angle.auth_comp_id_2 
_pdbx_validate_rmsd_angle.auth_seq_id_2 
_pdbx_validate_rmsd_angle.PDB_ins_code_2 
_pdbx_validate_rmsd_angle.label_alt_id_2 
_pdbx_validate_rmsd_angle.auth_atom_id_3 
_pdbx_validate_rmsd_angle.auth_asym_id_3 
_pdbx_validate_rmsd_angle.auth_comp_id_3 
_pdbx_validate_rmsd_angle.auth_seq_id_3 
_pdbx_validate_rmsd_angle.PDB_ins_code_3 
_pdbx_validate_rmsd_angle.label_alt_id_3 
_pdbx_validate_rmsd_angle.angle_value 
_pdbx_validate_rmsd_angle.angle_target_value 
_pdbx_validate_rmsd_angle.angle_deviation 
_pdbx_validate_rmsd_angle.angle_standard_deviation 
_pdbx_validate_rmsd_angle.linker_flag 
1 1 CD A ARG 25 ? ? NE A ARG 25 ? ? CZ  A ARG 25 ? ? 134.46 123.60 10.86 1.40 N 
2 1 NE A ARG 25 ? ? CZ A ARG 25 ? ? NH1 A ARG 25 ? ? 124.01 120.30 3.71  0.50 N 
# 
loop_
_pdbx_validate_torsion.id 
_pdbx_validate_torsion.PDB_model_num 
_pdbx_validate_torsion.auth_comp_id 
_pdbx_validate_torsion.auth_asym_id 
_pdbx_validate_torsion.auth_seq_id 
_pdbx_validate_torsion.PDB_ins_code 
_pdbx_validate_torsion.label_alt_id 
_pdbx_validate_torsion.phi 
_pdbx_validate_torsion.psi 
1 1 THR A 62 ? ? -143.28 17.28 
2 1 ARG A 65 ? ? -150.67 64.98 
# 
loop_
_chem_comp_atom.comp_id 
_chem_comp_atom.atom_id 
_chem_comp_atom.type_symbol 
_chem_comp_atom.pdbx_aromatic_flag 
_chem_comp_atom.pdbx_stereo_config 
_chem_comp_atom.pdbx_ordinal 
ALA N    N  N N 1   
ALA CA   C  N S 2   
ALA C    C  N N 3   
ALA O    O  N N 4   
ALA CB   C  N N 5   
ALA OXT  O  N N 6   
ALA H    H  N N 7   
ALA H2   H  N N 8   
ALA HA   H  N N 9   
ALA HB1  H  N N 10  
ALA HB2  H  N N 11  
ALA HB3  H  N N 12  
ALA HXT  H  N N 13  
ARG N    N  N N 14  
ARG CA   C  N S 15  
ARG C    C  N N 16  
ARG O    O  N N 17  
ARG CB   C  N N 18  
ARG CG   C  N N 19  
ARG CD   C  N N 20  
ARG NE   N  N N 21  
ARG CZ   C  N N 22  
ARG NH1  N  N N 23  
ARG NH2  N  N N 24  
ARG OXT  O  N N 25  
ARG H    H  N N 26  
ARG H2   H  N N 27  
ARG HA   H  N N 28  
ARG HB2  H  N N 29  
ARG HB3  H  N N 30  
ARG HG2  H  N N 31  
ARG HG3  H  N N 32  
ARG HD2  H  N N 33  
ARG HD3  H  N N 34  
ARG HE   H  N N 35  
ARG HH11 H  N N 36  
ARG HH12 H  N N 37  
ARG HH21 H  N N 38  
ARG HH22 H  N N 39  
ARG HXT  H  N N 40  
ASN N    N  N N 41  
ASN CA   C  N S 42  
ASN C    C  N N 43  
ASN O    O  N N 44  
ASN CB   C  N N 45  
ASN CG   C  N N 46  
ASN OD1  O  N N 47  
ASN ND2  N  N N 48  
ASN OXT  O  N N 49  
ASN H    H  N N 50  
ASN H2   H  N N 51  
ASN HA   H  N N 52  
ASN HB2  H  N N 53  
ASN HB3  H  N N 54  
ASN HD21 H  N N 55  
ASN HD22 H  N N 56  
ASN HXT  H  N N 57  
ASP N    N  N N 58  
ASP CA   C  N S 59  
ASP C    C  N N 60  
ASP O    O  N N 61  
ASP CB   C  N N 62  
ASP CG   C  N N 63  
ASP OD1  O  N N 64  
ASP OD2  O  N N 65  
ASP OXT  O  N N 66  
ASP H    H  N N 67  
ASP H2   H  N N 68  
ASP HA   H  N N 69  
ASP HB2  H  N N 70  
ASP HB3  H  N N 71  
ASP HD2  H  N N 72  
ASP HXT  H  N N 73  
CU  CU   CU N N 74  
CYS N    N  N N 75  
CYS CA   C  N R 76  
CYS C    C  N N 77  
CYS O    O  N N 78  
CYS CB   C  N N 79  
CYS SG   S  N N 80  
CYS OXT  O  N N 81  
CYS H    H  N N 82  
CYS H2   H  N N 83  
CYS HA   H  N N 84  
CYS HB2  H  N N 85  
CYS HB3  H  N N 86  
CYS HG   H  N N 87  
CYS HXT  H  N N 88  
GLN N    N  N N 89  
GLN CA   C  N S 90  
GLN C    C  N N 91  
GLN O    O  N N 92  
GLN CB   C  N N 93  
GLN CG   C  N N 94  
GLN CD   C  N N 95  
GLN OE1  O  N N 96  
GLN NE2  N  N N 97  
GLN OXT  O  N N 98  
GLN H    H  N N 99  
GLN H2   H  N N 100 
GLN HA   H  N N 101 
GLN HB2  H  N N 102 
GLN HB3  H  N N 103 
GLN HG2  H  N N 104 
GLN HG3  H  N N 105 
GLN HE21 H  N N 106 
GLN HE22 H  N N 107 
GLN HXT  H  N N 108 
GLU N    N  N N 109 
GLU CA   C  N S 110 
GLU C    C  N N 111 
GLU O    O  N N 112 
GLU CB   C  N N 113 
GLU CG   C  N N 114 
GLU CD   C  N N 115 
GLU OE1  O  N N 116 
GLU OE2  O  N N 117 
GLU OXT  O  N N 118 
GLU H    H  N N 119 
GLU H2   H  N N 120 
GLU HA   H  N N 121 
GLU HB2  H  N N 122 
GLU HB3  H  N N 123 
GLU HG2  H  N N 124 
GLU HG3  H  N N 125 
GLU HE2  H  N N 126 
GLU HXT  H  N N 127 
GLY N    N  N N 128 
GLY CA   C  N N 129 
GLY C    C  N N 130 
GLY O    O  N N 131 
GLY OXT  O  N N 132 
GLY H    H  N N 133 
GLY H2   H  N N 134 
GLY HA2  H  N N 135 
GLY HA3  H  N N 136 
GLY HXT  H  N N 137 
HIS N    N  N N 138 
HIS CA   C  N S 139 
HIS C    C  N N 140 
HIS O    O  N N 141 
HIS CB   C  N N 142 
HIS CG   C  Y N 143 
HIS ND1  N  Y N 144 
HIS CD2  C  Y N 145 
HIS CE1  C  Y N 146 
HIS NE2  N  Y N 147 
HIS OXT  O  N N 148 
HIS H    H  N N 149 
HIS H2   H  N N 150 
HIS HA   H  N N 151 
HIS HB2  H  N N 152 
HIS HB3  H  N N 153 
HIS HD1  H  N N 154 
HIS HD2  H  N N 155 
HIS HE1  H  N N 156 
HIS HE2  H  N N 157 
HIS HXT  H  N N 158 
HOH O    O  N N 159 
HOH H1   H  N N 160 
HOH H2   H  N N 161 
ILE N    N  N N 162 
ILE CA   C  N S 163 
ILE C    C  N N 164 
ILE O    O  N N 165 
ILE CB   C  N S 166 
ILE CG1  C  N N 167 
ILE CG2  C  N N 168 
ILE CD1  C  N N 169 
ILE OXT  O  N N 170 
ILE H    H  N N 171 
ILE H2   H  N N 172 
ILE HA   H  N N 173 
ILE HB   H  N N 174 
ILE HG12 H  N N 175 
ILE HG13 H  N N 176 
ILE HG21 H  N N 177 
ILE HG22 H  N N 178 
ILE HG23 H  N N 179 
ILE HD11 H  N N 180 
ILE HD12 H  N N 181 
ILE HD13 H  N N 182 
ILE HXT  H  N N 183 
LEU N    N  N N 184 
LEU CA   C  N S 185 
LEU C    C  N N 186 
LEU O    O  N N 187 
LEU CB   C  N N 188 
LEU CG   C  N N 189 
LEU CD1  C  N N 190 
LEU CD2  C  N N 191 
LEU OXT  O  N N 192 
LEU H    H  N N 193 
LEU H2   H  N N 194 
LEU HA   H  N N 195 
LEU HB2  H  N N 196 
LEU HB3  H  N N 197 
LEU HG   H  N N 198 
LEU HD11 H  N N 199 
LEU HD12 H  N N 200 
LEU HD13 H  N N 201 
LEU HD21 H  N N 202 
LEU HD22 H  N N 203 
LEU HD23 H  N N 204 
LEU HXT  H  N N 205 
LYS N    N  N N 206 
LYS CA   C  N S 207 
LYS C    C  N N 208 
LYS O    O  N N 209 
LYS CB   C  N N 210 
LYS CG   C  N N 211 
LYS CD   C  N N 212 
LYS CE   C  N N 213 
LYS NZ   N  N N 214 
LYS OXT  O  N N 215 
LYS H    H  N N 216 
LYS H2   H  N N 217 
LYS HA   H  N N 218 
LYS HB2  H  N N 219 
LYS HB3  H  N N 220 
LYS HG2  H  N N 221 
LYS HG3  H  N N 222 
LYS HD2  H  N N 223 
LYS HD3  H  N N 224 
LYS HE2  H  N N 225 
LYS HE3  H  N N 226 
LYS HZ1  H  N N 227 
LYS HZ2  H  N N 228 
LYS HZ3  H  N N 229 
LYS HXT  H  N N 230 
MET N    N  N N 231 
MET CA   C  N S 232 
MET C    C  N N 233 
MET O    O  N N 234 
MET CB   C  N N 235 
MET CG   C  N N 236 
MET SD   S  N N 237 
MET CE   C  N N 238 
MET OXT  O  N N 239 
MET H    H  N N 240 
MET H2   H  N N 241 
MET HA   H  N N 242 
MET HB2  H  N N 243 
MET HB3  H  N N 244 
MET HG2  H  N N 245 
MET HG3  H  N N 246 
MET HE1  H  N N 247 
MET HE2  H  N N 248 
MET HE3  H  N N 249 
MET HXT  H  N N 250 
PHE N    N  N N 251 
PHE CA   C  N S 252 
PHE C    C  N N 253 
PHE O    O  N N 254 
PHE CB   C  N N 255 
PHE CG   C  Y N 256 
PHE CD1  C  Y N 257 
PHE CD2  C  Y N 258 
PHE CE1  C  Y N 259 
PHE CE2  C  Y N 260 
PHE CZ   C  Y N 261 
PHE OXT  O  N N 262 
PHE H    H  N N 263 
PHE H2   H  N N 264 
PHE HA   H  N N 265 
PHE HB2  H  N N 266 
PHE HB3  H  N N 267 
PHE HD1  H  N N 268 
PHE HD2  H  N N 269 
PHE HE1  H  N N 270 
PHE HE2  H  N N 271 
PHE HZ   H  N N 272 
PHE HXT  H  N N 273 
PRO N    N  N N 274 
PRO CA   C  N S 275 
PRO C    C  N N 276 
PRO O    O  N N 277 
PRO CB   C  N N 278 
PRO CG   C  N N 279 
PRO CD   C  N N 280 
PRO OXT  O  N N 281 
PRO H    H  N N 282 
PRO HA   H  N N 283 
PRO HB2  H  N N 284 
PRO HB3  H  N N 285 
PRO HG2  H  N N 286 
PRO HG3  H  N N 287 
PRO HD2  H  N N 288 
PRO HD3  H  N N 289 
PRO HXT  H  N N 290 
SER N    N  N N 291 
SER CA   C  N S 292 
SER C    C  N N 293 
SER O    O  N N 294 
SER CB   C  N N 295 
SER OG   O  N N 296 
SER OXT  O  N N 297 
SER H    H  N N 298 
SER H2   H  N N 299 
SER HA   H  N N 300 
SER HB2  H  N N 301 
SER HB3  H  N N 302 
SER HG   H  N N 303 
SER HXT  H  N N 304 
THR N    N  N N 305 
THR CA   C  N S 306 
THR C    C  N N 307 
THR O    O  N N 308 
THR CB   C  N R 309 
THR OG1  O  N N 310 
THR CG2  C  N N 311 
THR OXT  O  N N 312 
THR H    H  N N 313 
THR H2   H  N N 314 
THR HA   H  N N 315 
THR HB   H  N N 316 
THR HG1  H  N N 317 
THR HG21 H  N N 318 
THR HG22 H  N N 319 
THR HG23 H  N N 320 
THR HXT  H  N N 321 
TRP N    N  N N 322 
TRP CA   C  N S 323 
TRP C    C  N N 324 
TRP O    O  N N 325 
TRP CB   C  N N 326 
TRP CG   C  Y N 327 
TRP CD1  C  Y N 328 
TRP CD2  C  Y N 329 
TRP NE1  N  Y N 330 
TRP CE2  C  Y N 331 
TRP CE3  C  Y N 332 
TRP CZ2  C  Y N 333 
TRP CZ3  C  Y N 334 
TRP CH2  C  Y N 335 
TRP OXT  O  N N 336 
TRP H    H  N N 337 
TRP H2   H  N N 338 
TRP HA   H  N N 339 
TRP HB2  H  N N 340 
TRP HB3  H  N N 341 
TRP HD1  H  N N 342 
TRP HE1  H  N N 343 
TRP HE3  H  N N 344 
TRP HZ2  H  N N 345 
TRP HZ3  H  N N 346 
TRP HH2  H  N N 347 
TRP HXT  H  N N 348 
TYR N    N  N N 349 
TYR CA   C  N S 350 
TYR C    C  N N 351 
TYR O    O  N N 352 
TYR CB   C  N N 353 
TYR CG   C  Y N 354 
TYR CD1  C  Y N 355 
TYR CD2  C  Y N 356 
TYR CE1  C  Y N 357 
TYR CE2  C  Y N 358 
TYR CZ   C  Y N 359 
TYR OH   O  N N 360 
TYR OXT  O  N N 361 
TYR H    H  N N 362 
TYR H2   H  N N 363 
TYR HA   H  N N 364 
TYR HB2  H  N N 365 
TYR HB3  H  N N 366 
TYR HD1  H  N N 367 
TYR HD2  H  N N 368 
TYR HE1  H  N N 369 
TYR HE2  H  N N 370 
TYR HH   H  N N 371 
TYR HXT  H  N N 372 
VAL N    N  N N 373 
VAL CA   C  N S 374 
VAL C    C  N N 375 
VAL O    O  N N 376 
VAL CB   C  N N 377 
VAL CG1  C  N N 378 
VAL CG2  C  N N 379 
VAL OXT  O  N N 380 
VAL H    H  N N 381 
VAL H2   H  N N 382 
VAL HA   H  N N 383 
VAL HB   H  N N 384 
VAL HG11 H  N N 385 
VAL HG12 H  N N 386 
VAL HG13 H  N N 387 
VAL HG21 H  N N 388 
VAL HG22 H  N N 389 
VAL HG23 H  N N 390 
VAL HXT  H  N N 391 
# 
loop_
_chem_comp_bond.comp_id 
_chem_comp_bond.atom_id_1 
_chem_comp_bond.atom_id_2 
_chem_comp_bond.value_order 
_chem_comp_bond.pdbx_aromatic_flag 
_chem_comp_bond.pdbx_stereo_config 
_chem_comp_bond.pdbx_ordinal 
ALA N   CA   sing N N 1   
ALA N   H    sing N N 2   
ALA N   H2   sing N N 3   
ALA CA  C    sing N N 4   
ALA CA  CB   sing N N 5   
ALA CA  HA   sing N N 6   
ALA C   O    doub N N 7   
ALA C   OXT  sing N N 8   
ALA CB  HB1  sing N N 9   
ALA CB  HB2  sing N N 10  
ALA CB  HB3  sing N N 11  
ALA OXT HXT  sing N N 12  
ARG N   CA   sing N N 13  
ARG N   H    sing N N 14  
ARG N   H2   sing N N 15  
ARG CA  C    sing N N 16  
ARG CA  CB   sing N N 17  
ARG CA  HA   sing N N 18  
ARG C   O    doub N N 19  
ARG C   OXT  sing N N 20  
ARG CB  CG   sing N N 21  
ARG CB  HB2  sing N N 22  
ARG CB  HB3  sing N N 23  
ARG CG  CD   sing N N 24  
ARG CG  HG2  sing N N 25  
ARG CG  HG3  sing N N 26  
ARG CD  NE   sing N N 27  
ARG CD  HD2  sing N N 28  
ARG CD  HD3  sing N N 29  
ARG NE  CZ   sing N N 30  
ARG NE  HE   sing N N 31  
ARG CZ  NH1  sing N N 32  
ARG CZ  NH2  doub N N 33  
ARG NH1 HH11 sing N N 34  
ARG NH1 HH12 sing N N 35  
ARG NH2 HH21 sing N N 36  
ARG NH2 HH22 sing N N 37  
ARG OXT HXT  sing N N 38  
ASN N   CA   sing N N 39  
ASN N   H    sing N N 40  
ASN N   H2   sing N N 41  
ASN CA  C    sing N N 42  
ASN CA  CB   sing N N 43  
ASN CA  HA   sing N N 44  
ASN C   O    doub N N 45  
ASN C   OXT  sing N N 46  
ASN CB  CG   sing N N 47  
ASN CB  HB2  sing N N 48  
ASN CB  HB3  sing N N 49  
ASN CG  OD1  doub N N 50  
ASN CG  ND2  sing N N 51  
ASN ND2 HD21 sing N N 52  
ASN ND2 HD22 sing N N 53  
ASN OXT HXT  sing N N 54  
ASP N   CA   sing N N 55  
ASP N   H    sing N N 56  
ASP N   H2   sing N N 57  
ASP CA  C    sing N N 58  
ASP CA  CB   sing N N 59  
ASP CA  HA   sing N N 60  
ASP C   O    doub N N 61  
ASP C   OXT  sing N N 62  
ASP CB  CG   sing N N 63  
ASP CB  HB2  sing N N 64  
ASP CB  HB3  sing N N 65  
ASP CG  OD1  doub N N 66  
ASP CG  OD2  sing N N 67  
ASP OD2 HD2  sing N N 68  
ASP OXT HXT  sing N N 69  
CYS N   CA   sing N N 70  
CYS N   H    sing N N 71  
CYS N   H2   sing N N 72  
CYS CA  C    sing N N 73  
CYS CA  CB   sing N N 74  
CYS CA  HA   sing N N 75  
CYS C   O    doub N N 76  
CYS C   OXT  sing N N 77  
CYS CB  SG   sing N N 78  
CYS CB  HB2  sing N N 79  
CYS CB  HB3  sing N N 80  
CYS SG  HG   sing N N 81  
CYS OXT HXT  sing N N 82  
GLN N   CA   sing N N 83  
GLN N   H    sing N N 84  
GLN N   H2   sing N N 85  
GLN CA  C    sing N N 86  
GLN CA  CB   sing N N 87  
GLN CA  HA   sing N N 88  
GLN C   O    doub N N 89  
GLN C   OXT  sing N N 90  
GLN CB  CG   sing N N 91  
GLN CB  HB2  sing N N 92  
GLN CB  HB3  sing N N 93  
GLN CG  CD   sing N N 94  
GLN CG  HG2  sing N N 95  
GLN CG  HG3  sing N N 96  
GLN CD  OE1  doub N N 97  
GLN CD  NE2  sing N N 98  
GLN NE2 HE21 sing N N 99  
GLN NE2 HE22 sing N N 100 
GLN OXT HXT  sing N N 101 
GLU N   CA   sing N N 102 
GLU N   H    sing N N 103 
GLU N   H2   sing N N 104 
GLU CA  C    sing N N 105 
GLU CA  CB   sing N N 106 
GLU CA  HA   sing N N 107 
GLU C   O    doub N N 108 
GLU C   OXT  sing N N 109 
GLU CB  CG   sing N N 110 
GLU CB  HB2  sing N N 111 
GLU CB  HB3  sing N N 112 
GLU CG  CD   sing N N 113 
GLU CG  HG2  sing N N 114 
GLU CG  HG3  sing N N 115 
GLU CD  OE1  doub N N 116 
GLU CD  OE2  sing N N 117 
GLU OE2 HE2  sing N N 118 
GLU OXT HXT  sing N N 119 
GLY N   CA   sing N N 120 
GLY N   H    sing N N 121 
GLY N   H2   sing N N 122 
GLY CA  C    sing N N 123 
GLY CA  HA2  sing N N 124 
GLY CA  HA3  sing N N 125 
GLY C   O    doub N N 126 
GLY C   OXT  sing N N 127 
GLY OXT HXT  sing N N 128 
HIS N   CA   sing N N 129 
HIS N   H    sing N N 130 
HIS N   H2   sing N N 131 
HIS CA  C    sing N N 132 
HIS CA  CB   sing N N 133 
HIS CA  HA   sing N N 134 
HIS C   O    doub N N 135 
HIS C   OXT  sing N N 136 
HIS CB  CG   sing N N 137 
HIS CB  HB2  sing N N 138 
HIS CB  HB3  sing N N 139 
HIS CG  ND1  sing Y N 140 
HIS CG  CD2  doub Y N 141 
HIS ND1 CE1  doub Y N 142 
HIS ND1 HD1  sing N N 143 
HIS CD2 NE2  sing Y N 144 
HIS CD2 HD2  sing N N 145 
HIS CE1 NE2  sing Y N 146 
HIS CE1 HE1  sing N N 147 
HIS NE2 HE2  sing N N 148 
HIS OXT HXT  sing N N 149 
HOH O   H1   sing N N 150 
HOH O   H2   sing N N 151 
ILE N   CA   sing N N 152 
ILE N   H    sing N N 153 
ILE N   H2   sing N N 154 
ILE CA  C    sing N N 155 
ILE CA  CB   sing N N 156 
ILE CA  HA   sing N N 157 
ILE C   O    doub N N 158 
ILE C   OXT  sing N N 159 
ILE CB  CG1  sing N N 160 
ILE CB  CG2  sing N N 161 
ILE CB  HB   sing N N 162 
ILE CG1 CD1  sing N N 163 
ILE CG1 HG12 sing N N 164 
ILE CG1 HG13 sing N N 165 
ILE CG2 HG21 sing N N 166 
ILE CG2 HG22 sing N N 167 
ILE CG2 HG23 sing N N 168 
ILE CD1 HD11 sing N N 169 
ILE CD1 HD12 sing N N 170 
ILE CD1 HD13 sing N N 171 
ILE OXT HXT  sing N N 172 
LEU N   CA   sing N N 173 
LEU N   H    sing N N 174 
LEU N   H2   sing N N 175 
LEU CA  C    sing N N 176 
LEU CA  CB   sing N N 177 
LEU CA  HA   sing N N 178 
LEU C   O    doub N N 179 
LEU C   OXT  sing N N 180 
LEU CB  CG   sing N N 181 
LEU CB  HB2  sing N N 182 
LEU CB  HB3  sing N N 183 
LEU CG  CD1  sing N N 184 
LEU CG  CD2  sing N N 185 
LEU CG  HG   sing N N 186 
LEU CD1 HD11 sing N N 187 
LEU CD1 HD12 sing N N 188 
LEU CD1 HD13 sing N N 189 
LEU CD2 HD21 sing N N 190 
LEU CD2 HD22 sing N N 191 
LEU CD2 HD23 sing N N 192 
LEU OXT HXT  sing N N 193 
LYS N   CA   sing N N 194 
LYS N   H    sing N N 195 
LYS N   H2   sing N N 196 
LYS CA  C    sing N N 197 
LYS CA  CB   sing N N 198 
LYS CA  HA   sing N N 199 
LYS C   O    doub N N 200 
LYS C   OXT  sing N N 201 
LYS CB  CG   sing N N 202 
LYS CB  HB2  sing N N 203 
LYS CB  HB3  sing N N 204 
LYS CG  CD   sing N N 205 
LYS CG  HG2  sing N N 206 
LYS CG  HG3  sing N N 207 
LYS CD  CE   sing N N 208 
LYS CD  HD2  sing N N 209 
LYS CD  HD3  sing N N 210 
LYS CE  NZ   sing N N 211 
LYS CE  HE2  sing N N 212 
LYS CE  HE3  sing N N 213 
LYS NZ  HZ1  sing N N 214 
LYS NZ  HZ2  sing N N 215 
LYS NZ  HZ3  sing N N 216 
LYS OXT HXT  sing N N 217 
MET N   CA   sing N N 218 
MET N   H    sing N N 219 
MET N   H2   sing N N 220 
MET CA  C    sing N N 221 
MET CA  CB   sing N N 222 
MET CA  HA   sing N N 223 
MET C   O    doub N N 224 
MET C   OXT  sing N N 225 
MET CB  CG   sing N N 226 
MET CB  HB2  sing N N 227 
MET CB  HB3  sing N N 228 
MET CG  SD   sing N N 229 
MET CG  HG2  sing N N 230 
MET CG  HG3  sing N N 231 
MET SD  CE   sing N N 232 
MET CE  HE1  sing N N 233 
MET CE  HE2  sing N N 234 
MET CE  HE3  sing N N 235 
MET OXT HXT  sing N N 236 
PHE N   CA   sing N N 237 
PHE N   H    sing N N 238 
PHE N   H2   sing N N 239 
PHE CA  C    sing N N 240 
PHE CA  CB   sing N N 241 
PHE CA  HA   sing N N 242 
PHE C   O    doub N N 243 
PHE C   OXT  sing N N 244 
PHE CB  CG   sing N N 245 
PHE CB  HB2  sing N N 246 
PHE CB  HB3  sing N N 247 
PHE CG  CD1  doub Y N 248 
PHE CG  CD2  sing Y N 249 
PHE CD1 CE1  sing Y N 250 
PHE CD1 HD1  sing N N 251 
PHE CD2 CE2  doub Y N 252 
PHE CD2 HD2  sing N N 253 
PHE CE1 CZ   doub Y N 254 
PHE CE1 HE1  sing N N 255 
PHE CE2 CZ   sing Y N 256 
PHE CE2 HE2  sing N N 257 
PHE CZ  HZ   sing N N 258 
PHE OXT HXT  sing N N 259 
PRO N   CA   sing N N 260 
PRO N   CD   sing N N 261 
PRO N   H    sing N N 262 
PRO CA  C    sing N N 263 
PRO CA  CB   sing N N 264 
PRO CA  HA   sing N N 265 
PRO C   O    doub N N 266 
PRO C   OXT  sing N N 267 
PRO CB  CG   sing N N 268 
PRO CB  HB2  sing N N 269 
PRO CB  HB3  sing N N 270 
PRO CG  CD   sing N N 271 
PRO CG  HG2  sing N N 272 
PRO CG  HG3  sing N N 273 
PRO CD  HD2  sing N N 274 
PRO CD  HD3  sing N N 275 
PRO OXT HXT  sing N N 276 
SER N   CA   sing N N 277 
SER N   H    sing N N 278 
SER N   H2   sing N N 279 
SER CA  C    sing N N 280 
SER CA  CB   sing N N 281 
SER CA  HA   sing N N 282 
SER C   O    doub N N 283 
SER C   OXT  sing N N 284 
SER CB  OG   sing N N 285 
SER CB  HB2  sing N N 286 
SER CB  HB3  sing N N 287 
SER OG  HG   sing N N 288 
SER OXT HXT  sing N N 289 
THR N   CA   sing N N 290 
THR N   H    sing N N 291 
THR N   H2   sing N N 292 
THR CA  C    sing N N 293 
THR CA  CB   sing N N 294 
THR CA  HA   sing N N 295 
THR C   O    doub N N 296 
THR C   OXT  sing N N 297 
THR CB  OG1  sing N N 298 
THR CB  CG2  sing N N 299 
THR CB  HB   sing N N 300 
THR OG1 HG1  sing N N 301 
THR CG2 HG21 sing N N 302 
THR CG2 HG22 sing N N 303 
THR CG2 HG23 sing N N 304 
THR OXT HXT  sing N N 305 
TRP N   CA   sing N N 306 
TRP N   H    sing N N 307 
TRP N   H2   sing N N 308 
TRP CA  C    sing N N 309 
TRP CA  CB   sing N N 310 
TRP CA  HA   sing N N 311 
TRP C   O    doub N N 312 
TRP C   OXT  sing N N 313 
TRP CB  CG   sing N N 314 
TRP CB  HB2  sing N N 315 
TRP CB  HB3  sing N N 316 
TRP CG  CD1  doub Y N 317 
TRP CG  CD2  sing Y N 318 
TRP CD1 NE1  sing Y N 319 
TRP CD1 HD1  sing N N 320 
TRP CD2 CE2  doub Y N 321 
TRP CD2 CE3  sing Y N 322 
TRP NE1 CE2  sing Y N 323 
TRP NE1 HE1  sing N N 324 
TRP CE2 CZ2  sing Y N 325 
TRP CE3 CZ3  doub Y N 326 
TRP CE3 HE3  sing N N 327 
TRP CZ2 CH2  doub Y N 328 
TRP CZ2 HZ2  sing N N 329 
TRP CZ3 CH2  sing Y N 330 
TRP CZ3 HZ3  sing N N 331 
TRP CH2 HH2  sing N N 332 
TRP OXT HXT  sing N N 333 
TYR N   CA   sing N N 334 
TYR N   H    sing N N 335 
TYR N   H2   sing N N 336 
TYR CA  C    sing N N 337 
TYR CA  CB   sing N N 338 
TYR CA  HA   sing N N 339 
TYR C   O    doub N N 340 
TYR C   OXT  sing N N 341 
TYR CB  CG   sing N N 342 
TYR CB  HB2  sing N N 343 
TYR CB  HB3  sing N N 344 
TYR CG  CD1  doub Y N 345 
TYR CG  CD2  sing Y N 346 
TYR CD1 CE1  sing Y N 347 
TYR CD1 HD1  sing N N 348 
TYR CD2 CE2  doub Y N 349 
TYR CD2 HD2  sing N N 350 
TYR CE1 CZ   doub Y N 351 
TYR CE1 HE1  sing N N 352 
TYR CE2 CZ   sing Y N 353 
TYR CE2 HE2  sing N N 354 
TYR CZ  OH   sing N N 355 
TYR OH  HH   sing N N 356 
TYR OXT HXT  sing N N 357 
VAL N   CA   sing N N 358 
VAL N   H    sing N N 359 
VAL N   H2   sing N N 360 
VAL CA  C    sing N N 361 
VAL CA  CB   sing N N 362 
VAL CA  HA   sing N N 363 
VAL C   O    doub N N 364 
VAL C   OXT  sing N N 365 
VAL CB  CG1  sing N N 366 
VAL CB  CG2  sing N N 367 
VAL CB  HB   sing N N 368 
VAL CG1 HG11 sing N N 369 
VAL CG1 HG12 sing N N 370 
VAL CG1 HG13 sing N N 371 
VAL CG2 HG21 sing N N 372 
VAL CG2 HG22 sing N N 373 
VAL CG2 HG23 sing N N 374 
VAL OXT HXT  sing N N 375 
# 
_atom_sites.entry_id                    2CBP 
_atom_sites.fract_transf_matrix[1][1]   -0.00253826 
_atom_sites.fract_transf_matrix[1][2]   0.01319660 
_atom_sites.fract_transf_matrix[1][3]   -0.02946295 
_atom_sites.fract_transf_matrix[2][1]   -0.01680082 
_atom_sites.fract_transf_matrix[2][2]   -0.01279313 
_atom_sites.fract_transf_matrix[2][3]   -0.00428270 
_atom_sites.fract_transf_matrix[3][1]   -0.00947379 
_atom_sites.fract_transf_matrix[3][2]   0.01058175 
_atom_sites.fract_transf_matrix[3][3]   0.00555579 
_atom_sites.fract_transf_vector[1]      0.309844 
_atom_sites.fract_transf_vector[2]      0.434920 
_atom_sites.fract_transf_vector[3]      0.158904 
# 
loop_
_atom_type.symbol 
C  
CU 
H  
N  
O  
S  
# 
loop_
_atom_site.group_PDB 
_atom_site.id 
_atom_site.type_symbol 
_atom_site.label_atom_id 
_atom_site.label_alt_id 
_atom_site.label_comp_id 
_atom_site.label_asym_id 
_atom_site.label_entity_id 
_atom_site.label_seq_id 
_atom_site.pdbx_PDB_ins_code 
_atom_site.Cartn_x 
_atom_site.Cartn_y 
_atom_site.Cartn_z 
_atom_site.occupancy 
_atom_site.B_iso_or_equiv 
_atom_site.pdbx_formal_charge 
_atom_site.auth_seq_id 
_atom_site.auth_comp_id 
_atom_site.auth_asym_id 
_atom_site.auth_atom_id 
_atom_site.pdbx_PDB_model_num 
ATOM   1    N  N    . ALA A 1 1  ? -12.982 -10.693 1.355   1.00 13.38 ? 1   ALA A N    1 
ATOM   2    C  CA   . ALA A 1 1  ? -13.572 -9.365  1.218   1.00 14.93 ? 1   ALA A CA   1 
ATOM   3    C  C    . ALA A 1 1  ? -12.553 -8.436  0.506   1.00 15.19 ? 1   ALA A C    1 
ATOM   4    O  O    . ALA A 1 1  ? -11.358 -8.672  0.640   1.00 14.68 ? 1   ALA A O    1 
ATOM   5    C  CB   . ALA A 1 1  ? -13.965 -8.715  2.526   1.00 15.65 ? 1   ALA A CB   1 
ATOM   6    H  H1   . ALA A 1 1  ? -12.402 -10.855 0.591   1.00 12.77 ? 1   ALA A H1   1 
ATOM   7    H  H2   . ALA A 1 1  ? -12.447 -10.751 2.115   1.00 15.66 ? 1   ALA A H2   1 
ATOM   8    H  H3   . ALA A 1 1  ? -13.627 -11.368 1.322   1.00 15.32 ? 1   ALA A H3   1 
ATOM   9    H  HA   . ALA A 1 1  ? -14.350 -9.444  0.594   1.00 18.60 ? 1   ALA A HA   1 
ATOM   10   H  HB1  . ALA A 1 1  ? -14.176 -9.339  3.215   1.00 16.24 ? 1   ALA A HB1  1 
ATOM   11   H  HB2  . ALA A 1 1  ? -13.108 -8.200  2.883   1.00 15.84 ? 1   ALA A HB2  1 
ATOM   12   H  HB3  . ALA A 1 1  ? -14.611 -7.993  2.439   1.00 10.52 ? 1   ALA A HB3  1 
ATOM   13   N  N    . VAL A 1 2  ? -13.131 -7.464  -0.155  1.00 16.57 ? 2   VAL A N    1 
ATOM   14   C  CA   . VAL A 1 2  ? -12.349 -6.448  -0.876  1.00 15.02 ? 2   VAL A CA   1 
ATOM   15   C  C    . VAL A 1 2  ? -12.465 -5.104  -0.169  1.00 13.85 ? 2   VAL A C    1 
ATOM   16   O  O    . VAL A 1 2  ? -13.539 -4.677  0.258   1.00 15.78 ? 2   VAL A O    1 
ATOM   17   C  CB   . VAL A 1 2  ? -12.843 -6.327  -2.333  1.00 16.53 ? 2   VAL A CB   1 
ATOM   18   C  CG1  . VAL A 1 2  ? -12.063 -5.300  -3.132  1.00 17.67 ? 2   VAL A CG1  1 
ATOM   19   C  CG2  . VAL A 1 2  ? -12.899 -7.680  -2.992  1.00 16.86 ? 2   VAL A CG2  1 
ATOM   20   H  H    . VAL A 1 2  ? -14.037 -7.355  -0.191  1.00 14.57 ? 2   VAL A H    1 
ATOM   21   H  HA   . VAL A 1 2  ? -11.422 -6.693  -0.952  1.00 13.18 ? 2   VAL A HA   1 
ATOM   22   H  HB   . VAL A 1 2  ? -13.785 -5.988  -2.222  1.00 19.80 ? 2   VAL A HB   1 
ATOM   23   H  HG11 . VAL A 1 2  ? -11.110 -5.393  -2.992  1.00 18.07 ? 2   VAL A HG11 1 
ATOM   24   H  HG12 . VAL A 1 2  ? -12.206 -5.413  -4.095  1.00 17.49 ? 2   VAL A HG12 1 
ATOM   25   H  HG13 . VAL A 1 2  ? -12.309 -4.370  -2.912  1.00 15.24 ? 2   VAL A HG13 1 
ATOM   26   H  HG21 . VAL A 1 2  ? -12.019 -8.108  -2.994  1.00 17.94 ? 2   VAL A HG21 1 
ATOM   27   H  HG22 . VAL A 1 2  ? -13.532 -8.250  -2.459  1.00 15.57 ? 2   VAL A HG22 1 
ATOM   28   H  HG23 . VAL A 1 2  ? -13.239 -7.640  -3.886  1.00 18.41 ? 2   VAL A HG23 1 
ATOM   29   N  N    . TYR A 1 3  ? -11.332 -4.443  -0.067  1.00 9.99  ? 3   TYR A N    1 
ATOM   30   C  CA   . TYR A 1 3  ? -11.193 -3.127  0.531   1.00 10.09 ? 3   TYR A CA   1 
ATOM   31   C  C    . TYR A 1 3  ? -10.557 -2.192  -0.520  1.00 6.45  ? 3   TYR A C    1 
ATOM   32   O  O    . TYR A 1 3  ? -9.609  -2.618  -1.181  1.00 15.43 ? 3   TYR A O    1 
ATOM   33   C  CB   . TYR A 1 3  ? -10.296 -3.112  1.779   1.00 10.34 ? 3   TYR A CB   1 
ATOM   34   C  CG   . TYR A 1 3  ? -10.873 -3.963  2.897   1.00 15.23 ? 3   TYR A CG   1 
ATOM   35   C  CD1  . TYR A 1 3  ? -10.751 -5.348  2.878   1.00 15.14 ? 3   TYR A CD1  1 
ATOM   36   C  CD2  . TYR A 1 3  ? -11.566 -3.362  3.944   1.00 18.78 ? 3   TYR A CD2  1 
ATOM   37   C  CE1  . TYR A 1 3  ? -11.291 -6.143  3.879   1.00 18.65 ? 3   TYR A CE1  1 
ATOM   38   C  CE2  . TYR A 1 3  ? -12.119 -4.146  4.963   1.00 24.83 ? 3   TYR A CE2  1 
ATOM   39   C  CZ   . TYR A 1 3  ? -11.972 -5.529  4.919   1.00 21.91 ? 3   TYR A CZ   1 
ATOM   40   O  OH   . TYR A 1 3  ? -12.506 -6.312  5.904   1.00 25.32 ? 3   TYR A OH   1 
ATOM   41   H  H    . TYR A 1 3  ? -10.539 -4.796  -0.420  1.00 14.13 ? 3   TYR A H    1 
ATOM   42   H  HA   . TYR A 1 3  ? -12.044 -2.764  0.812   1.00 10.43 ? 3   TYR A HA   1 
ATOM   43   H  HB2  . TYR A 1 3  ? -9.406  -3.271  1.551   1.00 11.40 ? 3   TYR A HB2  1 
ATOM   44   H  HB3  . TYR A 1 3  ? -10.358 -2.105  2.094   1.00 11.87 ? 3   TYR A HB3  1 
ATOM   45   H  HD1  . TYR A 1 3  ? -10.263 -5.781  2.131   1.00 18.38 ? 3   TYR A HD1  1 
ATOM   46   H  HD2  . TYR A 1 3  ? -11.676 -2.386  3.978   1.00 17.72 ? 3   TYR A HD2  1 
ATOM   47   H  HE1  . TYR A 1 3  ? -11.197 -7.123  3.864   1.00 19.00 ? 3   TYR A HE1  1 
ATOM   48   H  HE2  . TYR A 1 3  ? -12.607 -3.709  5.703   1.00 21.60 ? 3   TYR A HE2  1 
ATOM   49   H  HH   . TYR A 1 3  ? -11.845 -6.799  6.272   1.00 26.47 ? 3   TYR A HH   1 
ATOM   50   N  N    . VAL A 1 4  ? -11.118 -1.009  -0.579  1.00 6.45  ? 4   VAL A N    1 
ATOM   51   C  CA   . VAL A 1 4  ? -10.596 0.014   -1.502  1.00 8.98  ? 4   VAL A CA   1 
ATOM   52   C  C    . VAL A 1 4  ? -9.706  0.931   -0.636  1.00 5.18  ? 4   VAL A C    1 
ATOM   53   O  O    . VAL A 1 4  ? -10.170 1.686   0.231   1.00 10.66 ? 4   VAL A O    1 
ATOM   54   C  CB   . VAL A 1 4  ? -11.711 0.744   -2.253  1.00 6.26  ? 4   VAL A CB   1 
ATOM   55   C  CG1  . VAL A 1 4  ? -11.127 1.747   -3.260  1.00 11.14 ? 4   VAL A CG1  1 
ATOM   56   C  CG2  . VAL A 1 4  ? -12.683 -0.221  -2.907  1.00 7.39  ? 4   VAL A CG2  1 
ATOM   57   H  H    . VAL A 1 4  ? -11.798 -0.754  -0.053  1.00 9.24  ? 4   VAL A H    1 
ATOM   58   H  HA   . VAL A 1 4  ? -10.040 -0.420  -2.180  1.00 2.00  ? 4   VAL A HA   1 
ATOM   59   H  HB   . VAL A 1 4  ? -12.212 1.263   -1.580  1.00 7.69  ? 4   VAL A HB   1 
ATOM   60   H  HG11 . VAL A 1 4  ? -10.463 1.225   -3.830  1.00 10.81 ? 4   VAL A HG11 1 
ATOM   61   H  HG12 . VAL A 1 4  ? -11.728 2.122   -3.884  1.00 7.68  ? 4   VAL A HG12 1 
ATOM   62   H  HG13 . VAL A 1 4  ? -10.572 2.432   -2.841  1.00 9.47  ? 4   VAL A HG13 1 
ATOM   63   H  HG21 . VAL A 1 4  ? -13.063 -0.875  -2.286  1.00 8.14  ? 4   VAL A HG21 1 
ATOM   64   H  HG22 . VAL A 1 4  ? -13.390 0.158   -3.409  1.00 7.41  ? 4   VAL A HG22 1 
ATOM   65   H  HG23 . VAL A 1 4  ? -12.151 -0.839  -3.552  1.00 4.80  ? 4   VAL A HG23 1 
ATOM   66   N  N    . VAL A 1 5  ? -8.425  0.789   -0.877  1.00 6.80  ? 5   VAL A N    1 
ATOM   67   C  CA   . VAL A 1 5  ? -7.418  1.590   -0.156  1.00 9.19  ? 5   VAL A CA   1 
ATOM   68   C  C    . VAL A 1 5  ? -7.651  3.081   -0.332  1.00 4.89  ? 5   VAL A C    1 
ATOM   69   O  O    . VAL A 1 5  ? -7.703  3.598   -1.469  1.00 10.70 ? 5   VAL A O    1 
ATOM   70   C  CB   . VAL A 1 5  ? -6.010  1.178   -0.648  1.00 9.00  ? 5   VAL A CB   1 
ATOM   71   C  CG1  . VAL A 1 5  ? -4.945  2.049   0.028   1.00 11.92 ? 5   VAL A CG1  1 
ATOM   72   C  CG2  . VAL A 1 5  ? -5.757  -0.292  -0.479  1.00 9.05  ? 5   VAL A CG2  1 
ATOM   73   H  H    . VAL A 1 5  ? -8.113  0.219   -1.522  1.00 6.19  ? 5   VAL A H    1 
ATOM   74   H  HA   . VAL A 1 5  ? -7.469  1.356   0.767   1.00 10.64 ? 5   VAL A HA   1 
ATOM   75   H  HB   . VAL A 1 5  ? -5.998  1.380   -1.621  1.00 9.59  ? 5   VAL A HB   1 
ATOM   76   H  HG11 . VAL A 1 5  ? -4.999  2.025   0.987   1.00 11.02 ? 5   VAL A HG11 1 
ATOM   77   H  HG12 . VAL A 1 5  ? -4.047  1.784   -0.228  1.00 11.21 ? 5   VAL A HG12 1 
ATOM   78   H  HG13 . VAL A 1 5  ? -5.060  3.014   -0.208  1.00 11.20 ? 5   VAL A HG13 1 
ATOM   79   H  HG21 . VAL A 1 5  ? -5.938  -0.615  0.401   1.00 11.07 ? 5   VAL A HG21 1 
ATOM   80   H  HG22 . VAL A 1 5  ? -6.342  -0.861  -1.098  1.00 9.69  ? 5   VAL A HG22 1 
ATOM   81   H  HG23 . VAL A 1 5  ? -4.842  -0.526  -0.749  1.00 8.17  ? 5   VAL A HG23 1 
ATOM   82   N  N    . GLY A 1 6  ? -7.778  3.785   0.771   1.00 7.62  ? 6   GLY A N    1 
ATOM   83   C  CA   . GLY A 1 6  ? -8.002  5.227   0.808   1.00 6.27  ? 6   GLY A CA   1 
ATOM   84   C  C    . GLY A 1 6  ? -9.437  5.627   0.522   1.00 6.22  ? 6   GLY A C    1 
ATOM   85   O  O    . GLY A 1 6  ? -9.743  6.850   0.407   1.00 7.88  ? 6   GLY A O    1 
ATOM   86   H  H    . GLY A 1 6  ? -7.727  3.373   1.594   1.00 8.91  ? 6   GLY A H    1 
ATOM   87   H  HA2  . GLY A 1 6  ? -7.796  5.499   1.754   1.00 4.37  ? 6   GLY A HA2  1 
ATOM   88   H  HA3  . GLY A 1 6  ? -7.355  5.701   0.244   1.00 3.05  ? 6   GLY A HA3  1 
ATOM   89   N  N    . GLY A 1 7  ? -10.327 4.651   0.422   1.00 5.25  ? 7   GLY A N    1 
ATOM   90   C  CA   . GLY A 1 7  ? -11.750 4.980   0.138   1.00 7.89  ? 7   GLY A CA   1 
ATOM   91   C  C    . GLY A 1 7  ? -11.904 5.722   -1.196  1.00 8.32  ? 7   GLY A C    1 
ATOM   92   O  O    . GLY A 1 7  ? -11.260 5.384   -2.211  1.00 8.87  ? 7   GLY A O    1 
ATOM   93   H  H    . GLY A 1 7  ? -10.098 3.790   0.509   1.00 3.65  ? 7   GLY A H    1 
ATOM   94   H  HA2  . GLY A 1 7  ? -12.196 4.092   0.049   1.00 7.27  ? 7   GLY A HA2  1 
ATOM   95   H  HA3  . GLY A 1 7  ? -12.160 5.467   0.867   1.00 6.04  ? 7   GLY A HA3  1 
ATOM   96   N  N    . SER A 1 8  ? -12.751 6.755   -1.170  1.00 6.41  ? 8   SER A N    1 
ATOM   97   C  CA   . SER A 1 8  ? -13.025 7.530   -2.376  1.00 10.09 ? 8   SER A CA   1 
ATOM   98   C  C    . SER A 1 8  ? -11.830 8.295   -2.904  1.00 11.10 ? 8   SER A C    1 
ATOM   99   O  O    . SER A 1 8  ? -11.805 8.590   -4.133  1.00 11.27 ? 8   SER A O    1 
ATOM   100  C  CB   . SER A 1 8  ? -14.286 8.374   -2.182  1.00 12.94 ? 8   SER A CB   1 
ATOM   101  O  OG   . SER A 1 8  ? -15.388 7.458   -2.105  1.00 16.07 ? 8   SER A OG   1 
ATOM   102  H  H    . SER A 1 8  ? -13.208 6.972   -0.429  1.00 6.95  ? 8   SER A H    1 
ATOM   103  H  HA   . SER A 1 8  ? -13.290 6.856   -3.063  1.00 11.21 ? 8   SER A HA   1 
ATOM   104  H  HB2  . SER A 1 8  ? -14.234 8.803   -1.288  1.00 12.76 ? 8   SER A HB2  1 
ATOM   105  H  HB3  . SER A 1 8  ? -14.388 9.030   -2.879  1.00 12.23 ? 8   SER A HB3  1 
ATOM   106  H  HG   . SER A 1 8  ? -16.117 7.915   -2.215  1.00 14.97 ? 8   SER A HG   1 
ATOM   107  N  N    . GLY A 1 9  ? -10.873 8.564   -2.066  1.00 11.08 ? 9   GLY A N    1 
ATOM   108  C  CA   . GLY A 1 9  ? -9.648  9.279   -2.473  1.00 15.00 ? 9   GLY A CA   1 
ATOM   109  C  C    . GLY A 1 9  ? -8.617  8.405   -3.177  1.00 15.16 ? 9   GLY A C    1 
ATOM   110  O  O    . GLY A 1 9  ? -7.690  8.931   -3.838  1.00 12.79 ? 9   GLY A O    1 
ATOM   111  H  H    . GLY A 1 9  ? -10.931 8.317   -1.188  1.00 9.46  ? 9   GLY A H    1 
ATOM   112  H  HA2  . GLY A 1 9  ? -9.932  9.993   -3.117  1.00 15.00 ? 9   GLY A HA2  1 
ATOM   113  H  HA3  . GLY A 1 9  ? -9.261  9.748   -1.700  1.00 17.13 ? 9   GLY A HA3  1 
ATOM   114  N  N    . GLY A 1 10 ? -8.768  7.090   -3.060  1.00 7.57  ? 10  GLY A N    1 
ATOM   115  C  CA   . GLY A 1 10 ? -7.896  6.110   -3.641  1.00 7.97  ? 10  GLY A CA   1 
ATOM   116  C  C    . GLY A 1 10 ? -6.514  6.140   -2.959  1.00 7.24  ? 10  GLY A C    1 
ATOM   117  O  O    . GLY A 1 10 ? -6.381  6.689   -1.876  1.00 7.92  ? 10  GLY A O    1 
ATOM   118  H  H    . GLY A 1 10 ? -9.462  6.742   -2.564  1.00 12.45 ? 10  GLY A H    1 
ATOM   119  H  HA2  . GLY A 1 10 ? -8.302  5.215   -3.444  1.00 8.74  ? 10  GLY A HA2  1 
ATOM   120  H  HA3  . GLY A 1 10 ? -7.837  6.201   -4.608  1.00 9.03  ? 10  GLY A HA3  1 
ATOM   121  N  N    . TRP A 1 11 ? -5.591  5.534   -3.646  1.00 7.92  ? 11  TRP A N    1 
ATOM   122  C  CA   . TRP A 1 11 ? -4.165  5.384   -3.240  1.00 7.44  ? 11  TRP A CA   1 
ATOM   123  C  C    . TRP A 1 11 ? -3.521  6.749   -3.479  1.00 6.99  ? 11  TRP A C    1 
ATOM   124  O  O    . TRP A 1 11 ? -3.369  7.156   -4.623  1.00 5.71  ? 11  TRP A O    1 
ATOM   125  C  CB   . TRP A 1 11 ? -3.535  4.235   -3.974  1.00 5.31  ? 11  TRP A CB   1 
ATOM   126  C  CG   . TRP A 1 11 ? -2.106  3.895   -3.829  1.00 4.04  ? 11  TRP A CG   1 
ATOM   127  C  CD1  . TRP A 1 11 ? -1.205  3.726   -4.826  1.00 5.38  ? 11  TRP A CD1  1 
ATOM   128  C  CD2  . TRP A 1 11 ? -1.394  3.633   -2.607  1.00 3.40  ? 11  TRP A CD2  1 
ATOM   129  N  NE1  . TRP A 1 11 ? 0.047   3.357   -4.336  1.00 8.20  ? 11  TRP A NE1  1 
ATOM   130  C  CE2  . TRP A 1 11 ? -0.065  3.302   -2.961  1.00 7.77  ? 11  TRP A CE2  1 
ATOM   131  C  CE3  . TRP A 1 11 ? -1.770  3.629   -1.272  1.00 6.72  ? 11  TRP A CE3  1 
ATOM   132  C  CZ2  . TRP A 1 11 ? 0.898   2.991   -2.017  1.00 6.29  ? 11  TRP A CZ2  1 
ATOM   133  C  CZ3  . TRP A 1 11 ? -0.802  3.308   -0.322  1.00 7.66  ? 11  TRP A CZ3  1 
ATOM   134  C  CH2  . TRP A 1 11 ? 0.501   3.008   -0.689  1.00 5.52  ? 11  TRP A CH2  1 
ATOM   135  H  H    . TRP A 1 11 ? -5.752  5.128   -4.457  1.00 8.01  ? 11  TRP A H    1 
ATOM   136  H  HA   . TRP A 1 11 ? -4.135  5.141   -2.300  1.00 6.89  ? 11  TRP A HA   1 
ATOM   137  H  HB2  . TRP A 1 11 ? -4.033  3.400   -3.521  1.00 4.27  ? 11  TRP A HB2  1 
ATOM   138  H  HB3  . TRP A 1 11 ? -3.820  4.164   -4.892  1.00 3.35  ? 11  TRP A HB3  1 
ATOM   139  H  HD1  . TRP A 1 11 ? -1.311  3.807   -5.803  1.00 8.97  ? 11  TRP A HD1  1 
ATOM   140  H  HE1  . TRP A 1 11 ? 0.779   3.208   -4.805  1.00 3.67  ? 11  TRP A HE1  1 
ATOM   141  H  HE3  . TRP A 1 11 ? -2.687  3.840   -0.988  1.00 5.66  ? 11  TRP A HE3  1 
ATOM   142  H  HZ2  . TRP A 1 11 ? 1.835   2.773   -2.297  1.00 5.94  ? 11  TRP A HZ2  1 
ATOM   143  H  HZ3  . TRP A 1 11 ? -1.045  3.314   0.621   1.00 7.80  ? 11  TRP A HZ3  1 
ATOM   144  H  HH2  . TRP A 1 11 ? 1.174   2.790   -0.002  1.00 7.56  ? 11  TRP A HH2  1 
ATOM   145  N  N    . THR A 1 12 ? -3.213  7.390   -2.366  1.00 6.62  ? 12  THR A N    1 
ATOM   146  C  CA   . THR A 1 12 ? -2.630  8.748   -2.428  1.00 10.40 ? 12  THR A CA   1 
ATOM   147  C  C    . THR A 1 12 ? -1.760  9.054   -1.236  1.00 14.24 ? 12  THR A C    1 
ATOM   148  O  O    . THR A 1 12 ? -1.461  8.157   -0.417  1.00 10.42 ? 12  THR A O    1 
ATOM   149  C  CB   . THR A 1 12 ? -3.842  9.685   -2.591  1.00 18.00 ? 12  THR A CB   1 
ATOM   150  O  OG1  . THR A 1 12 ? -3.295  10.941  -2.915  1.00 14.91 ? 12  THR A OG1  1 
ATOM   151  C  CG2  . THR A 1 12 ? -4.719  9.740   -1.344  1.00 14.28 ? 12  THR A CG2  1 
ATOM   152  H  H    . THR A 1 12 ? -3.364  7.060   -1.545  1.00 7.18  ? 12  THR A H    1 
ATOM   153  H  HA   . THR A 1 12 ? -2.130  8.811   -3.260  1.00 15.01 ? 12  THR A HA   1 
ATOM   154  H  HB   . THR A 1 12 ? -4.380  9.296   -3.372  1.00 16.07 ? 12  THR A HB   1 
ATOM   155  H  HG1  . THR A 1 12 ? -2.931  10.946  -3.744  1.00 13.51 ? 12  THR A HG1  1 
ATOM   156  H  HG21 . THR A 1 12 ? -5.076  8.859   -1.119  1.00 11.36 ? 12  THR A HG21 1 
ATOM   157  H  HG22 . THR A 1 12 ? -4.218  10.143  -0.586  1.00 11.94 ? 12  THR A HG22 1 
ATOM   158  H  HG23 . THR A 1 12 ? -5.494  10.331  -1.551  1.00 13.88 ? 12  THR A HG23 1 
ATOM   159  N  N    A PHE A 1 13 ? -1.342  10.302  -1.127  0.50 11.11 ? 13  PHE A N    1 
ATOM   160  N  N    B PHE A 1 13 ? -1.362  10.311  -1.159  0.50 12.18 ? 13  PHE A N    1 
ATOM   161  C  CA   A PHE A 1 13 ? -0.484  10.817  -0.062  0.50 13.05 ? 13  PHE A CA   1 
ATOM   162  C  CA   B PHE A 1 13 ? -0.516  10.827  -0.067  0.50 14.96 ? 13  PHE A CA   1 
ATOM   163  C  C    A PHE A 1 13 ? -1.141  10.803  1.316   0.50 11.76 ? 13  PHE A C    1 
ATOM   164  C  C    B PHE A 1 13 ? -1.307  10.745  1.239   0.50 15.53 ? 13  PHE A C    1 
ATOM   165  O  O    A PHE A 1 13 ? -2.372  10.805  1.434   0.50 10.66 ? 13  PHE A O    1 
ATOM   166  O  O    B PHE A 1 13 ? -2.547  10.795  1.212   0.50 15.84 ? 13  PHE A O    1 
ATOM   167  C  CB   A PHE A 1 13 ? -0.019  12.248  -0.399  0.50 12.06 ? 13  PHE A CB   1 
ATOM   168  C  CB   B PHE A 1 13 ? -0.035  12.244  -0.366  0.50 13.26 ? 13  PHE A CB   1 
ATOM   169  C  CG   A PHE A 1 13 ? 0.712   12.392  -1.701  0.50 11.10 ? 13  PHE A CG   1 
ATOM   170  C  CG   B PHE A 1 13 ? 0.703   12.392  -1.671  0.50 12.15 ? 13  PHE A CG   1 
ATOM   171  C  CD1  A PHE A 1 13 ? 2.064   12.087  -1.788  0.50 12.39 ? 13  PHE A CD1  1 
ATOM   172  C  CD1  B PHE A 1 13 ? 2.053   12.082  -1.751  0.50 12.99 ? 13  PHE A CD1  1 
ATOM   173  C  CD2  A PHE A 1 13 ? 0.039   12.852  -2.839  0.50 12.22 ? 13  PHE A CD2  1 
ATOM   174  C  CD2  B PHE A 1 13 ? 0.031   12.850  -2.808  0.50 12.99 ? 13  PHE A CD2  1 
ATOM   175  C  CE1  A PHE A 1 13 ? 2.752   12.227  -2.993  0.50 11.75 ? 13  PHE A CE1  1 
ATOM   176  C  CE1  B PHE A 1 13 ? 2.744   12.221  -2.954  0.50 12.64 ? 13  PHE A CE1  1 
ATOM   177  C  CE2  A PHE A 1 13 ? 0.710   12.999  -4.055  0.50 11.57 ? 13  PHE A CE2  1 
ATOM   178  C  CE2  B PHE A 1 13 ? 0.706   12.997  -4.023  0.50 12.21 ? 13  PHE A CE2  1 
ATOM   179  C  CZ   A PHE A 1 13 ? 2.077   12.678  -4.119  0.50 10.63 ? 13  PHE A CZ   1 
ATOM   180  C  CZ   B PHE A 1 13 ? 2.073   12.674  -4.083  0.50 11.19 ? 13  PHE A CZ   1 
ATOM   181  H  H    A PHE A 1 13 ? -1.580  10.928  -1.758  0.50 12.22 ? 13  PHE A H    1 
ATOM   182  H  H    B PHE A 1 13 ? -1.599  10.932  -1.771  0.50 12.82 ? 13  PHE A H    1 
ATOM   183  H  HA   A PHE A 1 13 ? 0.348   10.341  -0.028  0.50 13.86 ? 13  PHE A HA   1 
ATOM   184  H  HA   B PHE A 1 13 ? 0.291   10.328  0.007   0.50 15.46 ? 13  PHE A HA   1 
ATOM   185  H  HB2  A PHE A 1 13 ? -0.844  12.790  -0.411  0.50 9.87  ? 13  PHE A HB2  1 
ATOM   186  H  HB2  B PHE A 1 13 ? -0.846  12.810  -0.380  0.50 11.19 ? 13  PHE A HB2  1 
ATOM   187  H  HB3  A PHE A 1 13 ? 0.507   12.555  0.369   0.50 12.23 ? 13  PHE A HB3  1 
ATOM   188  H  HB3  B PHE A 1 13 ? 0.499   12.542  0.400   0.50 13.30 ? 13  PHE A HB3  1 
ATOM   189  H  HD1  A PHE A 1 13 ? 2.508   11.783  -1.019  0.50 11.96 ? 13  PHE A HD1  1 
ATOM   190  H  HD1  B PHE A 1 13 ? 2.493   11.778  -0.982  0.50 12.67 ? 13  PHE A HD1  1 
ATOM   191  H  HD2  A PHE A 1 13 ? -0.906  13.067  -2.768  0.50 11.61 ? 13  PHE A HD2  1 
ATOM   192  H  HD2  B PHE A 1 13 ? -0.913  13.067  -2.739  0.50 12.31 ? 13  PHE A HD2  1 
ATOM   193  H  HE1  A PHE A 1 13 ? 3.681   12.011  -3.044  0.50 12.35 ? 13  PHE A HE1  1 
ATOM   194  H  HE1  B PHE A 1 13 ? 3.674   12.004  -3.004  0.50 13.02 ? 13  PHE A HE1  1 
ATOM   195  H  HE2  A PHE A 1 13 ? 0.286   13.296  -4.820  0.50 11.62 ? 13  PHE A HE2  1 
ATOM   196  H  HE2  B PHE A 1 13 ? 0.284   13.295  -4.788  0.50 12.26 ? 13  PHE A HE2  1 
ATOM   197  H  HZ   A PHE A 1 13 ? 2.552   12.773  -4.951  0.50 12.38 ? 13  PHE A HZ   1 
ATOM   198  H  HZ   B PHE A 1 13 ? 2.550   12.769  -4.913  0.50 12.92 ? 13  PHE A HZ   1 
ATOM   199  N  N    A ASN A 1 14 ? -0.279  10.812  2.320   0.50 15.80 ? 14  ASN A N    1 
ATOM   200  N  N    B ASN A 1 14 ? -0.576  10.618  2.319   0.50 19.55 ? 14  ASN A N    1 
ATOM   201  C  CA   A ASN A 1 14 ? -0.727  10.819  3.732   0.50 24.38 ? 14  ASN A CA   1 
ATOM   202  C  CA   B ASN A 1 14 ? -1.161  10.531  3.665   0.50 28.27 ? 14  ASN A CA   1 
ATOM   203  C  C    A ASN A 1 14 ? -1.927  9.873   3.888   0.50 24.39 ? 14  ASN A C    1 
ATOM   204  C  C    B ASN A 1 14 ? -2.276  9.490   3.778   0.50 28.02 ? 14  ASN A C    1 
ATOM   205  O  O    A ASN A 1 14 ? -3.055  10.334  4.167   0.50 24.00 ? 14  ASN A O    1 
ATOM   206  O  O    B ASN A 1 14 ? -3.326  9.771   4.397   0.50 25.93 ? 14  ASN A O    1 
ATOM   207  C  CB   A ASN A 1 14 ? -1.058  12.240  4.189   0.50 30.86 ? 14  ASN A CB   1 
ATOM   208  C  CB   B ASN A 1 14 ? -1.625  11.933  4.114   0.50 34.90 ? 14  ASN A CB   1 
ATOM   209  C  CG   A ASN A 1 14 ? 0.089   13.180  4.440   0.50 35.15 ? 14  ASN A CG   1 
ATOM   210  C  CG   B ASN A 1 14 ? -0.477  12.884  4.393   0.50 38.42 ? 14  ASN A CG   1 
ATOM   211  O  OD1  A ASN A 1 14 ? 0.347   14.136  3.675   0.50 35.93 ? 14  ASN A OD1  1 
ATOM   212  O  OD1  B ASN A 1 14 ? -0.211  13.825  3.621   0.50 41.30 ? 14  ASN A OD1  1 
ATOM   213  N  ND2  A ASN A 1 14 ? 0.807   12.943  5.543   0.50 37.41 ? 14  ASN A ND2  1 
ATOM   214  N  ND2  B ASN A 1 14 ? 0.210   12.641  5.510   0.50 39.54 ? 14  ASN A ND2  1 
ATOM   215  H  H    A ASN A 1 14 ? 0.615   10.821  2.192   0.50 13.87 ? 14  ASN A H    1 
ATOM   216  H  H    B ASN A 1 14 ? 0.339   10.594  2.283   0.50 17.46 ? 14  ASN A H    1 
ATOM   217  H  HA   A ASN A 1 14 ? -0.008  10.549  4.302   0.50 23.50 ? 14  ASN A HA   1 
ATOM   218  H  HA   B ASN A 1 14 ? -0.454  10.337  4.303   0.50 27.72 ? 14  ASN A HA   1 
ATOM   219  H  HB2  A ASN A 1 14 ? -1.675  12.666  3.531   0.50 31.27 ? 14  ASN A HB2  1 
ATOM   220  H  HB2  B ASN A 1 14 ? -2.200  12.322  3.422   0.50 34.86 ? 14  ASN A HB2  1 
ATOM   221  H  HB3  A ASN A 1 14 ? -1.614  12.198  5.037   0.50 30.39 ? 14  ASN A HB3  1 
ATOM   222  H  HB3  B ASN A 1 14 ? -2.180  11.853  4.934   0.50 34.23 ? 14  ASN A HB3  1 
ATOM   223  H  HD21 A ASN A 1 14 ? 1.529   13.497  5.756   0.50 36.04 ? 14  ASN A HD21 1 
ATOM   224  H  HD21 B ASN A 1 14 ? 0.930   13.190  5.736   0.50 39.43 ? 14  ASN A HD21 1 
ATOM   225  H  HD22 A ASN A 1 14 ? 0.606   12.247  6.094   0.50 35.44 ? 14  ASN A HD22 1 
ATOM   226  H  HD22 B ASN A 1 14 ? -0.004  11.946  6.057   0.50 38.86 ? 14  ASN A HD22 1 
ATOM   227  N  N    A THR A 1 15 ? -1.661  8.586   3.721   0.50 20.24 ? 15  THR A N    1 
ATOM   228  N  N    B THR A 1 15 ? -2.051  8.322   3.215   0.50 26.28 ? 15  THR A N    1 
ATOM   229  C  CA   A THR A 1 15 ? -2.691  7.557   3.809   0.50 17.52 ? 15  THR A CA   1 
ATOM   230  C  CA   B THR A 1 15 ? -2.997  7.196   3.252   0.50 24.01 ? 15  THR A CA   1 
ATOM   231  C  C    A THR A 1 15 ? -2.404  6.424   4.782   0.50 14.26 ? 15  THR A C    1 
ATOM   232  C  C    B THR A 1 15 ? -2.553  6.291   4.427   0.50 21.77 ? 15  THR A C    1 
ATOM   233  O  O    A THR A 1 15 ? -3.222  5.493   4.915   0.50 10.34 ? 15  THR A O    1 
ATOM   234  O  O    B THR A 1 15 ? -3.065  5.201   4.662   0.50 16.05 ? 15  THR A O    1 
ATOM   235  C  CB   A THR A 1 15 ? -2.828  6.955   2.371   0.50 14.52 ? 15  THR A CB   1 
ATOM   236  C  CB   B THR A 1 15 ? -3.002  6.425   1.932   0.50 23.28 ? 15  THR A CB   1 
ATOM   237  O  OG1  A THR A 1 15 ? -3.943  6.116   2.511   0.50 16.94 ? 15  THR A OG1  1 
ATOM   238  O  OG1  B THR A 1 15 ? -3.539  7.275   0.938   0.50 22.79 ? 15  THR A OG1  1 
ATOM   239  C  CG2  A THR A 1 15 ? -1.567  6.237   1.949   0.50 8.74  ? 15  THR A CG2  1 
ATOM   240  C  CG2  B THR A 1 15 ? -3.838  5.148   1.985   0.50 26.93 ? 15  THR A CG2  1 
ATOM   241  H  H    A THR A 1 15 ? -0.813  8.312   3.506   0.50 21.64 ? 15  THR A H    1 
ATOM   242  H  H    B THR A 1 15 ? -1.252  8.161   2.782   0.50 26.65 ? 15  THR A H    1 
ATOM   243  H  HA   A THR A 1 15 ? -3.557  7.956   3.993   0.50 18.22 ? 15  THR A HA   1 
ATOM   244  H  HA   B THR A 1 15 ? -3.893  7.505   3.420   0.50 24.08 ? 15  THR A HA   1 
ATOM   245  H  HB   A THR A 1 15 ? -3.029  7.719   1.758   0.50 16.82 ? 15  THR A HB   1 
ATOM   246  H  HB   B THR A 1 15 ? -2.046  6.195   1.697   0.50 23.02 ? 15  THR A HB   1 
ATOM   247  H  HG1  A THR A 1 15 ? -4.144  5.695   1.744   0.50 19.73 ? 15  THR A HG1  1 
ATOM   248  H  HG1  B THR A 1 15 ? -3.428  8.120   1.046   0.50 24.65 ? 15  THR A HG1  1 
ATOM   249  H  HG21 A THR A 1 15 ? -1.173  5.664   2.658   0.50 10.78 ? 15  THR A HG21 1 
ATOM   250  H  HG21 B THR A 1 15 ? -4.610  5.247   2.637   0.50 25.66 ? 15  THR A HG21 1 
ATOM   251  H  HG22 A THR A 1 15 ? -1.734  5.690   1.144   0.50 12.29 ? 15  THR A HG22 1 
ATOM   252  H  HG22 B THR A 1 15 ? -4.269  5.024   1.082   0.50 25.55 ? 15  THR A HG22 1 
ATOM   253  H  HG23 A THR A 1 15 ? -0.853  6.895   1.695   0.50 11.58 ? 15  THR A HG23 1 
ATOM   254  H  HG23 B THR A 1 15 ? -3.319  4.367   2.204   0.50 26.01 ? 15  THR A HG23 1 
ATOM   255  N  N    A GLU A 1 16 ? -1.269  6.490   5.398   0.50 13.29 ? 16  GLU A N    1 
ATOM   256  N  N    B GLU A 1 16 ? -1.567  6.813   5.124   0.50 20.46 ? 16  GLU A N    1 
ATOM   257  C  CA   A GLU A 1 16 ? -0.733  5.514   6.347   0.50 14.88 ? 16  GLU A CA   1 
ATOM   258  C  CA   B GLU A 1 16 ? -0.898  6.198   6.245   0.50 22.96 ? 16  GLU A CA   1 
ATOM   259  C  C    A GLU A 1 16 ? -1.750  5.111   7.395   0.50 14.47 ? 16  GLU A C    1 
ATOM   260  C  C    B GLU A 1 16 ? -1.807  5.622   7.312   0.50 22.88 ? 16  GLU A C    1 
ATOM   261  O  O    A GLU A 1 16 ? -1.719  4.006   7.965   0.50 17.33 ? 16  GLU A O    1 
ATOM   262  O  O    B GLU A 1 16 ? -1.496  4.518   7.816   0.50 22.92 ? 16  GLU A O    1 
ATOM   263  C  CB   A GLU A 1 16 ? 0.481   6.122   7.028   0.50 14.32 ? 16  GLU A CB   1 
ATOM   264  C  CB   B GLU A 1 16 ? 0.052   7.185   6.952   0.50 25.50 ? 16  GLU A CB   1 
ATOM   265  C  CG   A GLU A 1 16 ? 1.642   5.286   7.510   0.50 17.83 ? 16  GLU A CG   1 
ATOM   266  C  CG   B GLU A 1 16 ? 0.461   8.464   6.241   0.50 26.89 ? 16  GLU A CG   1 
ATOM   267  C  CD   A GLU A 1 16 ? 2.822   6.113   7.987   0.50 17.32 ? 16  GLU A CD   1 
ATOM   268  C  CD   B GLU A 1 16 ? 1.515   9.300   6.904   0.50 28.29 ? 16  GLU A CD   1 
ATOM   269  O  OE1  A GLU A 1 16 ? 3.048   7.232   7.556   0.50 14.59 ? 16  GLU A OE1  1 
ATOM   270  O  OE1  B GLU A 1 16 ? 2.177   8.959   7.862   0.50 27.56 ? 16  GLU A OE1  1 
ATOM   271  O  OE2  A GLU A 1 16 ? 3.530   5.487   8.887   0.50 21.34 ? 16  GLU A OE2  1 
ATOM   272  O  OE2  B GLU A 1 16 ? 1.665   10.469  6.326   0.50 32.82 ? 16  GLU A OE2  1 
ATOM   273  H  H    A GLU A 1 16 ? -0.683  7.204   5.251   0.50 14.83 ? 16  GLU A H    1 
ATOM   274  H  H    B GLU A 1 16 ? -1.184  7.630   4.911   0.50 20.46 ? 16  GLU A H    1 
ATOM   275  H  HA   A GLU A 1 16 ? -0.447  4.713   5.841   0.50 12.73 ? 16  GLU A HA   1 
ATOM   276  H  HA   B GLU A 1 16 ? -0.321  5.446   5.900   0.50 22.38 ? 16  GLU A HA   1 
ATOM   277  H  HB2  A GLU A 1 16 ? 0.893   6.792   6.372   0.50 15.25 ? 16  GLU A HB2  1 
ATOM   278  H  HB2  B GLU A 1 16 ? -0.238  7.365   7.845   0.50 26.12 ? 16  GLU A HB2  1 
ATOM   279  H  HB3  A GLU A 1 16 ? 0.147   6.686   7.763   0.50 15.10 ? 16  GLU A HB3  1 
ATOM   280  H  HB3  B GLU A 1 16 ? 0.913   6.626   7.045   0.50 25.35 ? 16  GLU A HB3  1 
ATOM   281  H  HG2  A GLU A 1 16 ? 1.440   4.649   8.206   0.50 17.69 ? 16  GLU A HG2  1 
ATOM   282  H  HG2  B GLU A 1 16 ? 0.738   8.347   5.325   0.50 27.81 ? 16  GLU A HG2  1 
ATOM   283  H  HG3  A GLU A 1 16 ? 1.991   4.760   6.737   0.50 17.20 ? 16  GLU A HG3  1 
ATOM   284  H  HG3  B GLU A 1 16 ? -0.342  9.064   6.206   0.50 27.33 ? 16  GLU A HG3  1 
ATOM   285  N  N    A SER A 1 17 ? -2.662  6.014   7.651   0.50 17.81 ? 17  SER A N    1 
ATOM   286  N  N    B SER A 1 17 ? -2.873  6.334   7.655   0.50 21.30 ? 17  SER A N    1 
ATOM   287  C  CA   A SER A 1 17 ? -3.740  5.919   8.621   0.50 18.86 ? 17  SER A CA   1 
ATOM   288  C  CA   B SER A 1 17 ? -3.783  5.863   8.716   0.50 21.22 ? 17  SER A CA   1 
ATOM   289  C  C    A SER A 1 17 ? -4.933  5.065   8.255   0.50 17.20 ? 17  SER A C    1 
ATOM   290  C  C    B SER A 1 17 ? -5.010  5.104   8.258   0.50 18.26 ? 17  SER A C    1 
ATOM   291  O  O    A SER A 1 17 ? -5.669  4.574   9.151   0.50 13.05 ? 17  SER A O    1 
ATOM   292  O  O    B SER A 1 17 ? -5.840  4.715   9.125   0.50 12.73 ? 17  SER A O    1 
ATOM   293  C  CB   A SER A 1 17 ? -4.182  7.400   8.845   0.50 23.40 ? 17  SER A CB   1 
ATOM   294  C  CB   B SER A 1 17 ? -4.145  7.039   9.635   0.50 24.68 ? 17  SER A CB   1 
ATOM   295  O  OG   A SER A 1 17 ? -3.858  8.134   7.650   0.50 26.09 ? 17  SER A OG   1 
ATOM   296  O  OG   B SER A 1 17 ? -4.752  8.080   8.889   0.50 28.03 ? 17  SER A OG   1 
ATOM   297  H  H    A SER A 1 17 ? -2.658  6.853   7.216   0.50 15.98 ? 17  SER A H    1 
ATOM   298  H  H    B SER A 1 17 ? -3.032  7.131   7.265   0.50 21.68 ? 17  SER A H    1 
ATOM   299  H  HA   A SER A 1 17 ? -3.396  5.670   9.502   0.50 19.69 ? 17  SER A HA   1 
ATOM   300  H  HA   B SER A 1 17 ? -3.256  5.272   9.323   0.50 22.36 ? 17  SER A HA   1 
ATOM   301  H  HB2  A SER A 1 17 ? -5.122  7.414   8.989   0.50 23.79 ? 17  SER A HB2  1 
ATOM   302  H  HB2  B SER A 1 17 ? -4.778  6.711   10.314  0.50 25.44 ? 17  SER A HB2  1 
ATOM   303  H  HB3  A SER A 1 17 ? -3.660  7.742   9.615   0.50 23.19 ? 17  SER A HB3  1 
ATOM   304  H  HB3  B SER A 1 17 ? -3.326  7.351   10.113  0.50 23.91 ? 17  SER A HB3  1 
ATOM   305  H  HG   A SER A 1 17 ? -3.363  8.808   7.870   0.50 25.52 ? 17  SER A HG   1 
ATOM   306  H  HG   B SER A 1 17 ? -4.088  8.581   8.568   0.50 29.72 ? 17  SER A HG   1 
ATOM   307  N  N    . TRP A 1 18 ? -5.139  4.875   6.969   1.00 14.34 ? 18  TRP A N    1 
ATOM   308  C  CA   . TRP A 1 18 ? -6.258  4.132   6.396   1.00 12.90 ? 18  TRP A CA   1 
ATOM   309  C  C    . TRP A 1 18 ? -6.536  2.785   7.042   1.00 11.91 ? 18  TRP A C    1 
ATOM   310  O  O    . TRP A 1 18 ? -7.708  2.481   7.355   1.00 12.40 ? 18  TRP A O    1 
ATOM   311  C  CB   . TRP A 1 18 ? -6.168  4.068   4.844   1.00 8.12  ? 18  TRP A CB   1 
ATOM   312  C  CG   . TRP A 1 18 ? -7.299  3.264   4.312   1.00 8.16  ? 18  TRP A CG   1 
ATOM   313  C  CD1  . TRP A 1 18 ? -8.590  3.630   4.082   1.00 7.61  ? 18  TRP A CD1  1 
ATOM   314  C  CD2  . TRP A 1 18 ? -7.213  1.858   3.991   1.00 7.86  ? 18  TRP A CD2  1 
ATOM   315  N  NE1  . TRP A 1 18 ? -9.309  2.551   3.611   1.00 6.92  ? 18  TRP A NE1  1 
ATOM   316  C  CE2  . TRP A 1 18 ? -8.509  1.468   3.554   1.00 6.86  ? 18  TRP A CE2  1 
ATOM   317  C  CE3  . TRP A 1 18 ? -6.192  0.935   4.027   1.00 6.11  ? 18  TRP A CE3  1 
ATOM   318  C  CZ2  . TRP A 1 18 ? -8.785  0.165   3.144   1.00 10.38 ? 18  TRP A CZ2  1 
ATOM   319  C  CZ3  . TRP A 1 18 ? -6.473  -0.361  3.605   1.00 10.28 ? 18  TRP A CZ3  1 
ATOM   320  C  CH2  . TRP A 1 18 ? -7.729  -0.733  3.183   1.00 7.72  ? 18  TRP A CH2  1 
ATOM   321  H  H    . TRP A 1 18 ? -4.504  5.164   6.365   1.00 15.89 ? 18  TRP A H    1 
ATOM   322  H  HA   . TRP A 1 18 ? -7.055  4.712   6.519   1.00 12.34 ? 18  TRP A HA   1 
ATOM   323  H  HB2  . TRP A 1 18 ? -6.128  4.938   4.485   1.00 9.42  ? 18  TRP A HB2  1 
ATOM   324  H  HB3  . TRP A 1 18 ? -5.328  3.571   4.638   1.00 9.02  ? 18  TRP A HB3  1 
ATOM   325  H  HD1  . TRP A 1 18 ? -9.021  4.499   4.194   1.00 7.49  ? 18  TRP A HD1  1 
ATOM   326  H  HE1  . TRP A 1 18 ? -10.185 2.567   3.388   1.00 8.99  ? 18  TRP A HE1  1 
ATOM   327  H  HE3  . TRP A 1 18 ? -5.295  1.182   4.322   1.00 8.65  ? 18  TRP A HE3  1 
ATOM   328  H  HZ2  . TRP A 1 18 ? -9.698  -0.100  2.830   1.00 6.99  ? 18  TRP A HZ2  1 
ATOM   329  H  HZ3  . TRP A 1 18 ? -5.758  -1.035  3.627   1.00 8.36  ? 18  TRP A HZ3  1 
ATOM   330  H  HH2  . TRP A 1 18 ? -7.909  -1.666  2.895   1.00 8.06  ? 18  TRP A HH2  1 
ATOM   331  N  N    . PRO A 1 19 ? -5.531  1.975   7.273   1.00 13.92 ? 19  PRO A N    1 
ATOM   332  C  CA   . PRO A 1 19 ? -5.649  0.659   7.880   1.00 16.99 ? 19  PRO A CA   1 
ATOM   333  C  C    . PRO A 1 19 ? -6.222  0.661   9.292   1.00 19.32 ? 19  PRO A C    1 
ATOM   334  O  O    . PRO A 1 19 ? -6.730  -0.365  9.756   1.00 17.56 ? 19  PRO A O    1 
ATOM   335  C  CB   . PRO A 1 19 ? -4.196  0.138   7.918   1.00 17.19 ? 19  PRO A CB   1 
ATOM   336  C  CG   . PRO A 1 19 ? -3.508  0.848   6.748   1.00 13.82 ? 19  PRO A CG   1 
ATOM   337  C  CD   . PRO A 1 19 ? -4.101  2.259   6.912   1.00 10.49 ? 19  PRO A CD   1 
ATOM   338  H  HA   . PRO A 1 19 ? -6.166  0.067   7.293   1.00 14.20 ? 19  PRO A HA   1 
ATOM   339  H  HB2  . PRO A 1 19 ? -3.819  0.418   8.777   1.00 15.71 ? 19  PRO A HB2  1 
ATOM   340  H  HB3  . PRO A 1 19 ? -4.115  -0.722  7.913   1.00 19.02 ? 19  PRO A HB3  1 
ATOM   341  H  HG2  . PRO A 1 19 ? -2.561  0.860   6.792   1.00 13.68 ? 19  PRO A HG2  1 
ATOM   342  H  HG3  . PRO A 1 19 ? -3.768  0.517   6.020   1.00 12.62 ? 19  PRO A HG3  1 
ATOM   343  H  HD2  . PRO A 1 19 ? -3.720  2.774   7.635   1.00 14.96 ? 19  PRO A HD2  1 
ATOM   344  H  HD3  . PRO A 1 19 ? -3.992  2.722   6.075   1.00 11.65 ? 19  PRO A HD3  1 
ATOM   345  N  N    . LYS A 1 20 ? -6.120  1.797   9.936   1.00 19.12 ? 20  LYS A N    1 
ATOM   346  C  CA   . LYS A 1 20 ? -6.575  1.978   11.309  1.00 28.33 ? 20  LYS A CA   1 
ATOM   347  C  C    . LYS A 1 20 ? -8.041  1.598   11.472  1.00 29.65 ? 20  LYS A C    1 
ATOM   348  O  O    . LYS A 1 20 ? -8.954  2.126   10.823  1.00 34.36 ? 20  LYS A O    1 
ATOM   349  C  CB   . LYS A 1 20 ? -6.315  3.395   11.825  1.00 31.52 ? 20  LYS A CB   1 
ATOM   350  C  CG   . LYS A 1 20 ? -6.572  3.506   13.321  1.00 41.82 ? 20  LYS A CG   1 
ATOM   351  C  CD   . LYS A 1 20 ? -6.692  4.909   13.864  1.00 47.31 ? 20  LYS A CD   1 
ATOM   352  C  CE   . LYS A 1 20 ? -7.247  4.923   15.287  1.00 51.38 ? 20  LYS A CE   1 
ATOM   353  N  NZ   . LYS A 1 20 ? -8.637  4.379   15.323  1.00 53.25 ? 20  LYS A NZ   1 
ATOM   354  H  H    . LYS A 1 20 ? -5.720  2.536   9.559   1.00 20.59 ? 20  LYS A H    1 
ATOM   355  H  HA   . LYS A 1 20 ? -6.032  1.382   11.875  1.00 26.57 ? 20  LYS A HA   1 
ATOM   356  H  HB2  . LYS A 1 20 ? -5.337  3.592   11.661  1.00 32.12 ? 20  LYS A HB2  1 
ATOM   357  H  HB3  . LYS A 1 20 ? -6.859  4.011   11.303  1.00 33.55 ? 20  LYS A HB3  1 
ATOM   358  H  HG2  . LYS A 1 20 ? -7.431  2.992   13.540  1.00 40.87 ? 20  LYS A HG2  1 
ATOM   359  H  HG3  . LYS A 1 20 ? -5.859  3.026   13.834  1.00 39.95 ? 20  LYS A HG3  1 
ATOM   360  H  HD2  . LYS A 1 20 ? -5.803  5.360   13.872  1.00 46.16 ? 20  LYS A HD2  1 
ATOM   361  H  HD3  . LYS A 1 20 ? -7.285  5.459   13.275  1.00 47.43 ? 20  LYS A HD3  1 
ATOM   362  H  HE2  . LYS A 1 20 ? -6.686  4.337   15.879  1.00 50.27 ? 20  LYS A HE2  1 
ATOM   363  H  HE3  . LYS A 1 20 ? -7.269  5.827   15.657  1.00 49.86 ? 20  LYS A HE3  1 
ATOM   364  H  HZ1  . LYS A 1 20 ? -9.144  4.621   14.625  1.00 51.22 ? 20  LYS A HZ1  1 
ATOM   365  H  HZ2  . LYS A 1 20 ? -8.610  3.453   15.455  1.00 51.63 ? 20  LYS A HZ2  1 
ATOM   366  H  HZ3  . LYS A 1 20 ? -9.082  4.700   16.105  1.00 51.86 ? 20  LYS A HZ3  1 
ATOM   367  N  N    . GLY A 1 21 ? -8.235  0.638   12.368  1.00 32.21 ? 21  GLY A N    1 
ATOM   368  C  CA   . GLY A 1 21 ? -9.524  0.097   12.735  1.00 31.52 ? 21  GLY A CA   1 
ATOM   369  C  C    . GLY A 1 21 ? -10.085 -0.958  11.814  1.00 32.00 ? 21  GLY A C    1 
ATOM   370  O  O    . GLY A 1 21 ? -11.297 -1.281  11.928  1.00 37.96 ? 21  GLY A O    1 
ATOM   371  H  H    . GLY A 1 21 ? -7.534  0.267   12.850  1.00 31.13 ? 21  GLY A H    1 
ATOM   372  H  HA2  . GLY A 1 21 ? -9.385  -0.358  13.643  1.00 31.64 ? 21  GLY A HA2  1 
ATOM   373  H  HA3  . GLY A 1 21 ? -10.176 0.822   12.924  1.00 31.61 ? 21  GLY A HA3  1 
ATOM   374  N  N    . LYS A 1 22 ? -9.253  -1.485  10.925  1.00 27.45 ? 22  LYS A N    1 
ATOM   375  C  CA   . LYS A 1 22 ? -9.738  -2.549  9.998   1.00 24.12 ? 22  LYS A CA   1 
ATOM   376  C  C    . LYS A 1 22 ? -9.118  -3.857  10.425  1.00 22.96 ? 22  LYS A C    1 
ATOM   377  O  O    . LYS A 1 22 ? -7.985  -3.900  10.927  1.00 25.63 ? 22  LYS A O    1 
ATOM   378  C  CB   . LYS A 1 22 ? -9.468  -2.187  8.564   1.00 22.95 ? 22  LYS A CB   1 
ATOM   379  C  CG   . LYS A 1 22 ? -10.076 -0.768  8.299   1.00 23.82 ? 22  LYS A CG   1 
ATOM   380  C  CD   . LYS A 1 22 ? -10.041 -0.484  6.816   1.00 23.75 ? 22  LYS A CD   1 
ATOM   381  C  CE   . LYS A 1 22 ? -10.766 0.767   6.426   1.00 22.56 ? 22  LYS A CE   1 
ATOM   382  N  NZ   . LYS A 1 22 ? -10.281 1.960   7.144   1.00 21.96 ? 22  LYS A NZ   1 
ATOM   383  H  H    . LYS A 1 22 ? -8.403  -1.247  10.872  1.00 30.39 ? 22  LYS A H    1 
ATOM   384  H  HA   . LYS A 1 22 ? -10.714 -2.632  10.067  1.00 23.69 ? 22  LYS A HA   1 
ATOM   385  H  HB2  . LYS A 1 22 ? -8.493  -2.102  8.423   1.00 22.99 ? 22  LYS A HB2  1 
ATOM   386  H  HB3  . LYS A 1 22 ? -9.872  -2.849  7.986   1.00 20.34 ? 22  LYS A HB3  1 
ATOM   387  H  HG2  . LYS A 1 22 ? -10.967 -0.691  8.681   1.00 21.10 ? 22  LYS A HG2  1 
ATOM   388  H  HG3  . LYS A 1 22 ? -9.488  -0.113  8.776   1.00 22.23 ? 22  LYS A HG3  1 
ATOM   389  H  HD2  . LYS A 1 22 ? -9.091  -0.418  6.514   1.00 24.50 ? 22  LYS A HD2  1 
ATOM   390  H  HD3  . LYS A 1 22 ? -10.435 -1.273  6.319   1.00 22.52 ? 22  LYS A HD3  1 
ATOM   391  H  HE2  . LYS A 1 22 ? -10.649 0.947   5.450   1.00 23.26 ? 22  LYS A HE2  1 
ATOM   392  H  HE3  . LYS A 1 22 ? -11.734 0.669   6.625   1.00 23.16 ? 22  LYS A HE3  1 
ATOM   393  H  HZ1  . LYS A 1 22 ? -9.920  1.790   7.948   1.00 24.72 ? 22  LYS A HZ1  1 
ATOM   394  H  HZ2  . LYS A 1 22 ? -9.662  2.410   6.588   1.00 24.86 ? 22  LYS A HZ2  1 
ATOM   395  H  HZ3  . LYS A 1 22 ? -10.955 2.609   7.278   1.00 23.21 ? 22  LYS A HZ3  1 
ATOM   396  N  N    . ARG A 1 23 ? -9.881  -4.905  10.245  1.00 24.83 ? 23  ARG A N    1 
ATOM   397  C  CA   . ARG A 1 23 ? -9.443  -6.275  10.602  1.00 24.32 ? 23  ARG A CA   1 
ATOM   398  C  C    . ARG A 1 23 ? -9.423  -7.082  9.317   1.00 19.99 ? 23  ARG A C    1 
ATOM   399  O  O    . ARG A 1 23 ? -10.489 -7.382  8.747   1.00 22.44 ? 23  ARG A O    1 
ATOM   400  C  CB   . ARG A 1 23 ? -10.332 -6.892  11.678  1.00 29.75 ? 23  ARG A CB   1 
ATOM   401  C  CG   . ARG A 1 23 ? -10.006 -6.398  13.089  0.01 34.84 ? 23  ARG A CG   1 
ATOM   402  C  CD   . ARG A 1 23 ? -11.208 -6.447  13.968  0.01 39.21 ? 23  ARG A CD   1 
ATOM   403  N  NE   . ARG A 1 23 ? -12.312 -5.674  13.419  0.01 43.56 ? 23  ARG A NE   1 
ATOM   404  C  CZ   . ARG A 1 23 ? -12.347 -4.343  13.371  0.01 45.45 ? 23  ARG A CZ   1 
ATOM   405  N  NH1  . ARG A 1 23 ? -11.350 -3.597  13.838  0.01 46.27 ? 23  ARG A NH1  1 
ATOM   406  N  NH2  . ARG A 1 23 ? -13.413 -3.741  12.841  0.01 46.21 ? 23  ARG A NH2  1 
ATOM   407  H  H    . ARG A 1 23 ? -10.714 -4.852  9.874   1.00 24.94 ? 23  ARG A H    1 
ATOM   408  H  HA   . ARG A 1 23 ? -8.534  -6.203  10.952  1.00 24.52 ? 23  ARG A HA   1 
ATOM   409  H  HB2  . ARG A 1 23 ? -11.267 -6.697  11.434  0.01 30.15 ? 23  ARG A HB2  1 
ATOM   410  H  HB3  . ARG A 1 23 ? -10.239 -7.858  11.626  0.01 30.16 ? 23  ARG A HB3  1 
ATOM   411  H  HG2  . ARG A 1 23 ? -9.346  -7.050  13.480  0.01 35.52 ? 23  ARG A HG2  1 
ATOM   412  H  HG3  . ARG A 1 23 ? -9.569  -5.587  13.117  0.01 35.51 ? 23  ARG A HG3  1 
ATOM   413  H  HD2  . ARG A 1 23 ? -11.459 -7.359  14.075  0.01 40.73 ? 23  ARG A HD2  1 
ATOM   414  H  HD3  . ARG A 1 23 ? -10.987 -6.140  14.867  0.01 40.73 ? 23  ARG A HD3  1 
ATOM   415  H  HE   . ARG A 1 23 ? -13.037 -6.114  13.073  0.01 45.36 ? 23  ARG A HE   1 
ATOM   416  H  HH11 . ARG A 1 23 ? -10.596 -3.948  14.211  0.01 47.02 ? 23  ARG A HH11 1 
ATOM   417  H  HH12 . ARG A 1 23 ? -11.415 -2.676  13.787  0.01 47.01 ? 23  ARG A HH12 1 
ATOM   418  H  HH21 . ARG A 1 23 ? -14.115 -4.210  12.510  0.01 47.01 ? 23  ARG A HH21 1 
ATOM   419  H  HH22 . ARG A 1 23 ? -13.434 -2.828  12.811  0.01 47.01 ? 23  ARG A HH22 1 
ATOM   420  N  N    . PHE A 1 24 ? -8.205  -7.388  8.894   1.00 13.88 ? 24  PHE A N    1 
ATOM   421  C  CA   . PHE A 1 24 ? -8.011  -8.144  7.651   1.00 11.36 ? 24  PHE A CA   1 
ATOM   422  C  C    . PHE A 1 24 ? -7.827  -9.634  7.922   1.00 10.94 ? 24  PHE A C    1 
ATOM   423  O  O    . PHE A 1 24 ? -7.346  -10.052 8.982   1.00 14.55 ? 24  PHE A O    1 
ATOM   424  C  CB   . PHE A 1 24 ? -6.847  -7.547  6.824   1.00 10.00 ? 24  PHE A CB   1 
ATOM   425  C  CG   . PHE A 1 24 ? -6.969  -6.066  6.542   1.00 9.03  ? 24  PHE A CG   1 
ATOM   426  C  CD1  . PHE A 1 24 ? -7.782  -5.614  5.494   1.00 10.20 ? 24  PHE A CD1  1 
ATOM   427  C  CD2  . PHE A 1 24 ? -6.292  -5.138  7.312   1.00 11.12 ? 24  PHE A CD2  1 
ATOM   428  C  CE1  . PHE A 1 24 ? -7.921  -4.246  5.246   1.00 12.03 ? 24  PHE A CE1  1 
ATOM   429  C  CE2  . PHE A 1 24 ? -6.399  -3.759  7.065   1.00 13.91 ? 24  PHE A CE2  1 
ATOM   430  C  CZ   . PHE A 1 24 ? -7.217  -3.322  6.032   1.00 10.28 ? 24  PHE A CZ   1 
ATOM   431  H  H    . PHE A 1 24 ? -7.462  -7.141  9.332   1.00 18.64 ? 24  PHE A H    1 
ATOM   432  H  HA   . PHE A 1 24 ? -8.761  -8.010  7.074   1.00 11.46 ? 24  PHE A HA   1 
ATOM   433  H  HB2  . PHE A 1 24 ? -6.050  -7.866  7.204   1.00 7.33  ? 24  PHE A HB2  1 
ATOM   434  H  HB3  . PHE A 1 24 ? -6.928  -8.050  5.924   1.00 9.90  ? 24  PHE A HB3  1 
ATOM   435  H  HD1  . PHE A 1 24 ? -8.265  -6.278  4.968   1.00 9.55  ? 24  PHE A HD1  1 
ATOM   436  H  HD2  . PHE A 1 24 ? -5.743  -5.450  8.013   1.00 10.39 ? 24  PHE A HD2  1 
ATOM   437  H  HE1  . PHE A 1 24 ? -8.453  -3.923  4.558   1.00 11.41 ? 24  PHE A HE1  1 
ATOM   438  H  HE2  . PHE A 1 24 ? -5.929  -3.135  7.601   1.00 9.76  ? 24  PHE A HE2  1 
ATOM   439  H  HZ   . PHE A 1 24 ? -7.298  -2.381  5.857   1.00 10.99 ? 24  PHE A HZ   1 
ATOM   440  N  N    . ARG A 1 25 ? -8.205  -10.405 6.926   1.00 9.90  ? 25  ARG A N    1 
ATOM   441  C  CA   . ARG A 1 25 ? -8.094  -11.860 6.939   1.00 14.98 ? 25  ARG A CA   1 
ATOM   442  C  C    . ARG A 1 25 ? -7.273  -12.296 5.726   1.00 14.44 ? 25  ARG A C    1 
ATOM   443  O  O    . ARG A 1 25 ? -7.316  -11.621 4.687   1.00 15.60 ? 25  ARG A O    1 
ATOM   444  C  CB   . ARG A 1 25 ? -9.423  -12.585 6.879   1.00 18.72 ? 25  ARG A CB   1 
ATOM   445  C  CG   . ARG A 1 25 ? -10.154 -12.768 8.183   1.00 29.03 ? 25  ARG A CG   1 
ATOM   446  C  CD   . ARG A 1 25 ? -11.401 -13.553 7.977   1.00 41.64 ? 25  ARG A CD   1 
ATOM   447  N  NE   . ARG A 1 25 ? -11.277 -14.855 7.390   1.00 52.29 ? 25  ARG A NE   1 
ATOM   448  C  CZ   . ARG A 1 25 ? -11.383 -15.331 6.160   1.00 56.68 ? 25  ARG A CZ   1 
ATOM   449  N  NH1  . ARG A 1 25 ? -11.664 -14.582 5.092   1.00 57.83 ? 25  ARG A NH1  1 
ATOM   450  N  NH2  . ARG A 1 25 ? -11.212 -16.652 5.935   1.00 57.86 ? 25  ARG A NH2  1 
ATOM   451  H  H    . ARG A 1 25 ? -8.545  -10.069 6.146   1.00 12.23 ? 25  ARG A H    1 
ATOM   452  H  HA   . ARG A 1 25 ? -7.642  -12.172 7.752   1.00 16.05 ? 25  ARG A HA   1 
ATOM   453  H  HB2  . ARG A 1 25 ? -9.965  -12.216 6.162   1.00 19.26 ? 25  ARG A HB2  1 
ATOM   454  H  HB3  . ARG A 1 25 ? -9.176  -13.510 6.514   1.00 18.65 ? 25  ARG A HB3  1 
ATOM   455  H  HG2  . ARG A 1 25 ? -9.608  -13.126 8.871   1.00 27.28 ? 25  ARG A HG2  1 
ATOM   456  H  HG3  . ARG A 1 25 ? -10.404 -11.879 8.542   1.00 27.58 ? 25  ARG A HG3  1 
ATOM   457  H  HD2  . ARG A 1 25 ? -11.757 -13.665 8.934   1.00 42.88 ? 25  ARG A HD2  1 
ATOM   458  H  HD3  . ARG A 1 25 ? -12.111 -12.994 7.627   1.00 42.51 ? 25  ARG A HD3  1 
ATOM   459  H  HE   . ARG A 1 25 ? -11.074 -15.551 8.037   1.00 54.00 ? 25  ARG A HE   1 
ATOM   460  H  HH11 . ARG A 1 25 ? -11.794 -13.671 5.165   1.00 56.70 ? 25  ARG A HH11 1 
ATOM   461  H  HH12 . ARG A 1 25 ? -11.724 -14.955 4.261   1.00 56.04 ? 25  ARG A HH12 1 
ATOM   462  H  HH21 . ARG A 1 25 ? -11.018 -17.224 6.623   1.00 56.26 ? 25  ARG A HH21 1 
ATOM   463  H  HH22 . ARG A 1 25 ? -11.281 -16.980 5.096   1.00 56.04 ? 25  ARG A HH22 1 
ATOM   464  N  N    . ALA A 1 26 ? -6.570  -13.400 5.916   1.00 13.47 ? 26  ALA A N    1 
ATOM   465  C  CA   . ALA A 1 26 ? -5.764  -13.938 4.789   1.00 14.40 ? 26  ALA A CA   1 
ATOM   466  C  C    . ALA A 1 26 ? -6.793  -14.164 3.661   1.00 17.63 ? 26  ALA A C    1 
ATOM   467  O  O    . ALA A 1 26 ? -7.914  -14.647 3.939   1.00 12.48 ? 26  ALA A O    1 
ATOM   468  C  CB   . ALA A 1 26 ? -5.079  -15.214 5.165   1.00 15.70 ? 26  ALA A CB   1 
ATOM   469  H  H    . ALA A 1 26 ? -6.580  -13.858 6.673   1.00 16.72 ? 26  ALA A H    1 
ATOM   470  H  HA   . ALA A 1 26 ? -5.129  -13.277 4.502   1.00 13.89 ? 26  ALA A HA   1 
ATOM   471  H  HB1  . ALA A 1 26 ? -4.526  -15.104 5.976   1.00 17.51 ? 26  ALA A HB1  1 
ATOM   472  H  HB2  . ALA A 1 26 ? -5.777  -15.905 5.457   1.00 15.35 ? 26  ALA A HB2  1 
ATOM   473  H  HB3  . ALA A 1 26 ? -4.610  -15.630 4.443   1.00 14.52 ? 26  ALA A HB3  1 
ATOM   474  N  N    . GLY A 1 27 ? -6.392  -13.806 2.454   1.00 12.93 ? 27  GLY A N    1 
ATOM   475  C  CA   . GLY A 1 27 ? -7.264  -13.979 1.301   1.00 13.70 ? 27  GLY A CA   1 
ATOM   476  C  C    . GLY A 1 27 ? -8.041  -12.734 0.933   1.00 12.59 ? 27  GLY A C    1 
ATOM   477  O  O    . GLY A 1 27 ? -8.574  -12.678 -0.195  1.00 12.28 ? 27  GLY A O    1 
ATOM   478  H  H    . GLY A 1 27 ? -5.569  -13.468 2.314   1.00 14.74 ? 27  GLY A H    1 
ATOM   479  H  HA2  . GLY A 1 27 ? -6.649  -14.216 0.537   1.00 12.42 ? 27  GLY A HA2  1 
ATOM   480  H  HA3  . GLY A 1 27 ? -7.837  -14.769 1.432   1.00 13.77 ? 27  GLY A HA3  1 
ATOM   481  N  N    . ASP A 1 28 ? -8.109  -11.787 1.840   1.00 10.83 ? 28  ASP A N    1 
ATOM   482  C  CA   . ASP A 1 28 ? -8.806  -10.505 1.568   1.00 11.29 ? 28  ASP A CA   1 
ATOM   483  C  C    . ASP A 1 28 ? -7.999  -9.854  0.418   1.00 11.32 ? 28  ASP A C    1 
ATOM   484  O  O    . ASP A 1 28 ? -6.827  -10.194 0.168   1.00 12.04 ? 28  ASP A O    1 
ATOM   485  C  CB   . ASP A 1 28 ? -8.931  -9.627  2.777   1.00 11.00 ? 28  ASP A CB   1 
ATOM   486  C  CG   . ASP A 1 28 ? -10.013 -9.970  3.765   1.00 13.05 ? 28  ASP A CG   1 
ATOM   487  O  OD1  . ASP A 1 28 ? -10.820 -10.910 3.455   1.00 11.14 ? 28  ASP A OD1  1 
ATOM   488  O  OD2  . ASP A 1 28 ? -10.146 -9.364  4.834   1.00 12.86 ? 28  ASP A OD2  1 
ATOM   489  H  H    . ASP A 1 28 ? -7.697  -11.862 2.635   1.00 12.41 ? 28  ASP A H    1 
ATOM   490  H  HA   . ASP A 1 28 ? -9.698  -10.678 1.264   1.00 11.04 ? 28  ASP A HA   1 
ATOM   491  H  HB2  . ASP A 1 28 ? -8.063  -9.527  3.261   1.00 11.25 ? 28  ASP A HB2  1 
ATOM   492  H  HB3  . ASP A 1 28 ? -9.099  -8.688  2.480   1.00 10.81 ? 28  ASP A HB3  1 
ATOM   493  N  N    . ILE A 1 29 ? -8.652  -8.945  -0.273  1.00 10.54 ? 29  ILE A N    1 
ATOM   494  C  CA   . ILE A 1 29 ? -8.089  -8.210  -1.393  1.00 8.12  ? 29  ILE A CA   1 
ATOM   495  C  C    . ILE A 1 29 ? -8.072  -6.701  -1.130  1.00 6.83  ? 29  ILE A C    1 
ATOM   496  O  O    . ILE A 1 29 ? -9.042  -6.105  -0.673  1.00 7.71  ? 29  ILE A O    1 
ATOM   497  C  CB   . ILE A 1 29 ? -8.890  -8.428  -2.688  1.00 13.49 ? 29  ILE A CB   1 
ATOM   498  C  CG1  . ILE A 1 29 ? -8.818  -9.900  -3.049  1.00 21.04 ? 29  ILE A CG1  1 
ATOM   499  C  CG2  . ILE A 1 29 ? -8.355  -7.586  -3.834  1.00 9.11  ? 29  ILE A CG2  1 
ATOM   500  C  CD1  . ILE A 1 29 ? -9.865  -10.363 -4.060  1.00 27.04 ? 29  ILE A CD1  1 
ATOM   501  H  H    . ILE A 1 29 ? -9.523  -8.724  -0.063  1.00 10.27 ? 29  ILE A H    1 
ATOM   502  H  HA   . ILE A 1 29 ? -7.172  -8.489  -1.573  1.00 4.06  ? 29  ILE A HA   1 
ATOM   503  H  HB   . ILE A 1 29 ? -9.813  -8.154  -2.500  1.00 8.79  ? 29  ILE A HB   1 
ATOM   504  H  HG12 . ILE A 1 29 ? -7.908  -10.035 -3.469  1.00 20.27 ? 29  ILE A HG12 1 
ATOM   505  H  HG13 . ILE A 1 29 ? -8.882  -10.467 -2.259  1.00 22.44 ? 29  ILE A HG13 1 
ATOM   506  H  HG21 . ILE A 1 29 ? -8.279  -6.638  -3.602  1.00 4.58  ? 29  ILE A HG21 1 
ATOM   507  H  HG22 . ILE A 1 29 ? -7.425  -7.934  -4.050  1.00 7.76  ? 29  ILE A HG22 1 
ATOM   508  H  HG23 . ILE A 1 29 ? -8.923  -7.699  -4.621  1.00 9.11  ? 29  ILE A HG23 1 
ATOM   509  H  HD11 . ILE A 1 29 ? -10.749 -10.054 -3.757  1.00 25.81 ? 29  ILE A HD11 1 
ATOM   510  H  HD12 . ILE A 1 29 ? -9.628  -9.929  -4.926  1.00 27.08 ? 29  ILE A HD12 1 
ATOM   511  H  HD13 . ILE A 1 29 ? -9.806  -11.368 -4.145  1.00 27.66 ? 29  ILE A HD13 1 
ATOM   512  N  N    . LEU A 1 30 ? -6.911  -6.120  -1.459  1.00 6.97  ? 30  LEU A N    1 
ATOM   513  C  CA   . LEU A 1 30 ? -6.724  -4.678  -1.351  1.00 5.64  ? 30  LEU A CA   1 
ATOM   514  C  C    . LEU A 1 30 ? -6.772  -4.187  -2.824  1.00 5.50  ? 30  LEU A C    1 
ATOM   515  O  O    . LEU A 1 30 ? -6.067  -4.767  -3.659  1.00 7.43  ? 30  LEU A O    1 
ATOM   516  C  CB   . LEU A 1 30 ? -5.431  -4.227  -0.727  1.00 7.23  ? 30  LEU A CB   1 
ATOM   517  C  CG   . LEU A 1 30 ? -5.162  -4.618  0.720   1.00 4.90  ? 30  LEU A CG   1 
ATOM   518  C  CD1  . LEU A 1 30 ? -3.979  -3.841  1.224   1.00 8.13  ? 30  LEU A CD1  1 
ATOM   519  C  CD2  . LEU A 1 30 ? -6.367  -4.413  1.582   1.00 9.25  ? 30  LEU A CD2  1 
ATOM   520  H  H    . LEU A 1 30 ? -6.236  -6.609  -1.822  1.00 5.44  ? 30  LEU A H    1 
ATOM   521  H  HA   . LEU A 1 30 ? -7.511  -4.299  -0.921  1.00 5.08  ? 30  LEU A HA   1 
ATOM   522  H  HB2  . LEU A 1 30 ? -4.623  -4.369  -1.257  1.00 3.16  ? 30  LEU A HB2  1 
ATOM   523  H  HB3  . LEU A 1 30 ? -5.504  -3.162  -0.691  1.00 4.43  ? 30  LEU A HB3  1 
ATOM   524  H  HG   . LEU A 1 30 ? -4.938  -5.586  0.755   1.00 7.17  ? 30  LEU A HG   1 
ATOM   525  H  HD11 . LEU A 1 30 ? -3.205  -4.052  0.689   1.00 2.00  ? 30  LEU A HD11 1 
ATOM   526  H  HD12 . LEU A 1 30 ? -4.210  -2.908  1.377   1.00 2.00  ? 30  LEU A HD12 1 
ATOM   527  H  HD13 . LEU A 1 30 ? -3.827  -4.240  2.184   1.00 4.93  ? 30  LEU A HD13 1 
ATOM   528  H  HD21 . LEU A 1 30 ? -6.811  -3.569  1.481   1.00 5.02  ? 30  LEU A HD21 1 
ATOM   529  H  HD22 . LEU A 1 30 ? -7.038  -5.187  1.329   1.00 6.68  ? 30  LEU A HD22 1 
ATOM   530  H  HD23 . LEU A 1 30 ? -6.140  -4.621  2.536   1.00 8.82  ? 30  LEU A HD23 1 
ATOM   531  N  N    . LEU A 1 31 ? -7.610  -3.214  -3.031  1.00 5.89  ? 31  LEU A N    1 
ATOM   532  C  CA   . LEU A 1 31 ? -7.782  -2.605  -4.371  1.00 7.84  ? 31  LEU A CA   1 
ATOM   533  C  C    . LEU A 1 31 ? -7.204  -1.188  -4.340  1.00 3.98  ? 31  LEU A C    1 
ATOM   534  O  O    . LEU A 1 31 ? -7.654  -0.336  -3.578  1.00 3.82  ? 31  LEU A O    1 
ATOM   535  C  CB   A LEU A 1 31 ? -9.241  -2.619  -4.754  0.50 6.87  ? 31  LEU A CB   1 
ATOM   536  C  CB   B LEU A 1 31 ? -9.250  -2.627  -4.706  0.50 10.70 ? 31  LEU A CB   1 
ATOM   537  C  CG   A LEU A 1 31 ? -9.595  -2.293  -6.204  0.50 9.78  ? 31  LEU A CG   1 
ATOM   538  C  CG   B LEU A 1 31 ? -9.754  -2.241  -6.079  0.50 16.52 ? 31  LEU A CG   1 
ATOM   539  C  CD1  A LEU A 1 31 ? -10.873 -3.019  -6.539  0.50 9.68  ? 31  LEU A CD1  1 
ATOM   540  C  CD1  B LEU A 1 31 ? -8.813  -2.755  -7.124  0.50 21.23 ? 31  LEU A CD1  1 
ATOM   541  C  CD2  A LEU A 1 31 ? -9.714  -0.813  -6.453  0.50 11.84 ? 31  LEU A CD2  1 
ATOM   542  C  CD2  B LEU A 1 31 ? -11.162 -2.774  -6.312  0.50 16.05 ? 31  LEU A CD2  1 
ATOM   543  H  H    B LEU A 1 31 ? -8.100  -2.840  -2.353  1.00 5.16  ? 31  LEU A H    1 
ATOM   544  H  HA   A LEU A 1 31 ? -7.256  -3.152  -5.006  0.50 3.15  ? 31  LEU A HA   1 
ATOM   545  H  HA   B LEU A 1 31 ? -7.265  -3.155  -4.997  0.50 4.17  ? 31  LEU A HA   1 
ATOM   546  H  HB2  A LEU A 1 31 ? -9.604  -3.569  -4.611  0.50 8.99  ? 31  LEU A HB2  1 
ATOM   547  H  HB2  B LEU A 1 31 ? -9.606  -3.582  -4.556  0.50 12.49 ? 31  LEU A HB2  1 
ATOM   548  H  HB3  A LEU A 1 31 ? -9.771  -2.033  -4.158  0.50 6.73  ? 31  LEU A HB3  1 
ATOM   549  H  HB3  B LEU A 1 31 ? -9.758  -2.072  -4.027  0.50 10.77 ? 31  LEU A HB3  1 
ATOM   550  H  HG   A LEU A 1 31 ? -8.862  -2.628  -6.782  0.50 11.57 ? 31  LEU A HG   1 
ATOM   551  H  HG   B LEU A 1 31 ? -9.826  -1.252  -6.147  0.50 16.71 ? 31  LEU A HG   1 
ATOM   552  H  HD11 A LEU A 1 31 ? -11.529 -2.889  -5.807  0.50 9.42  ? 31  LEU A HD11 1 
ATOM   553  H  HD11 B LEU A 1 31 ? -8.192  -3.424  -6.804  0.50 20.75 ? 31  LEU A HD11 1 
ATOM   554  H  HD12 A LEU A 1 31 ? -11.232 -2.692  -7.389  0.50 10.41 ? 31  LEU A HD12 1 
ATOM   555  H  HD12 B LEU A 1 31 ? -9.329  -3.110  -7.902  0.50 20.63 ? 31  LEU A HD12 1 
ATOM   556  H  HD13 A LEU A 1 31 ? -10.655 -3.987  -6.611  0.50 10.26 ? 31  LEU A HD13 1 
ATOM   557  H  HD13 B LEU A 1 31 ? -8.271  -1.963  -7.466  0.50 20.93 ? 31  LEU A HD13 1 
ATOM   558  H  HD21 A LEU A 1 31 ? -9.037  -0.269  -5.979  0.50 9.74  ? 31  LEU A HD21 1 
ATOM   559  H  HD21 B LEU A 1 31 ? -11.781 -2.450  -5.608  0.50 16.29 ? 31  LEU A HD21 1 
ATOM   560  H  HD22 A LEU A 1 31 ? -9.625  -0.623  -7.442  0.50 11.11 ? 31  LEU A HD22 1 
ATOM   561  H  HD22 B LEU A 1 31 ? -11.497 -2.565  -7.195  0.50 16.51 ? 31  LEU A HD22 1 
ATOM   562  H  HD23 A LEU A 1 31 ? -10.626 -0.477  -6.180  0.50 10.57 ? 31  LEU A HD23 1 
ATOM   563  H  HD23 B LEU A 1 31 ? -11.127 -3.790  -6.199  0.50 16.76 ? 31  LEU A HD23 1 
ATOM   564  N  N    . PHE A 1 32 ? -6.218  -0.987  -5.202  1.00 4.11  ? 32  PHE A N    1 
ATOM   565  C  CA   . PHE A 1 32 ? -5.483  0.264   -5.332  1.00 2.16  ? 32  PHE A CA   1 
ATOM   566  C  C    . PHE A 1 32 ? -5.824  0.997   -6.631  1.00 3.86  ? 32  PHE A C    1 
ATOM   567  O  O    . PHE A 1 32 ? -5.505  0.477   -7.705  1.00 6.19  ? 32  PHE A O    1 
ATOM   568  C  CB   . PHE A 1 32 ? -3.959  -0.017  -5.320  1.00 3.98  ? 32  PHE A CB   1 
ATOM   569  C  CG   . PHE A 1 32 ? -3.374  -0.592  -4.061  1.00 4.22  ? 32  PHE A CG   1 
ATOM   570  C  CD1  . PHE A 1 32 ? -3.436  -1.948  -3.793  1.00 5.45  ? 32  PHE A CD1  1 
ATOM   571  C  CD2  . PHE A 1 32 ? -2.731  0.254   -3.141  1.00 8.79  ? 32  PHE A CD2  1 
ATOM   572  C  CE1  . PHE A 1 32 ? -2.901  -2.482  -2.620  1.00 3.40  ? 32  PHE A CE1  1 
ATOM   573  C  CE2  . PHE A 1 32 ? -2.172  -0.259  -1.965  1.00 7.71  ? 32  PHE A CE2  1 
ATOM   574  C  CZ   . PHE A 1 32 ? -2.261  -1.635  -1.724  1.00 3.57  ? 32  PHE A CZ   1 
ATOM   575  H  H    . PHE A 1 32 ? -5.901  -1.665  -5.749  1.00 2.00  ? 32  PHE A H    1 
ATOM   576  H  HA   . PHE A 1 32 ? -5.573  0.856   -4.601  1.00 2.00  ? 32  PHE A HA   1 
ATOM   577  H  HB2  . PHE A 1 32 ? -3.826  -0.698  -6.081  1.00 2.00  ? 32  PHE A HB2  1 
ATOM   578  H  HB3  . PHE A 1 32 ? -3.555  0.784   -5.621  1.00 2.00  ? 32  PHE A HB3  1 
ATOM   579  H  HD1  . PHE A 1 32 ? -3.867  -2.511  -4.412  1.00 4.55  ? 32  PHE A HD1  1 
ATOM   580  H  HD2  . PHE A 1 32 ? -2.680  1.212   -3.329  1.00 5.77  ? 32  PHE A HD2  1 
ATOM   581  H  HE1  . PHE A 1 32 ? -2.953  -3.420  -2.456  1.00 2.47  ? 32  PHE A HE1  1 
ATOM   582  H  HE2  . PHE A 1 32 ? -1.749  0.286   -1.348  1.00 5.80  ? 32  PHE A HE2  1 
ATOM   583  H  HZ   . PHE A 1 32 ? -1.883  -1.992  -0.919  1.00 4.35  ? 32  PHE A HZ   1 
ATOM   584  N  N    . ASN A 1 33 ? -6.408  2.168   -6.444  1.00 10.40 ? 33  ASN A N    1 
ATOM   585  C  CA   . ASN A 1 33 ? -6.789  3.037   -7.562  1.00 8.01  ? 33  ASN A CA   1 
ATOM   586  C  C    . ASN A 1 33 ? -5.894  4.284   -7.612  1.00 6.30  ? 33  ASN A C    1 
ATOM   587  O  O    . ASN A 1 33 ? -5.855  5.017   -6.597  1.00 4.09  ? 33  ASN A O    1 
ATOM   588  C  CB   . ASN A 1 33 ? -8.236  3.517   -7.450  1.00 8.02  ? 33  ASN A CB   1 
ATOM   589  C  CG   . ASN A 1 33 ? -9.291  2.444   -7.595  1.00 8.72  ? 33  ASN A CG   1 
ATOM   590  O  OD1  . ASN A 1 33 ? -9.238  1.607   -8.501  1.00 12.12 ? 33  ASN A OD1  1 
ATOM   591  N  ND2  . ASN A 1 33 ? -10.254 2.519   -6.703  1.00 12.22 ? 33  ASN A ND2  1 
ATOM   592  H  H    . ASN A 1 33 ? -6.598  2.486   -5.608  1.00 3.48  ? 33  ASN A H    1 
ATOM   593  H  HA   . ASN A 1 33 ? -6.758  2.568   -8.409  1.00 4.84  ? 33  ASN A HA   1 
ATOM   594  H  HB2  . ASN A 1 33 ? -8.381  4.034   -6.655  1.00 6.05  ? 33  ASN A HB2  1 
ATOM   595  H  HB3  . ASN A 1 33 ? -8.418  4.168   -8.237  1.00 7.18  ? 33  ASN A HB3  1 
ATOM   596  H  HD21 . ASN A 1 33 ? -10.951 1.858   -6.745  1.00 13.24 ? 33  ASN A HD21 1 
ATOM   597  H  HD22 . ASN A 1 33 ? -10.280 3.145   -6.039  1.00 11.22 ? 33  ASN A HD22 1 
ATOM   598  N  N    . TYR A 1 34 ? -5.307  4.500   -8.776  1.00 5.91  ? 34  TYR A N    1 
ATOM   599  C  CA   . TYR A 1 34 ? -4.444  5.679   -8.966  1.00 6.02  ? 34  TYR A CA   1 
ATOM   600  C  C    . TYR A 1 34 ? -4.054  5.863   -10.420 1.00 8.40  ? 34  TYR A C    1 
ATOM   601  O  O    . TYR A 1 34 ? -4.275  4.980   -11.279 1.00 5.20  ? 34  TYR A O    1 
ATOM   602  C  CB   . TYR A 1 34 ? -3.130  5.472   -8.102  1.00 4.95  ? 34  TYR A CB   1 
ATOM   603  C  CG   . TYR A 1 34 ? -2.467  4.210   -8.555  1.00 2.25  ? 34  TYR A CG   1 
ATOM   604  C  CD1  . TYR A 1 34 ? -2.866  2.946   -8.085  1.00 3.00  ? 34  TYR A CD1  1 
ATOM   605  C  CD2  . TYR A 1 34 ? -1.418  4.243   -9.502  1.00 3.68  ? 34  TYR A CD2  1 
ATOM   606  C  CE1  . TYR A 1 34 ? -2.287  1.798   -8.533  1.00 2.00  ? 34  TYR A CE1  1 
ATOM   607  C  CE2  . TYR A 1 34 ? -0.835  3.079   -9.953  1.00 5.18  ? 34  TYR A CE2  1 
ATOM   608  C  CZ   . TYR A 1 34 ? -1.259  1.843   -9.470  1.00 5.88  ? 34  TYR A CZ   1 
ATOM   609  O  OH   . TYR A 1 34 ? -0.631  0.738   -9.984  1.00 6.12  ? 34  TYR A OH   1 
ATOM   610  H  H    . TYR A 1 34 ? -5.407  3.920   -9.465  1.00 2.00  ? 34  TYR A H    1 
ATOM   611  H  HA   . TYR A 1 34 ? -4.827  6.474   -8.630  1.00 4.58  ? 34  TYR A HA   1 
ATOM   612  H  HB2  . TYR A 1 34 ? -2.586  6.223   -8.229  1.00 3.83  ? 34  TYR A HB2  1 
ATOM   613  H  HB3  . TYR A 1 34 ? -3.449  5.349   -7.169  1.00 2.69  ? 34  TYR A HB3  1 
ATOM   614  H  HD1  . TYR A 1 34 ? -3.612  2.897   -7.425  1.00 3.63  ? 34  TYR A HD1  1 
ATOM   615  H  HD2  . TYR A 1 34 ? -1.125  5.109   -9.853  1.00 4.91  ? 34  TYR A HD2  1 
ATOM   616  H  HE1  . TYR A 1 34 ? -2.593  0.919   -8.197  1.00 5.97  ? 34  TYR A HE1  1 
ATOM   617  H  HE2  . TYR A 1 34 ? -0.098  3.103   -10.621 1.00 5.29  ? 34  TYR A HE2  1 
ATOM   618  H  HH   . TYR A 1 34 ? -0.675  0.008   -9.659  1.00 8.09  ? 34  TYR A HH   1 
ATOM   619  N  N    . ASN A 1 35 ? -3.425  7.004   -10.662 1.00 8.96  ? 35  ASN A N    1 
ATOM   620  C  CA   . ASN A 1 35 ? -2.885  7.375   -11.987 1.00 6.56  ? 35  ASN A CA   1 
ATOM   621  C  C    . ASN A 1 35 ? -1.468  6.826   -12.084 1.00 2.00  ? 35  ASN A C    1 
ATOM   622  O  O    . ASN A 1 35 ? -0.607  7.425   -11.433 1.00 5.63  ? 35  ASN A O    1 
ATOM   623  C  CB   . ASN A 1 35 ? -2.860  8.902   -12.085 1.00 11.35 ? 35  ASN A CB   1 
ATOM   624  C  CG   . ASN A 1 35 ? -2.366  9.356   -13.463 1.00 15.19 ? 35  ASN A CG   1 
ATOM   625  O  OD1  . ASN A 1 35 ? -1.671  8.619   -14.176 1.00 12.28 ? 35  ASN A OD1  1 
ATOM   626  N  ND2  . ASN A 1 35 ? -2.754  10.574  -13.829 1.00 14.13 ? 35  ASN A ND2  1 
ATOM   627  H  H    . ASN A 1 35 ? -3.246  7.614   -10.016 1.00 6.35  ? 35  ASN A H    1 
ATOM   628  H  HA   . ASN A 1 35 ? -3.447  7.076   -12.663 1.00 6.46  ? 35  ASN A HA   1 
ATOM   629  H  HB2  . ASN A 1 35 ? -3.693  9.285   -11.874 1.00 10.31 ? 35  ASN A HB2  1 
ATOM   630  H  HB3  . ASN A 1 35 ? -2.203  9.216   -11.374 1.00 6.77  ? 35  ASN A HB3  1 
ATOM   631  H  HD21 . ASN A 1 35 ? -2.488  10.904  -14.653 1.00 15.25 ? 35  ASN A HD21 1 
ATOM   632  H  HD22 . ASN A 1 35 ? -3.269  11.094  -13.282 1.00 13.35 ? 35  ASN A HD22 1 
ATOM   633  N  N    . PRO A 1 36 ? -1.237  5.794   -12.846 1.00 2.38  ? 36  PRO A N    1 
ATOM   634  C  CA   . PRO A 1 36 ? 0.074   5.156   -12.983 1.00 6.93  ? 36  PRO A CA   1 
ATOM   635  C  C    . PRO A 1 36 ? 1.180   5.993   -13.540 1.00 4.50  ? 36  PRO A C    1 
ATOM   636  O  O    . PRO A 1 36 ? 2.359   5.545   -13.440 1.00 6.17  ? 36  PRO A O    1 
ATOM   637  C  CB   . PRO A 1 36 ? -0.162  3.864   -13.787 1.00 9.82  ? 36  PRO A CB   1 
ATOM   638  C  CG   . PRO A 1 36 ? -1.434  4.161   -14.559 1.00 13.90 ? 36  PRO A CG   1 
ATOM   639  C  CD   . PRO A 1 36 ? -2.251  5.045   -13.630 1.00 11.02 ? 36  PRO A CD   1 
ATOM   640  H  HA   . PRO A 1 36 ? 0.543   5.119   -12.187 1.00 5.27  ? 36  PRO A HA   1 
ATOM   641  H  HB2  . PRO A 1 36 ? 0.627   3.775   -14.403 1.00 9.45  ? 36  PRO A HB2  1 
ATOM   642  H  HB3  . PRO A 1 36 ? -0.123  3.093   -13.407 1.00 10.70 ? 36  PRO A HB3  1 
ATOM   643  H  HG2  . PRO A 1 36 ? -1.242  4.666   -15.391 1.00 15.22 ? 36  PRO A HG2  1 
ATOM   644  H  HG3  . PRO A 1 36 ? -1.825  3.448   -14.742 1.00 17.44 ? 36  PRO A HG3  1 
ATOM   645  H  HD2  . PRO A 1 36 ? -2.857  5.687   -14.073 1.00 12.07 ? 36  PRO A HD2  1 
ATOM   646  H  HD3  . PRO A 1 36 ? -2.848  4.486   -13.080 1.00 12.07 ? 36  PRO A HD3  1 
ATOM   647  N  N    . SER A 1 37 ? 0.849   7.128   -14.101 1.00 5.88  ? 37  SER A N    1 
ATOM   648  C  CA   . SER A 1 37 ? 1.881   8.052   -14.611 1.00 9.77  ? 37  SER A CA   1 
ATOM   649  C  C    . SER A 1 37 ? 2.506   8.800   -13.414 1.00 10.26 ? 37  SER A C    1 
ATOM   650  O  O    . SER A 1 37 ? 3.618   9.328   -13.547 1.00 10.12 ? 37  SER A O    1 
ATOM   651  C  CB   A SER A 1 37 ? 1.328   9.029   -15.630 0.50 10.38 ? 37  SER A CB   1 
ATOM   652  C  CB   B SER A 1 37 ? 1.317   9.071   -15.586 0.50 10.51 ? 37  SER A CB   1 
ATOM   653  O  OG   A SER A 1 37 ? 0.590   10.068  -15.043 0.50 9.91  ? 37  SER A OG   1 
ATOM   654  O  OG   B SER A 1 37 ? 0.810   8.461   -16.744 0.50 10.89 ? 37  SER A OG   1 
ATOM   655  H  H    . SER A 1 37 ? 0.006   7.423   -14.134 1.00 4.79  ? 37  SER A H    1 
ATOM   656  H  HA   . SER A 1 37 ? 2.584   7.568   -15.068 1.00 6.82  ? 37  SER A HA   1 
ATOM   657  H  HB2  A SER A 1 37 ? 2.109   9.443   -16.114 0.50 11.34 ? 37  SER A HB2  1 
ATOM   658  H  HB2  B SER A 1 37 ? 0.698   9.659   -15.170 0.50 9.84  ? 37  SER A HB2  1 
ATOM   659  H  HB3  A SER A 1 37 ? 0.801   8.556   -16.328 0.50 10.28 ? 37  SER A HB3  1 
ATOM   660  H  HB3  B SER A 1 37 ? 2.125   9.663   -15.899 0.50 11.72 ? 37  SER A HB3  1 
ATOM   661  H  HG   A SER A 1 37 ? -0.064  9.747   -14.595 0.50 14.18 ? 37  SER A HG   1 
ATOM   662  H  HG   B SER A 1 37 ? -0.062  8.542   -16.741 0.50 14.75 ? 37  SER A HG   1 
ATOM   663  N  N    . MET A 1 38 ? 1.791   8.789   -12.283 1.00 5.12  ? 38  MET A N    1 
ATOM   664  C  CA   . MET A 1 38 ? 2.208   9.490   -11.093 1.00 6.88  ? 38  MET A CA   1 
ATOM   665  C  C    . MET A 1 38 ? 2.451   8.692   -9.831  1.00 5.75  ? 38  MET A C    1 
ATOM   666  O  O    . MET A 1 38 ? 2.966   9.266   -8.859  1.00 4.25  ? 38  MET A O    1 
ATOM   667  C  CB   A MET A 1 38 ? 1.047   10.502  -10.730 0.50 10.35 ? 38  MET A CB   1 
ATOM   668  C  CB   B MET A 1 38 ? 1.047   10.502  -10.730 0.50 10.35 ? 38  MET A CB   1 
ATOM   669  C  CG   A MET A 1 38 ? 0.701   11.336  -11.940 0.50 15.79 ? 38  MET A CG   1 
ATOM   670  C  CG   B MET A 1 38 ? 0.733   11.343  -11.950 0.50 16.98 ? 38  MET A CG   1 
ATOM   671  S  SD   A MET A 1 38 ? -0.271  12.791  -11.566 0.50 18.89 ? 38  MET A SD   1 
ATOM   672  S  SD   B MET A 1 38 ? 1.502   12.953  -11.734 0.50 22.99 ? 38  MET A SD   1 
ATOM   673  C  CE   A MET A 1 38 ? -1.572  12.073  -10.543 0.50 22.45 ? 38  MET A CE   1 
ATOM   674  C  CE   B MET A 1 38 ? 0.230   13.711  -10.687 0.50 20.79 ? 38  MET A CE   1 
ATOM   675  H  H    . MET A 1 38 ? 0.977   8.401   -12.253 1.00 6.25  ? 38  MET A H    1 
ATOM   676  H  HA   . MET A 1 38 ? 2.933   10.083  -11.269 1.00 6.75  ? 38  MET A HA   1 
ATOM   677  H  HB2  A MET A 1 38 ? 0.277   9.991   -10.455 0.50 7.97  ? 38  MET A HB2  1 
ATOM   678  H  HB2  B MET A 1 38 ? 0.267   9.999   -10.478 0.50 8.31  ? 38  MET A HB2  1 
ATOM   679  H  HB3  A MET A 1 38 ? 1.383   11.074  -10.021 0.50 8.59  ? 38  MET A HB3  1 
ATOM   680  H  HB3  B MET A 1 38 ? 1.377   11.069  -10.018 0.50 9.00  ? 38  MET A HB3  1 
ATOM   681  H  HG2  A MET A 1 38 ? 1.493   11.769  -12.398 0.50 12.50 ? 38  MET A HG2  1 
ATOM   682  H  HG2  B MET A 1 38 ? 1.136   11.073  -12.810 0.50 17.18 ? 38  MET A HG2  1 
ATOM   683  H  HG3  A MET A 1 38 ? 0.194   10.805  -12.602 0.50 14.36 ? 38  MET A HG3  1 
ATOM   684  H  HG3  B MET A 1 38 ? -0.233  11.505  -12.031 0.50 16.13 ? 38  MET A HG3  1 
ATOM   685  H  HE1  A MET A 1 38 ? -1.928  11.324  -11.014 0.50 21.12 ? 38  MET A HE1  1 
ATOM   686  H  HE1  B MET A 1 38 ? 0.025   13.064  -9.995  0.50 21.04 ? 38  MET A HE1  1 
ATOM   687  H  HE2  A MET A 1 38 ? -1.136  11.843  -9.680  0.50 21.06 ? 38  MET A HE2  1 
ATOM   688  H  HE2  B MET A 1 38 ? 0.656   14.548  -10.372 0.50 22.65 ? 38  MET A HE2  1 
ATOM   689  H  HE3  A MET A 1 38 ? -2.236  12.804  -10.428 0.50 21.44 ? 38  MET A HE3  1 
ATOM   690  H  HE3  B MET A 1 38 ? -0.511  13.905  -11.294 0.50 21.19 ? 38  MET A HE3  1 
ATOM   691  N  N    . HIS A 1 39 ? 2.035   7.453   -9.829  1.00 4.50  ? 39  HIS A N    1 
ATOM   692  C  CA   . HIS A 1 39 ? 2.151   6.568   -8.660  1.00 7.52  ? 39  HIS A CA   1 
ATOM   693  C  C    . HIS A 1 39 ? 2.256   5.092   -9.056  1.00 5.92  ? 39  HIS A C    1 
ATOM   694  O  O    . HIS A 1 39 ? 1.958   4.711   -10.172 1.00 5.49  ? 39  HIS A O    1 
ATOM   695  C  CB   . HIS A 1 39 ? 0.919   6.740   -7.767  1.00 4.36  ? 39  HIS A CB   1 
ATOM   696  C  CG   . HIS A 1 39 ? 0.604   8.086   -7.211  1.00 7.01  ? 39  HIS A CG   1 
ATOM   697  N  ND1  . HIS A 1 39 ? 1.310   8.667   -6.151  1.00 6.29  ? 39  HIS A ND1  1 
ATOM   698  C  CD2  . HIS A 1 39 ? -0.400  8.947   -7.592  1.00 7.35  ? 39  HIS A CD2  1 
ATOM   699  C  CE1  . HIS A 1 39 ? 0.748   9.823   -5.951  1.00 5.93  ? 39  HIS A CE1  1 
ATOM   700  N  NE2  . HIS A 1 39 ? -0.280  10.040  -6.784  1.00 7.82  ? 39  HIS A NE2  1 
ATOM   701  H  H    . HIS A 1 39 ? 1.638   7.101   -10.582 1.00 6.58  ? 39  HIS A H    1 
ATOM   702  H  HA   . HIS A 1 39 ? 2.938   6.843   -8.146  1.00 6.00  ? 39  HIS A HA   1 
ATOM   703  H  HB2  . HIS A 1 39 ? 0.090   6.453   -8.328  1.00 4.44  ? 39  HIS A HB2  1 
ATOM   704  H  HB3  . HIS A 1 39 ? 0.991   6.033   -7.081  1.00 5.29  ? 39  HIS A HB3  1 
ATOM   705  H  HD2  . HIS A 1 39 ? -1.078  8.883   -8.281  1.00 6.91  ? 39  HIS A HD2  1 
ATOM   706  H  HE1  . HIS A 1 39 ? 1.039   10.453  -5.265  1.00 7.55  ? 39  HIS A HE1  1 
ATOM   707  H  HE2  . HIS A 1 39 ? -0.826  10.822  -6.799  1.00 9.29  ? 39  HIS A HE2  1 
ATOM   708  N  N    . ASN A 1 40 ? 2.669   4.276   -8.091  1.00 5.99  ? 40  ASN A N    1 
ATOM   709  C  CA   . ASN A 1 40 ? 2.824   2.838   -8.222  1.00 2.00  ? 40  ASN A CA   1 
ATOM   710  C  C    . ASN A 1 40 ? 2.523   2.224   -6.825  1.00 2.00  ? 40  ASN A C    1 
ATOM   711  O  O    . ASN A 1 40 ? 2.277   2.929   -5.848  1.00 2.51  ? 40  ASN A O    1 
ATOM   712  C  CB   . ASN A 1 40 ? 4.183   2.349   -8.767  1.00 3.18  ? 40  ASN A CB   1 
ATOM   713  C  CG   . ASN A 1 40 ? 5.369   2.771   -7.947  1.00 5.17  ? 40  ASN A CG   1 
ATOM   714  O  OD1  . ASN A 1 40 ? 5.237   3.090   -6.738  1.00 4.92  ? 40  ASN A OD1  1 
ATOM   715  N  ND2  . ASN A 1 40 ? 6.562   2.840   -8.548  1.00 8.18  ? 40  ASN A ND2  1 
ATOM   716  H  H    . ASN A 1 40 ? 2.874   4.622   -7.252  1.00 3.40  ? 40  ASN A H    1 
ATOM   717  H  HA   . ASN A 1 40 ? 2.201   2.494   -8.861  1.00 3.72  ? 40  ASN A HA   1 
ATOM   718  H  HB2  . ASN A 1 40 ? 4.186   1.316   -8.753  1.00 2.25  ? 40  ASN A HB2  1 
ATOM   719  H  HB3  . ASN A 1 40 ? 4.329   2.489   -9.716  1.00 2.00  ? 40  ASN A HB3  1 
ATOM   720  H  HD21 . ASN A 1 40 ? 7.310   3.096   -8.076  1.00 4.62  ? 40  ASN A HD21 1 
ATOM   721  H  HD22 . ASN A 1 40 ? 6.642   2.612   -9.419  1.00 6.31  ? 40  ASN A HD22 1 
ATOM   722  N  N    . VAL A 1 41 ? 2.553   0.894   -6.851  1.00 2.12  ? 41  VAL A N    1 
ATOM   723  C  CA   . VAL A 1 41 ? 2.341   0.100   -5.617  1.00 4.42  ? 41  VAL A CA   1 
ATOM   724  C  C    . VAL A 1 41 ? 3.545   -0.845  -5.575  1.00 5.38  ? 41  VAL A C    1 
ATOM   725  O  O    . VAL A 1 41 ? 3.780   -1.598  -6.553  1.00 7.36  ? 41  VAL A O    1 
ATOM   726  C  CB   . VAL A 1 41 ? 0.981   -0.633  -5.613  1.00 8.06  ? 41  VAL A CB   1 
ATOM   727  C  CG1  . VAL A 1 41 ? 0.813   -1.516  -4.377  1.00 7.39  ? 41  VAL A CG1  1 
ATOM   728  C  CG2  . VAL A 1 41 ? -0.196  0.306   -5.787  1.00 7.07  ? 41  VAL A CG2  1 
ATOM   729  H  H    . VAL A 1 41 ? 2.752   0.414   -7.589  1.00 2.00  ? 41  VAL A H    1 
ATOM   730  H  HA   . VAL A 1 41 ? 2.330   0.686   -4.863  1.00 2.00  ? 41  VAL A HA   1 
ATOM   731  H  HB   . VAL A 1 41 ? 0.966   -1.233  -6.409  1.00 6.15  ? 41  VAL A HB   1 
ATOM   732  H  HG11 . VAL A 1 41 ? 1.525   -2.162  -4.271  1.00 6.43  ? 41  VAL A HG11 1 
ATOM   733  H  HG12 . VAL A 1 41 ? 0.708   -0.981  -3.580  1.00 5.17  ? 41  VAL A HG12 1 
ATOM   734  H  HG13 . VAL A 1 41 ? -0.015  -2.064  -4.467  1.00 6.95  ? 41  VAL A HG13 1 
ATOM   735  H  HG21 . VAL A 1 41 ? -0.078  0.948   -6.510  1.00 11.26 ? 41  VAL A HG21 1 
ATOM   736  H  HG22 . VAL A 1 41 ? -0.970  -0.273  -6.125  1.00 13.62 ? 41  VAL A HG22 1 
ATOM   737  H  HG23 . VAL A 1 41 ? -0.530  0.764   -5.013  1.00 8.05  ? 41  VAL A HG23 1 
ATOM   738  N  N    . VAL A 1 42 ? 4.275   -0.808  -4.480  1.00 2.83  ? 42  VAL A N    1 
ATOM   739  C  CA   . VAL A 1 42 ? 5.462   -1.646  -4.303  1.00 2.23  ? 42  VAL A CA   1 
ATOM   740  C  C    . VAL A 1 42 ? 5.302   -2.452  -3.006  1.00 3.90  ? 42  VAL A C    1 
ATOM   741  O  O    . VAL A 1 42 ? 4.991   -1.866  -1.949  1.00 2.66  ? 42  VAL A O    1 
ATOM   742  C  CB   . VAL A 1 42 ? 6.744   -0.769  -4.329  1.00 4.21  ? 42  VAL A CB   1 
ATOM   743  C  CG1  . VAL A 1 42 ? 8.043   -1.558  -4.318  1.00 3.85  ? 42  VAL A CG1  1 
ATOM   744  C  CG2  . VAL A 1 42 ? 6.737   0.262   -5.453  1.00 6.61  ? 42  VAL A CG2  1 
ATOM   745  H  H    . VAL A 1 42 ? 4.064   -0.238  -3.796  1.00 4.72  ? 42  VAL A H    1 
ATOM   746  H  HA   . VAL A 1 42 ? 5.560   -2.260  -5.033  1.00 3.48  ? 42  VAL A HA   1 
ATOM   747  H  HB   . VAL A 1 42 ? 6.669   -0.243  -3.477  1.00 7.49  ? 42  VAL A HB   1 
ATOM   748  H  HG11 . VAL A 1 42 ? 8.165   -2.181  -5.023  1.00 2.00  ? 42  VAL A HG11 1 
ATOM   749  H  HG12 . VAL A 1 42 ? 8.830   -0.910  -4.397  1.00 2.11  ? 42  VAL A HG12 1 
ATOM   750  H  HG13 . VAL A 1 42 ? 8.230   -2.004  -3.463  1.00 2.37  ? 42  VAL A HG13 1 
ATOM   751  H  HG21 . VAL A 1 42 ? 6.393   -0.169  -6.309  1.00 3.11  ? 42  VAL A HG21 1 
ATOM   752  H  HG22 . VAL A 1 42 ? 6.036   0.955   -5.274  1.00 3.46  ? 42  VAL A HG22 1 
ATOM   753  H  HG23 . VAL A 1 42 ? 7.556   0.684   -5.606  1.00 2.00  ? 42  VAL A HG23 1 
ATOM   754  N  N    . VAL A 1 43 ? 5.526   -3.726  -3.142  1.00 2.00  ? 43  VAL A N    1 
ATOM   755  C  CA   . VAL A 1 43 ? 5.435   -4.684  -2.030  1.00 6.36  ? 43  VAL A CA   1 
ATOM   756  C  C    . VAL A 1 43 ? 6.828   -4.859  -1.416  1.00 6.30  ? 43  VAL A C    1 
ATOM   757  O  O    . VAL A 1 43 ? 7.728   -5.453  -2.035  1.00 8.80  ? 43  VAL A O    1 
ATOM   758  C  CB   . VAL A 1 43 ? 4.858   -6.027  -2.525  1.00 6.95  ? 43  VAL A CB   1 
ATOM   759  C  CG1  . VAL A 1 43 ? 4.607   -6.946  -1.323  1.00 8.20  ? 43  VAL A CG1  1 
ATOM   760  C  CG2  . VAL A 1 43 ? 3.621   -5.839  -3.357  1.00 10.68 ? 43  VAL A CG2  1 
ATOM   761  H  H    . VAL A 1 43 ? 5.759   -4.121  -3.938  1.00 2.48  ? 43  VAL A H    1 
ATOM   762  H  HA   . VAL A 1 43 ? 4.791   -4.344  -1.377  1.00 2.00  ? 43  VAL A HA   1 
ATOM   763  H  HB   . VAL A 1 43 ? 5.561   -6.409  -3.108  1.00 4.25  ? 43  VAL A HB   1 
ATOM   764  H  HG11 . VAL A 1 43 ? 4.089   -6.438  -0.637  1.00 5.42  ? 43  VAL A HG11 1 
ATOM   765  H  HG12 . VAL A 1 43 ? 4.132   -7.724  -1.500  1.00 6.77  ? 43  VAL A HG12 1 
ATOM   766  H  HG13 . VAL A 1 43 ? 5.466   -7.145  -0.879  1.00 8.33  ? 43  VAL A HG13 1 
ATOM   767  H  HG21 . VAL A 1 43 ? 2.955   -5.323  -2.817  1.00 6.47  ? 43  VAL A HG21 1 
ATOM   768  H  HG22 . VAL A 1 43 ? 3.828   -5.301  -4.170  1.00 7.12  ? 43  VAL A HG22 1 
ATOM   769  H  HG23 . VAL A 1 43 ? 3.218   -6.648  -3.667  1.00 7.05  ? 43  VAL A HG23 1 
ATOM   770  N  N    . VAL A 1 44 ? 6.930   -4.340  -0.198  1.00 4.37  ? 44  VAL A N    1 
ATOM   771  C  CA   . VAL A 1 44 ? 8.221   -4.385  0.534   1.00 9.08  ? 44  VAL A CA   1 
ATOM   772  C  C    . VAL A 1 44 ? 8.116   -5.123  1.859   1.00 9.44  ? 44  VAL A C    1 
ATOM   773  O  O    . VAL A 1 44 ? 7.070   -5.661  2.205   1.00 10.77 ? 44  VAL A O    1 
ATOM   774  C  CB   . VAL A 1 44 ? 8.700   -2.913  0.714   1.00 7.11  ? 44  VAL A CB   1 
ATOM   775  C  CG1  . VAL A 1 44 ? 8.925   -2.201  -0.606  1.00 8.47  ? 44  VAL A CG1  1 
ATOM   776  C  CG2  . VAL A 1 44 ? 7.762   -2.112  1.605   1.00 4.31  ? 44  VAL A CG2  1 
ATOM   777  H  H    . VAL A 1 44 ? 6.256   -3.905  0.206   1.00 5.17  ? 44  VAL A H    1 
ATOM   778  H  HA   . VAL A 1 44 ? 8.885   -4.780  -0.034  1.00 7.18  ? 44  VAL A HA   1 
ATOM   779  H  HB   . VAL A 1 44 ? 9.571   -2.955  1.201   1.00 9.70  ? 44  VAL A HB   1 
ATOM   780  H  HG11 . VAL A 1 44 ? 9.330   -2.587  -1.305  1.00 9.33  ? 44  VAL A HG11 1 
ATOM   781  H  HG12 . VAL A 1 44 ? 8.239   -1.528  -0.775  1.00 9.61  ? 44  VAL A HG12 1 
ATOM   782  H  HG13 . VAL A 1 44 ? 9.692   -1.425  -0.339  1.00 11.27 ? 44  VAL A HG13 1 
ATOM   783  H  HG21 . VAL A 1 44 ? 6.852   -2.084  1.297   1.00 3.36  ? 44  VAL A HG21 1 
ATOM   784  H  HG22 . VAL A 1 44 ? 7.797   -2.422  2.531   1.00 5.03  ? 44  VAL A HG22 1 
ATOM   785  H  HG23 . VAL A 1 44 ? 8.071   -1.173  1.641   1.00 4.66  ? 44  VAL A HG23 1 
ATOM   786  N  N    . ASN A 1 45 ? 9.236   -5.079  2.575   1.00 7.73  ? 45  ASN A N    1 
ATOM   787  C  CA   . ASN A 1 45 ? 9.307   -5.707  3.925   1.00 5.80  ? 45  ASN A CA   1 
ATOM   788  C  C    . ASN A 1 45 ? 9.200   -4.601  4.938   1.00 3.34  ? 45  ASN A C    1 
ATOM   789  O  O    . ASN A 1 45 ? 9.152   -3.376  4.623   1.00 5.90  ? 45  ASN A O    1 
ATOM   790  C  CB   . ASN A 1 45 ? 10.562  -6.588  3.994   1.00 8.17  ? 45  ASN A CB   1 
ATOM   791  C  CG   . ASN A 1 45 ? 11.845  -5.800  3.781   1.00 7.03  ? 45  ASN A CG   1 
ATOM   792  O  OD1  . ASN A 1 45 ? 11.866  -4.570  3.694   1.00 9.11  ? 45  ASN A OD1  1 
ATOM   793  N  ND2  . ASN A 1 45 ? 12.947  -6.549  3.733   1.00 11.45 ? 45  ASN A ND2  1 
ATOM   794  H  H    . ASN A 1 45 ? 9.985   -4.660  2.321   1.00 7.91  ? 45  ASN A H    1 
ATOM   795  H  HA   . ASN A 1 45 ? 8.599   -6.345  3.990   1.00 6.61  ? 45  ASN A HA   1 
ATOM   796  H  HB2  . ASN A 1 45 ? 10.635  -6.936  4.947   1.00 5.72  ? 45  ASN A HB2  1 
ATOM   797  H  HB3  . ASN A 1 45 ? 10.542  -7.351  3.425   1.00 4.54  ? 45  ASN A HB3  1 
ATOM   798  H  HD21 . ASN A 1 45 ? 13.779  -6.124  3.610   1.00 10.08 ? 45  ASN A HD21 1 
ATOM   799  H  HD22 . ASN A 1 45 ? 12.913  -7.454  3.805   1.00 8.96  ? 45  ASN A HD22 1 
ATOM   800  N  N    . GLN A 1 46 ? 9.158   -4.981  6.234   1.00 6.11  ? 46  GLN A N    1 
ATOM   801  C  CA   . GLN A 1 46 ? 9.023   -3.973  7.305   1.00 4.27  ? 46  GLN A CA   1 
ATOM   802  C  C    . GLN A 1 46 ? 10.103  -2.907  7.262   1.00 4.30  ? 46  GLN A C    1 
ATOM   803  O  O    . GLN A 1 46 ? 9.850   -1.698  7.447   1.00 5.42  ? 46  GLN A O    1 
ATOM   804  C  CB   . GLN A 1 46 ? 8.916   -4.669  8.666   1.00 4.25  ? 46  GLN A CB   1 
ATOM   805  C  CG   . GLN A 1 46 ? 8.635   -3.635  9.769   1.00 10.21 ? 46  GLN A CG   1 
ATOM   806  C  CD   . GLN A 1 46 ? 8.347   -4.284  11.103  1.00 15.41 ? 46  GLN A CD   1 
ATOM   807  O  OE1  . GLN A 1 46 ? 8.745   -5.430  11.352  1.00 22.46 ? 46  GLN A OE1  1 
ATOM   808  N  NE2  . GLN A 1 46 ? 7.664   -3.536  11.975  1.00 18.04 ? 46  GLN A NE2  1 
ATOM   809  H  H    . GLN A 1 46 ? 9.179   -5.832  6.470   1.00 3.13  ? 46  GLN A H    1 
ATOM   810  H  HA   . GLN A 1 46 ? 8.160   -3.501  7.191   1.00 2.00  ? 46  GLN A HA   1 
ATOM   811  H  HB2  . GLN A 1 46 ? 8.125   -5.267  8.586   1.00 3.22  ? 46  GLN A HB2  1 
ATOM   812  H  HB3  . GLN A 1 46 ? 9.690   -5.201  8.850   1.00 2.19  ? 46  GLN A HB3  1 
ATOM   813  H  HG2  . GLN A 1 46 ? 9.540   -3.109  9.910   1.00 10.10 ? 46  GLN A HG2  1 
ATOM   814  H  HG3  . GLN A 1 46 ? 8.010   -3.008  9.535   1.00 8.09  ? 46  GLN A HG3  1 
ATOM   815  H  HE21 . GLN A 1 46 ? 7.463   -3.883  12.800  1.00 16.55 ? 46  GLN A HE21 1 
ATOM   816  H  HE22 . GLN A 1 46 ? 7.389   -2.704  11.770  1.00 14.97 ? 46  GLN A HE22 1 
ATOM   817  N  N    . GLY A 1 47 ? 11.336  -3.308  6.978   1.00 4.30  ? 47  GLY A N    1 
ATOM   818  C  CA   . GLY A 1 47 ? 12.491  -2.428  6.889   1.00 8.22  ? 47  GLY A CA   1 
ATOM   819  C  C    . GLY A 1 47 ? 12.364  -1.339  5.842   1.00 9.12  ? 47  GLY A C    1 
ATOM   820  O  O    . GLY A 1 47 ? 12.658  -0.139  6.073   1.00 9.60  ? 47  GLY A O    1 
ATOM   821  H  H    . GLY A 1 47 ? 11.511  -4.201  6.833   1.00 6.38  ? 47  GLY A H    1 
ATOM   822  H  HA2  . GLY A 1 47 ? 12.430  -1.880  7.801   1.00 7.22  ? 47  GLY A HA2  1 
ATOM   823  H  HA3  . GLY A 1 47 ? 13.302  -2.880  6.913   1.00 7.85  ? 47  GLY A HA3  1 
ATOM   824  N  N    . GLY A 1 48 ? 11.943  -1.764  4.671   1.00 7.96  ? 48  GLY A N    1 
ATOM   825  C  CA   . GLY A 1 48 ? 11.726  -0.904  3.509   1.00 10.19 ? 48  GLY A CA   1 
ATOM   826  C  C    . GLY A 1 48 ? 10.593  0.062   3.801   1.00 12.62 ? 48  GLY A C    1 
ATOM   827  O  O    . GLY A 1 48 ? 10.649  1.265   3.458   1.00 13.33 ? 48  GLY A O    1 
ATOM   828  H  H    . GLY A 1 48 ? 11.728  -2.652  4.520   1.00 9.15  ? 48  GLY A H    1 
ATOM   829  H  HA2  . GLY A 1 48 ? 12.513  -0.465  3.260   1.00 8.76  ? 48  GLY A HA2  1 
ATOM   830  H  HA3  . GLY A 1 48 ? 11.412  -1.521  2.767   1.00 9.99  ? 48  GLY A HA3  1 
ATOM   831  N  N    . PHE A 1 49 ? 9.570   -0.465  4.481   1.00 7.74  ? 49  PHE A N    1 
ATOM   832  C  CA   . PHE A 1 49 ? 8.416   0.351   4.837   1.00 6.35  ? 49  PHE A CA   1 
ATOM   833  C  C    . PHE A 1 49 ? 8.883   1.517   5.733   1.00 10.00 ? 49  PHE A C    1 
ATOM   834  O  O    . PHE A 1 49 ? 8.482   2.668   5.547   1.00 10.43 ? 49  PHE A O    1 
ATOM   835  C  CB   . PHE A 1 49 ? 7.308   -0.438  5.506   1.00 8.26  ? 49  PHE A CB   1 
ATOM   836  C  CG   . PHE A 1 49 ? 6.163   0.307   6.097   1.00 6.63  ? 49  PHE A CG   1 
ATOM   837  C  CD1  . PHE A 1 49 ? 5.047   0.673   5.301   1.00 4.40  ? 49  PHE A CD1  1 
ATOM   838  C  CD2  . PHE A 1 49 ? 6.155   0.666   7.437   1.00 6.32  ? 49  PHE A CD2  1 
ATOM   839  C  CE1  . PHE A 1 49 ? 3.973   1.358   5.842   1.00 8.09  ? 49  PHE A CE1  1 
ATOM   840  C  CE2  . PHE A 1 49 ? 5.082   1.351   7.986   1.00 9.20  ? 49  PHE A CE2  1 
ATOM   841  C  CZ   . PHE A 1 49 ? 3.988   1.717   7.210   1.00 8.91  ? 49  PHE A CZ   1 
ATOM   842  H  H    . PHE A 1 49 ? 9.559   -1.335  4.722   1.00 11.13 ? 49  PHE A H    1 
ATOM   843  H  HA   . PHE A 1 49 ? 8.002   0.715   4.059   1.00 8.68  ? 49  PHE A HA   1 
ATOM   844  H  HB2  . PHE A 1 49 ? 6.997   -1.073  4.800   1.00 10.55 ? 49  PHE A HB2  1 
ATOM   845  H  HB3  . PHE A 1 49 ? 7.756   -1.030  6.173   1.00 10.05 ? 49  PHE A HB3  1 
ATOM   846  H  HD1  . PHE A 1 49 ? 5.066   0.417   4.373   1.00 7.08  ? 49  PHE A HD1  1 
ATOM   847  H  HD2  . PHE A 1 49 ? 6.892   0.418   7.955   1.00 6.78  ? 49  PHE A HD2  1 
ATOM   848  H  HE1  . PHE A 1 49 ? 3.238   1.607   5.345   1.00 7.49  ? 49  PHE A HE1  1 
ATOM   849  H  HE2  . PHE A 1 49 ? 5.092   1.591   8.911   1.00 10.22 ? 49  PHE A HE2  1 
ATOM   850  H  HZ   . PHE A 1 49 ? 3.267   2.186   7.597   1.00 6.94  ? 49  PHE A HZ   1 
ATOM   851  N  N    . SER A 1 50 ? 9.709   1.147   6.703   1.00 6.15  ? 50  SER A N    1 
ATOM   852  C  CA   . SER A 1 50 ? 10.196  2.141   7.664   1.00 7.05  ? 50  SER A CA   1 
ATOM   853  C  C    . SER A 1 50 ? 11.155  3.134   7.079   1.00 7.10  ? 50  SER A C    1 
ATOM   854  O  O    . SER A 1 50 ? 11.019  4.334   7.430   1.00 15.33 ? 50  SER A O    1 
ATOM   855  C  CB   . SER A 1 50 ? 10.785  1.430   8.886   1.00 13.30 ? 50  SER A CB   1 
ATOM   856  O  OG   . SER A 1 50 ? 9.748   0.792   9.631   1.00 20.36 ? 50  SER A OG   1 
ATOM   857  H  H    . SER A 1 50 ? 9.965   0.296   6.828   1.00 6.49  ? 50  SER A H    1 
ATOM   858  H  HA   . SER A 1 50 ? 9.415   2.616   8.021   1.00 2.95  ? 50  SER A HA   1 
ATOM   859  H  HB2  . SER A 1 50 ? 11.413  0.750   8.559   1.00 10.52 ? 50  SER A HB2  1 
ATOM   860  H  HB3  . SER A 1 50 ? 11.258  2.097   9.448   1.00 11.18 ? 50  SER A HB3  1 
ATOM   861  H  HG   . SER A 1 50 ? 9.576   0.012   9.273   1.00 17.17 ? 50  SER A HG   1 
ATOM   862  N  N    . THR A 1 51 ? 12.092  2.724   6.248   1.00 9.02  ? 51  THR A N    1 
ATOM   863  C  CA   . THR A 1 51 ? 13.089  3.647   5.683   1.00 6.01  ? 51  THR A CA   1 
ATOM   864  C  C    . THR A 1 51 ? 12.757  4.219   4.312   1.00 9.22  ? 51  THR A C    1 
ATOM   865  O  O    . THR A 1 51 ? 13.500  5.076   3.807   1.00 6.73  ? 51  THR A O    1 
ATOM   866  C  CB   . THR A 1 51 ? 14.446  2.914   5.622   1.00 10.72 ? 51  THR A CB   1 
ATOM   867  O  OG1  . THR A 1 51 ? 14.266  1.849   4.687   1.00 11.37 ? 51  THR A OG1  1 
ATOM   868  C  CG2  . THR A 1 51 ? 14.891  2.406   6.984   1.00 14.04 ? 51  THR A CG2  1 
ATOM   869  H  H    . THR A 1 51 ? 12.149  1.837   6.047   1.00 8.98  ? 51  THR A H    1 
ATOM   870  H  HA   . THR A 1 51 ? 13.201  4.377   6.314   1.00 2.98  ? 51  THR A HA   1 
ATOM   871  H  HB   . THR A 1 51 ? 15.099  3.564   5.220   1.00 8.35  ? 51  THR A HB   1 
ATOM   872  H  HG1  . THR A 1 51 ? 13.689  1.250   4.885   1.00 9.73  ? 51  THR A HG1  1 
ATOM   873  H  HG21 . THR A 1 51 ? 14.850  3.067   7.693   1.00 6.40  ? 51  THR A HG21 1 
ATOM   874  H  HG22 . THR A 1 51 ? 14.238  1.652   7.300   1.00 11.45 ? 51  THR A HG22 1 
ATOM   875  H  HG23 . THR A 1 51 ? 15.769  1.966   6.918   1.00 8.67  ? 51  THR A HG23 1 
ATOM   876  N  N    . CYS A 1 52 ? 11.703  3.709   3.710   1.00 7.33  ? 52  CYS A N    1 
ATOM   877  C  CA   . CYS A 1 52 ? 11.292  4.135   2.370   1.00 4.26  ? 52  CYS A CA   1 
ATOM   878  C  C    . CYS A 1 52 ? 12.351  3.719   1.363   1.00 10.43 ? 52  CYS A C    1 
ATOM   879  O  O    . CYS A 1 52 ? 12.553  4.390   0.339   1.00 9.76  ? 52  CYS A O    1 
ATOM   880  C  CB   . CYS A 1 52 ? 10.992  5.644   2.363   1.00 5.56  ? 52  CYS A CB   1 
ATOM   881  S  SG   . CYS A 1 52 ? 9.410   5.997   3.131   1.00 6.39  ? 52  CYS A SG   1 
ATOM   882  H  H    . CYS A 1 52 ? 11.192  3.064   4.109   1.00 9.59  ? 52  CYS A H    1 
ATOM   883  H  HA   . CYS A 1 52 ? 10.469  3.717   2.148   1.00 8.58  ? 52  CYS A HA   1 
ATOM   884  H  HB2  . CYS A 1 52 ? 11.643  6.097   2.919   1.00 3.47  ? 52  CYS A HB2  1 
ATOM   885  H  HB3  . CYS A 1 52 ? 10.985  6.005   1.477   1.00 2.35  ? 52  CYS A HB3  1 
ATOM   886  N  N    . ASN A 1 53 ? 12.997  2.600   1.648   1.00 8.80  ? 53  ASN A N    1 
ATOM   887  C  CA   . ASN A 1 53 ? 14.016  2.039   0.761   1.00 12.67 ? 53  ASN A CA   1 
ATOM   888  C  C    . ASN A 1 53 ? 13.401  0.770   0.140   1.00 10.96 ? 53  ASN A C    1 
ATOM   889  O  O    . ASN A 1 53 ? 12.893  -0.042  0.908   1.00 16.70 ? 53  ASN A O    1 
ATOM   890  C  CB   . ASN A 1 53 ? 15.332  1.773   1.460   1.00 16.59 ? 53  ASN A CB   1 
ATOM   891  C  CG   . ASN A 1 53 ? 16.120  2.995   1.854   1.00 21.92 ? 53  ASN A CG   1 
ATOM   892  O  OD1  . ASN A 1 53 ? 16.315  3.984   1.140   1.00 24.58 ? 53  ASN A OD1  1 
ATOM   893  N  ND2  . ASN A 1 53 ? 16.609  2.945   3.092   1.00 27.21 ? 53  ASN A ND2  1 
ATOM   894  H  H    . ASN A 1 53 ? 12.824  2.121   2.389   1.00 10.11 ? 53  ASN A H    1 
ATOM   895  H  HA   . ASN A 1 53 ? 14.203  2.698   0.098   1.00 11.07 ? 53  ASN A HA   1 
ATOM   896  H  HB2  . ASN A 1 53 ? 15.075  1.312   2.351   1.00 16.77 ? 53  ASN A HB2  1 
ATOM   897  H  HB3  . ASN A 1 53 ? 15.887  1.107   1.040   1.00 15.93 ? 53  ASN A HB3  1 
ATOM   898  H  HD21 . ASN A 1 53 ? 17.117  3.670   3.432   1.00 24.96 ? 53  ASN A HD21 1 
ATOM   899  H  HD22 . ASN A 1 53 ? 16.478  2.226   3.650   1.00 24.25 ? 53  ASN A HD22 1 
ATOM   900  N  N    . THR A 1 54 ? 13.446  0.659   -1.171  1.00 11.70 ? 54  THR A N    1 
ATOM   901  C  CA   . THR A 1 54 ? 12.915  -0.502  -1.906  1.00 9.82  ? 54  THR A CA   1 
ATOM   902  C  C    . THR A 1 54 ? 13.946  -1.636  -1.936  1.00 14.77 ? 54  THR A C    1 
ATOM   903  O  O    . THR A 1 54 ? 15.055  -1.479  -2.509  1.00 15.38 ? 54  THR A O    1 
ATOM   904  C  CB   . THR A 1 54 ? 12.518  -0.133  -3.363  1.00 8.81  ? 54  THR A CB   1 
ATOM   905  O  OG1  . THR A 1 54 ? 11.600  0.922   -3.338  1.00 9.08  ? 54  THR A OG1  1 
ATOM   906  C  CG2  . THR A 1 54 ? 11.873  -1.333  -4.060  1.00 9.89  ? 54  THR A CG2  1 
ATOM   907  H  H    . THR A 1 54 ? 13.846  1.309   -1.676  1.00 13.65 ? 54  THR A H    1 
ATOM   908  H  HA   . THR A 1 54 ? 12.073  -0.801  -1.517  1.00 9.81  ? 54  THR A HA   1 
ATOM   909  H  HB   . THR A 1 54 ? 13.331  0.152   -3.861  1.00 8.99  ? 54  THR A HB   1 
ATOM   910  H  HG1  . THR A 1 54 ? 11.976  1.720   -3.519  1.00 11.09 ? 54  THR A HG1  1 
ATOM   911  H  HG21 . THR A 1 54 ? 11.105  -1.682  -3.406  1.00 8.04  ? 54  THR A HG21 1 
ATOM   912  H  HG22 . THR A 1 54 ? 11.305  -0.956  -4.807  1.00 8.45  ? 54  THR A HG22 1 
ATOM   913  H  HG23 . THR A 1 54 ? 12.426  -2.019  -4.265  1.00 7.83  ? 54  THR A HG23 1 
ATOM   914  N  N    . PRO A 1 55 ? 13.587  -2.765  -1.344  1.00 11.08 ? 55  PRO A N    1 
ATOM   915  C  CA   . PRO A 1 55 ? 14.453  -3.938  -1.332  1.00 13.94 ? 55  PRO A CA   1 
ATOM   916  C  C    . PRO A 1 55 ? 14.602  -4.478  -2.749  1.00 12.89 ? 55  PRO A C    1 
ATOM   917  O  O    . PRO A 1 55 ? 13.664  -4.346  -3.578  1.00 10.61 ? 55  PRO A O    1 
ATOM   918  C  CB   . PRO A 1 55 ? 13.725  -4.950  -0.434  1.00 15.58 ? 55  PRO A CB   1 
ATOM   919  C  CG   . PRO A 1 55 ? 12.639  -4.209  0.309   1.00 14.53 ? 55  PRO A CG   1 
ATOM   920  C  CD   . PRO A 1 55 ? 12.291  -3.052  -0.650  1.00 12.58 ? 55  PRO A CD   1 
ATOM   921  H  HA   . PRO A 1 55 ? 15.306  -3.646  -0.927  1.00 11.71 ? 55  PRO A HA   1 
ATOM   922  H  HB2  . PRO A 1 55 ? 13.269  -5.602  -1.042  1.00 12.61 ? 55  PRO A HB2  1 
ATOM   923  H  HB3  . PRO A 1 55 ? 14.210  -5.466  0.078   1.00 14.32 ? 55  PRO A HB3  1 
ATOM   924  H  HG2  . PRO A 1 55 ? 11.846  -4.756  0.458   1.00 12.77 ? 55  PRO A HG2  1 
ATOM   925  H  HG3  . PRO A 1 55 ? 12.924  -3.913  1.036   1.00 13.33 ? 55  PRO A HG3  1 
ATOM   926  H  HD2  . PRO A 1 55 ? 11.608  -3.303  -1.318  1.00 11.28 ? 55  PRO A HD2  1 
ATOM   927  H  HD3  . PRO A 1 55 ? 11.881  -2.358  -0.117  1.00 9.40  ? 55  PRO A HD3  1 
ATOM   928  N  N    . ALA A 1 56 ? 15.748  -5.101  -3.015  1.00 12.71 ? 56  ALA A N    1 
ATOM   929  C  CA   . ALA A 1 56 ? 16.010  -5.711  -4.313  1.00 12.42 ? 56  ALA A CA   1 
ATOM   930  C  C    . ALA A 1 56 ? 14.929  -6.777  -4.588  1.00 13.19 ? 56  ALA A C    1 
ATOM   931  O  O    . ALA A 1 56 ? 14.653  -7.611  -3.706  1.00 15.47 ? 56  ALA A O    1 
ATOM   932  C  CB   . ALA A 1 56 ? 17.372  -6.403  -4.354  1.00 12.70 ? 56  ALA A CB   1 
ATOM   933  H  H    . ALA A 1 56 ? 16.386  -5.196  -2.390  1.00 13.30 ? 56  ALA A H    1 
ATOM   934  H  HA   . ALA A 1 56 ? 16.023  -5.042  -5.009  1.00 13.69 ? 56  ALA A HA   1 
ATOM   935  H  HB1  . ALA A 1 56 ? 17.550  -6.926  -3.546  1.00 8.03  ? 56  ALA A HB1  1 
ATOM   936  H  HB2  . ALA A 1 56 ? 17.344  -7.125  -5.095  1.00 10.03 ? 56  ALA A HB2  1 
ATOM   937  H  HB3  . ALA A 1 56 ? 18.076  -5.801  -4.600  1.00 11.98 ? 56  ALA A HB3  1 
ATOM   938  N  N    . GLY A 1 57 ? 14.371  -6.729  -5.779  1.00 16.15 ? 57  GLY A N    1 
ATOM   939  C  CA   . GLY A 1 57 ? 13.370  -7.711  -6.193  1.00 16.80 ? 57  GLY A CA   1 
ATOM   940  C  C    . GLY A 1 57 ? 11.941  -7.475  -5.778  1.00 14.47 ? 57  GLY A C    1 
ATOM   941  O  O    . GLY A 1 57 ? 11.065  -8.335  -6.068  1.00 14.29 ? 57  GLY A O    1 
ATOM   942  H  H    . GLY A 1 57 ? 14.624  -6.107  -6.398  1.00 12.58 ? 57  GLY A H    1 
ATOM   943  H  HA2  . GLY A 1 57 ? 13.419  -7.801  -7.179  1.00 16.26 ? 57  GLY A HA2  1 
ATOM   944  H  HA3  . GLY A 1 57 ? 13.660  -8.626  -5.841  1.00 15.66 ? 57  GLY A HA3  1 
ATOM   945  N  N    . ALA A 1 58 ? 11.715  -6.362  -5.139  1.00 8.88  ? 58  ALA A N    1 
ATOM   946  C  CA   . ALA A 1 58 ? 10.353  -5.994  -4.694  1.00 9.41  ? 58  ALA A CA   1 
ATOM   947  C  C    . ALA A 1 58 ? 9.442   -5.936  -5.927  1.00 9.87  ? 58  ALA A C    1 
ATOM   948  O  O    . ALA A 1 58 ? 9.834   -5.397  -6.977  1.00 12.32 ? 58  ALA A O    1 
ATOM   949  C  CB   . ALA A 1 58 ? 10.463  -4.658  -3.977  1.00 7.19  ? 58  ALA A CB   1 
ATOM   950  H  H    . ALA A 1 58 ? 12.363  -5.756  -4.953  1.00 11.39 ? 58  ALA A H    1 
ATOM   951  H  HA   . ALA A 1 58 ? 10.078  -6.662  -4.067  1.00 8.17  ? 58  ALA A HA   1 
ATOM   952  H  HB1  . ALA A 1 58 ? 10.842  -3.968  -4.571  1.00 8.17  ? 58  ALA A HB1  1 
ATOM   953  H  HB2  . ALA A 1 58 ? 9.590   -4.339  -3.660  1.00 8.35  ? 58  ALA A HB2  1 
ATOM   954  H  HB3  . ALA A 1 58 ? 11.073  -4.748  -3.199  1.00 7.15  ? 58  ALA A HB3  1 
ATOM   955  N  N    . LYS A 1 59 ? 8.239   -6.456  -5.795  1.00 13.09 ? 59  LYS A N    1 
ATOM   956  C  CA   . LYS A 1 59 ? 7.224   -6.462  -6.863  1.00 14.15 ? 59  LYS A CA   1 
ATOM   957  C  C    . LYS A 1 59 ? 6.597   -5.055  -6.963  1.00 5.90  ? 59  LYS A C    1 
ATOM   958  O  O    . LYS A 1 59 ? 6.215   -4.479  -5.966  1.00 6.89  ? 59  LYS A O    1 
ATOM   959  C  CB   . LYS A 1 59 ? 6.079   -7.413  -6.612  1.00 18.86 ? 59  LYS A CB   1 
ATOM   960  C  CG   . LYS A 1 59 ? 5.199   -7.851  -7.746  1.00 27.39 ? 59  LYS A CG   1 
ATOM   961  C  CD   . LYS A 1 59 ? 4.826   -6.863  -8.821  1.00 35.61 ? 59  LYS A CD   1 
ATOM   962  C  CE   . LYS A 1 59 ? 3.701   -7.338  -9.739  1.00 38.75 ? 59  LYS A CE   1 
ATOM   963  N  NZ   . LYS A 1 59 ? 3.602   -6.603  -11.025 1.00 39.43 ? 59  LYS A NZ   1 
ATOM   964  H  H    . LYS A 1 59 ? 7.978   -6.832  -5.001  1.00 12.01 ? 59  LYS A H    1 
ATOM   965  H  HA   . LYS A 1 59 ? 7.629   -6.656  -7.719  1.00 11.78 ? 59  LYS A HA   1 
ATOM   966  H  HB2  . LYS A 1 59 ? 6.441   -8.246  -6.137  1.00 15.47 ? 59  LYS A HB2  1 
ATOM   967  H  HB3  . LYS A 1 59 ? 5.492   -6.957  -5.903  1.00 17.66 ? 59  LYS A HB3  1 
ATOM   968  H  HG2  . LYS A 1 59 ? 5.622   -8.685  -8.187  1.00 26.35 ? 59  LYS A HG2  1 
ATOM   969  H  HG3  . LYS A 1 59 ? 4.325   -8.230  -7.372  1.00 26.16 ? 59  LYS A HG3  1 
ATOM   970  H  HD2  . LYS A 1 59 ? 4.526   -6.013  -8.384  1.00 35.36 ? 59  LYS A HD2  1 
ATOM   971  H  HD3  . LYS A 1 59 ? 5.630   -6.655  -9.372  1.00 33.97 ? 59  LYS A HD3  1 
ATOM   972  H  HE2  . LYS A 1 59 ? 3.699   -8.300  -9.916  1.00 38.47 ? 59  LYS A HE2  1 
ATOM   973  H  HE3  . LYS A 1 59 ? 2.834   -7.101  -9.305  1.00 37.97 ? 59  LYS A HE3  1 
ATOM   974  H  HZ1  . LYS A 1 59 ? 3.571   -5.711  -10.936 1.00 38.98 ? 59  LYS A HZ1  1 
ATOM   975  H  HZ2  . LYS A 1 59 ? 4.243   -6.900  -11.633 1.00 39.25 ? 59  LYS A HZ2  1 
ATOM   976  H  HZ3  . LYS A 1 59 ? 2.780   -6.828  -11.482 1.00 38.32 ? 59  LYS A HZ3  1 
ATOM   977  N  N    . VAL A 1 60 ? 6.526   -4.600  -8.203  1.00 7.69  ? 60  VAL A N    1 
ATOM   978  C  CA   . VAL A 1 60 ? 5.947   -3.303  -8.539  1.00 8.05  ? 60  VAL A CA   1 
ATOM   979  C  C    . VAL A 1 60 ? 4.702   -3.469  -9.402  1.00 7.48  ? 60  VAL A C    1 
ATOM   980  O  O    . VAL A 1 60 ? 4.785   -4.204  -10.411 1.00 9.33  ? 60  VAL A O    1 
ATOM   981  C  CB   . VAL A 1 60 ? 7.006   -2.419  -9.227  1.00 11.27 ? 60  VAL A CB   1 
ATOM   982  C  CG1  . VAL A 1 60 ? 6.438   -1.051  -9.589  1.00 12.47 ? 60  VAL A CG1  1 
ATOM   983  C  CG2  . VAL A 1 60 ? 8.265   -2.302  -8.392  1.00 16.76 ? 60  VAL A CG2  1 
ATOM   984  H  H    . VAL A 1 60 ? 6.820   -5.072  -8.921  1.00 11.06 ? 60  VAL A H    1 
ATOM   985  H  HA   . VAL A 1 60 ? 5.697   -2.819  -7.735  1.00 11.28 ? 60  VAL A HA   1 
ATOM   986  H  HB   . VAL A 1 60 ? 7.251   -2.924  -10.041 1.00 11.34 ? 60  VAL A HB   1 
ATOM   987  H  HG11 . VAL A 1 60 ? 5.944   -0.666  -8.794  1.00 10.77 ? 60  VAL A HG11 1 
ATOM   988  H  HG12 . VAL A 1 60 ? 7.120   -0.393  -9.742  1.00 13.44 ? 60  VAL A HG12 1 
ATOM   989  H  HG13 . VAL A 1 60 ? 5.829   -1.073  -10.329 1.00 11.60 ? 60  VAL A HG13 1 
ATOM   990  H  HG21 . VAL A 1 60 ? 8.063   -2.056  -7.456  1.00 13.66 ? 60  VAL A HG21 1 
ATOM   991  H  HG22 . VAL A 1 60 ? 8.763   -3.156  -8.403  1.00 13.15 ? 60  VAL A HG22 1 
ATOM   992  H  HG23 . VAL A 1 60 ? 8.862   -1.601  -8.711  1.00 15.03 ? 60  VAL A HG23 1 
ATOM   993  N  N    . TYR A 1 61 ? 3.658   -2.810  -8.993  1.00 2.28  ? 61  TYR A N    1 
ATOM   994  C  CA   . TYR A 1 61 ? 2.350   -2.820  -9.697  1.00 7.60  ? 61  TYR A CA   1 
ATOM   995  C  C    . TYR A 1 61 ? 2.158   -1.448  -10.315 1.00 6.20  ? 61  TYR A C    1 
ATOM   996  O  O    . TYR A 1 61 ? 2.515   -0.463  -9.641  1.00 4.74  ? 61  TYR A O    1 
ATOM   997  C  CB   . TYR A 1 61 ? 1.210   -3.152  -8.734  1.00 9.30  ? 61  TYR A CB   1 
ATOM   998  C  CG   . TYR A 1 61 ? 1.250   -4.578  -8.230  1.00 11.36 ? 61  TYR A CG   1 
ATOM   999  C  CD1  . TYR A 1 61 ? 2.042   -4.922  -7.135  1.00 12.71 ? 61  TYR A CD1  1 
ATOM   1000 C  CD2  . TYR A 1 61 ? 0.506   -5.575  -8.861  1.00 15.57 ? 61  TYR A CD2  1 
ATOM   1001 C  CE1  . TYR A 1 61 ? 2.090   -6.228  -6.679  1.00 16.14 ? 61  TYR A CE1  1 
ATOM   1002 C  CE2  . TYR A 1 61 ? 0.540   -6.887  -8.408  1.00 21.12 ? 61  TYR A CE2  1 
ATOM   1003 C  CZ   . TYR A 1 61 ? 1.337   -7.213  -7.313  1.00 19.76 ? 61  TYR A CZ   1 
ATOM   1004 O  OH   . TYR A 1 61 ? 1.409   -8.500  -6.842  1.00 20.87 ? 61  TYR A OH   1 
ATOM   1005 H  H    . TYR A 1 61 ? 3.652   -2.287  -8.261  1.00 7.32  ? 61  TYR A H    1 
ATOM   1006 H  HA   . TYR A 1 61 ? 2.410   -3.496  -10.375 1.00 4.33  ? 61  TYR A HA   1 
ATOM   1007 H  HB2  . TYR A 1 61 ? 1.323   -2.550  -7.962  1.00 11.79 ? 61  TYR A HB2  1 
ATOM   1008 H  HB3  . TYR A 1 61 ? 0.356   -2.959  -9.181  1.00 11.30 ? 61  TYR A HB3  1 
ATOM   1009 H  HD1  . TYR A 1 61 ? 2.579   -4.228  -6.678  1.00 13.12 ? 61  TYR A HD1  1 
ATOM   1010 H  HD2  . TYR A 1 61 ? -0.059  -5.354  -9.635  1.00 16.24 ? 61  TYR A HD2  1 
ATOM   1011 H  HE1  . TYR A 1 61 ? 2.652   -6.473  -5.899  1.00 16.81 ? 61  TYR A HE1  1 
ATOM   1012 H  HE2  . TYR A 1 61 ? 0.010   -7.582  -8.867  1.00 18.39 ? 61  TYR A HE2  1 
ATOM   1013 H  HH   . TYR A 1 61 ? 2.225   -8.711  -6.578  1.00 20.02 ? 61  TYR A HH   1 
ATOM   1014 N  N    . THR A 1 62 ? 1.638   -1.408  -11.539 1.00 4.49  ? 62  THR A N    1 
ATOM   1015 C  CA   . THR A 1 62 ? 1.434   -0.140  -12.254 1.00 2.58  ? 62  THR A CA   1 
ATOM   1016 C  C    . THR A 1 62 ? 0.180   -0.047  -13.118 1.00 8.21  ? 62  THR A C    1 
ATOM   1017 O  O    . THR A 1 62 ? 0.058   0.842   -14.004 1.00 7.12  ? 62  THR A O    1 
ATOM   1018 C  CB   . THR A 1 62 ? 2.673   0.092   -13.158 1.00 8.09  ? 62  THR A CB   1 
ATOM   1019 O  OG1  . THR A 1 62 ? 2.598   -0.968  -14.125 1.00 9.15  ? 62  THR A OG1  1 
ATOM   1020 C  CG2  . THR A 1 62 ? 3.995   -0.010  -12.425 1.00 8.48  ? 62  THR A CG2  1 
ATOM   1021 H  H    . THR A 1 62 ? 1.423   -2.167  -11.954 1.00 7.03  ? 62  THR A H    1 
ATOM   1022 H  HA   . THR A 1 62 ? 1.454   0.577   -11.591 1.00 2.52  ? 62  THR A HA   1 
ATOM   1023 H  HB   . THR A 1 62 ? 2.548   0.963   -13.613 1.00 3.14  ? 62  THR A HB   1 
ATOM   1024 H  HG1  . THR A 1 62 ? 3.370   -1.096  -14.514 1.00 6.59  ? 62  THR A HG1  1 
ATOM   1025 H  HG21 . THR A 1 62 ? 4.019   0.481   -11.602 1.00 4.38  ? 62  THR A HG21 1 
ATOM   1026 H  HG22 . THR A 1 62 ? 4.220   -1.009  -12.286 1.00 3.61  ? 62  THR A HG22 1 
ATOM   1027 H  HG23 . THR A 1 62 ? 4.725   0.269   -13.046 1.00 6.36  ? 62  THR A HG23 1 
ATOM   1028 N  N    . SER A 1 63 ? -0.766  -0.955  -12.863 1.00 7.24  ? 63  SER A N    1 
ATOM   1029 C  CA   . SER A 1 63 ? -1.995  -0.955  -13.667 1.00 8.94  ? 63  SER A CA   1 
ATOM   1030 C  C    . SER A 1 63 ? -2.908  0.218   -13.436 1.00 10.08 ? 63  SER A C    1 
ATOM   1031 O  O    . SER A 1 63 ? -3.614  0.554   -14.425 1.00 9.53  ? 63  SER A O    1 
ATOM   1032 C  CB   . SER A 1 63 ? -2.770  -2.278  -13.502 1.00 2.97  ? 63  SER A CB   1 
ATOM   1033 O  OG   . SER A 1 63 ? -3.613  -2.124  -12.373 1.00 5.40  ? 63  SER A OG   1 
ATOM   1034 H  H    . SER A 1 63 ? -0.662  -1.576  -12.246 1.00 5.57  ? 63  SER A H    1 
ATOM   1035 H  HA   . SER A 1 63 ? -1.749  -0.984  -14.636 1.00 9.06  ? 63  SER A HA   1 
ATOM   1036 H  HB2  . SER A 1 63 ? -3.395  -2.292  -14.284 1.00 4.11  ? 63  SER A HB2  1 
ATOM   1037 H  HB3  . SER A 1 63 ? -2.203  -3.008  -13.462 1.00 2.90  ? 63  SER A HB3  1 
ATOM   1038 H  HG   . SER A 1 63 ? -3.054  -2.141  -11.690 1.00 2.00  ? 63  SER A HG   1 
ATOM   1039 N  N    . GLY A 1 64 ? -2.974  0.793   -12.235 1.00 7.63  ? 64  GLY A N    1 
ATOM   1040 C  CA   . GLY A 1 64 ? -3.892  1.920   -11.969 1.00 8.93  ? 64  GLY A CA   1 
ATOM   1041 C  C    . GLY A 1 64 ? -5.152  1.458   -11.213 1.00 5.52  ? 64  GLY A C    1 
ATOM   1042 O  O    . GLY A 1 64 ? -5.917  2.241   -10.664 1.00 7.14  ? 64  GLY A O    1 
ATOM   1043 H  H    . GLY A 1 64 ? -2.449  0.479   -11.587 1.00 8.68  ? 64  GLY A H    1 
ATOM   1044 H  HA2  . GLY A 1 64 ? -3.497  2.628   -11.512 1.00 8.97  ? 64  GLY A HA2  1 
ATOM   1045 H  HA3  . GLY A 1 64 ? -4.236  2.264   -12.876 1.00 11.00 ? 64  GLY A HA3  1 
ATOM   1046 N  N    . ARG A 1 65 ? -5.310  0.140   -11.224 1.00 7.69  ? 65  ARG A N    1 
ATOM   1047 C  CA   . ARG A 1 65 ? -6.405  -0.564  -10.537 1.00 7.40  ? 65  ARG A CA   1 
ATOM   1048 C  C    . ARG A 1 65 ? -5.955  -1.960  -10.119 1.00 9.57  ? 65  ARG A C    1 
ATOM   1049 O  O    . ARG A 1 65 ? -6.497  -2.942  -10.656 1.00 10.45 ? 65  ARG A O    1 
ATOM   1050 C  CB   . ARG A 1 65 ? -7.672  -0.709  -11.415 1.00 12.53 ? 65  ARG A CB   1 
ATOM   1051 C  CG   . ARG A 1 65 ? -8.922  -1.016  -10.613 1.00 22.00 ? 65  ARG A CG   1 
ATOM   1052 C  CD   . ARG A 1 65 ? -10.080 -1.490  -11.360 1.00 29.04 ? 65  ARG A CD   1 
ATOM   1053 N  NE   . ARG A 1 65 ? -10.933 -0.594  -12.042 1.00 35.86 ? 65  ARG A NE   1 
ATOM   1054 C  CZ   . ARG A 1 65 ? -11.294 0.650   -11.769 1.00 37.70 ? 65  ARG A CZ   1 
ATOM   1055 N  NH1  . ARG A 1 65 ? -10.810 1.279   -10.708 1.00 39.68 ? 65  ARG A NH1  1 
ATOM   1056 N  NH2  . ARG A 1 65 ? -12.152 1.296   -12.574 1.00 35.67 ? 65  ARG A NH2  1 
ATOM   1057 H  H    . ARG A 1 65 ? -4.699  -0.418  -11.643 1.00 2.67  ? 65  ARG A H    1 
ATOM   1058 H  HA   . ARG A 1 65 ? -6.645  -0.111  -9.724  1.00 9.74  ? 65  ARG A HA   1 
ATOM   1059 H  HB2  . ARG A 1 65 ? -7.749  0.099   -11.951 1.00 13.21 ? 65  ARG A HB2  1 
ATOM   1060 H  HB3  . ARG A 1 65 ? -7.482  -1.425  -12.060 1.00 10.86 ? 65  ARG A HB3  1 
ATOM   1061 H  HG2  . ARG A 1 65 ? -8.634  -1.886  -10.041 1.00 20.66 ? 65  ARG A HG2  1 
ATOM   1062 H  HG3  . ARG A 1 65 ? -9.122  -0.464  -9.904  1.00 19.78 ? 65  ARG A HG3  1 
ATOM   1063 H  HD2  . ARG A 1 65 ? -9.739  -2.165  -12.037 1.00 28.98 ? 65  ARG A HD2  1 
ATOM   1064 H  HD3  . ARG A 1 65 ? -10.633 -2.118  -10.792 1.00 29.44 ? 65  ARG A HD3  1 
ATOM   1065 H  HE   . ARG A 1 65 ? -11.361 -0.944  -12.840 1.00 36.83 ? 65  ARG A HE   1 
ATOM   1066 H  HH11 . ARG A 1 65 ? -10.243 0.952   -10.114 1.00 37.84 ? 65  ARG A HH11 1 
ATOM   1067 H  HH12 . ARG A 1 65 ? -11.098 2.184   -10.567 1.00 38.63 ? 65  ARG A HH12 1 
ATOM   1068 H  HH21 . ARG A 1 65 ? -12.495 0.887   -13.312 1.00 35.60 ? 65  ARG A HH21 1 
ATOM   1069 H  HH22 . ARG A 1 65 ? -12.377 2.156   -12.376 1.00 35.47 ? 65  ARG A HH22 1 
ATOM   1070 N  N    . ASP A 1 66 ? -4.994  -2.039  -9.220  1.00 9.98  ? 66  ASP A N    1 
ATOM   1071 C  CA   . ASP A 1 66 ? -4.450  -3.316  -8.776  1.00 5.49  ? 66  ASP A CA   1 
ATOM   1072 C  C    . ASP A 1 66 ? -5.286  -3.946  -7.659  1.00 9.28  ? 66  ASP A C    1 
ATOM   1073 O  O    . ASP A 1 66 ? -5.730  -3.267  -6.753  1.00 8.92  ? 66  ASP A O    1 
ATOM   1074 C  CB   . ASP A 1 66 ? -2.999  -3.200  -8.298  1.00 7.88  ? 66  ASP A CB   1 
ATOM   1075 C  CG   . ASP A 1 66 ? -2.159  -2.358  -9.242  1.00 8.20  ? 66  ASP A CG   1 
ATOM   1076 O  OD1  . ASP A 1 66 ? -2.097  -2.843  -10.424 1.00 7.39  ? 66  ASP A OD1  1 
ATOM   1077 O  OD2  . ASP A 1 66 ? -1.620  -1.351  -8.843  1.00 11.08 ? 66  ASP A OD2  1 
ATOM   1078 H  H    . ASP A 1 66 ? -4.624  -1.276  -8.873  1.00 8.50  ? 66  ASP A H    1 
ATOM   1079 H  HA   . ASP A 1 66 ? -4.358  -3.909  -9.524  1.00 6.12  ? 66  ASP A HA   1 
ATOM   1080 H  HB2  . ASP A 1 66 ? -2.970  -2.772  -7.410  1.00 7.59  ? 66  ASP A HB2  1 
ATOM   1081 H  HB3  . ASP A 1 66 ? -2.599  -4.073  -8.264  1.00 7.04  ? 66  ASP A HB3  1 
ATOM   1082 N  N    . GLN A 1 67 ? -5.439  -5.263  -7.807  1.00 10.08 ? 67  GLN A N    1 
ATOM   1083 C  CA   . GLN A 1 67 ? -6.172  -6.100  -6.840  1.00 12.00 ? 67  GLN A CA   1 
ATOM   1084 C  C    . GLN A 1 67 ? -5.135  -7.050  -6.226  1.00 7.77  ? 67  GLN A C    1 
ATOM   1085 O  O    . GLN A 1 67 ? -4.704  -7.979  -6.909  1.00 11.54 ? 67  GLN A O    1 
ATOM   1086 C  CB   . GLN A 1 67 ? -7.313  -6.863  -7.479  1.00 13.40 ? 67  GLN A CB   1 
ATOM   1087 C  CG   . GLN A 1 67 ? -8.475  -5.981  -7.877  1.00 23.11 ? 67  GLN A CG   1 
ATOM   1088 C  CD   . GLN A 1 67 ? -9.787  -6.713  -8.054  1.00 34.11 ? 67  GLN A CD   1 
ATOM   1089 O  OE1  . GLN A 1 67 ? -10.384 -7.232  -7.103  1.00 38.78 ? 67  GLN A OE1  1 
ATOM   1090 N  NE2  . GLN A 1 67 ? -10.247 -6.728  -9.302  1.00 37.06 ? 67  GLN A NE2  1 
ATOM   1091 H  H    . GLN A 1 67 ? -5.067  -5.729  -8.496  1.00 7.42  ? 67  GLN A H    1 
ATOM   1092 H  HA   . GLN A 1 67 ? -6.547  -5.550  -6.130  1.00 10.53 ? 67  GLN A HA   1 
ATOM   1093 H  HB2  . GLN A 1 67 ? -6.913  -7.279  -8.327  1.00 13.52 ? 67  GLN A HB2  1 
ATOM   1094 H  HB3  . GLN A 1 67 ? -7.590  -7.608  -6.905  1.00 16.17 ? 67  GLN A HB3  1 
ATOM   1095 H  HG2  . GLN A 1 67 ? -8.651  -5.311  -7.147  1.00 23.29 ? 67  GLN A HG2  1 
ATOM   1096 H  HG3  . GLN A 1 67 ? -8.294  -5.491  -8.687  1.00 22.71 ? 67  GLN A HG3  1 
ATOM   1097 H  HE21 . GLN A 1 67 ? -11.035 -7.139  -9.497  1.00 35.96 ? 67  GLN A HE21 1 
ATOM   1098 H  HE22 . GLN A 1 67 ? -9.802  -6.330  -9.983  1.00 34.50 ? 67  GLN A HE22 1 
ATOM   1099 N  N    . ILE A 1 68 ? -4.746  -6.758  -5.005  1.00 9.01  ? 68  ILE A N    1 
ATOM   1100 C  CA   . ILE A 1 68 ? -3.740  -7.557  -4.283  1.00 9.17  ? 68  ILE A CA   1 
ATOM   1101 C  C    . ILE A 1 68 ? -4.333  -8.357  -3.139  1.00 5.26  ? 68  ILE A C    1 
ATOM   1102 O  O    . ILE A 1 68 ? -4.938  -7.894  -2.187  1.00 6.12  ? 68  ILE A O    1 
ATOM   1103 C  CB   . ILE A 1 68 ? -2.567  -6.668  -3.825  1.00 12.08 ? 68  ILE A CB   1 
ATOM   1104 C  CG1  . ILE A 1 68 ? -2.037  -5.964  -5.071  1.00 12.18 ? 68  ILE A CG1  1 
ATOM   1105 C  CG2  . ILE A 1 68 ? -1.510  -7.525  -3.181  1.00 9.99  ? 68  ILE A CG2  1 
ATOM   1106 C  CD1  . ILE A 1 68 ? -0.994  -4.887  -4.893  1.00 19.24 ? 68  ILE A CD1  1 
ATOM   1107 H  H    . ILE A 1 68 ? -5.092  -6.041  -4.559  1.00 10.77 ? 68  ILE A H    1 
ATOM   1108 H  HA   . ILE A 1 68 ? -3.340  -8.184  -4.938  1.00 5.75  ? 68  ILE A HA   1 
ATOM   1109 H  HB   . ILE A 1 68 ? -2.931  -6.054  -3.169  1.00 5.05  ? 68  ILE A HB   1 
ATOM   1110 H  HG12 . ILE A 1 68 ? -1.632  -6.669  -5.656  1.00 11.44 ? 68  ILE A HG12 1 
ATOM   1111 H  HG13 . ILE A 1 68 ? -2.783  -5.548  -5.585  1.00 10.64 ? 68  ILE A HG13 1 
ATOM   1112 H  HG21 . ILE A 1 68 ? -1.425  -8.404  -3.655  1.00 9.19  ? 68  ILE A HG21 1 
ATOM   1113 H  HG22 . ILE A 1 68 ? -0.636  -7.076  -3.231  1.00 11.10 ? 68  ILE A HG22 1 
ATOM   1114 H  HG23 . ILE A 1 68 ? -1.780  -7.686  -2.235  1.00 10.15 ? 68  ILE A HG23 1 
ATOM   1115 H  HD11 . ILE A 1 68 ? -1.101  -4.417  -4.037  1.00 19.60 ? 68  ILE A HD11 1 
ATOM   1116 H  HD12 . ILE A 1 68 ? -0.104  -5.323  -4.943  1.00 20.36 ? 68  ILE A HD12 1 
ATOM   1117 H  HD13 . ILE A 1 68 ? -1.084  -4.230  -5.683  1.00 20.33 ? 68  ILE A HD13 1 
ATOM   1118 N  N    . LYS A 1 69 ? -4.159  -9.680  -3.279  1.00 5.59  ? 69  LYS A N    1 
ATOM   1119 C  CA   . LYS A 1 69 ? -4.677  -10.659 -2.317  1.00 12.69 ? 69  LYS A CA   1 
ATOM   1120 C  C    . LYS A 1 69 ? -3.642  -10.752 -1.191  1.00 11.14 ? 69  LYS A C    1 
ATOM   1121 O  O    . LYS A 1 69 ? -2.442  -10.886 -1.441  1.00 12.40 ? 69  LYS A O    1 
ATOM   1122 C  CB   A LYS A 1 69 ? -4.934  -12.011 -2.932  0.50 10.95 ? 69  LYS A CB   1 
ATOM   1123 C  CB   B LYS A 1 69 ? -4.934  -12.011 -2.932  0.50 10.95 ? 69  LYS A CB   1 
ATOM   1124 C  CG   A LYS A 1 69 ? -5.949  -12.921 -2.254  0.50 18.60 ? 69  LYS A CG   1 
ATOM   1125 C  CG   B LYS A 1 69 ? -5.076  -13.139 -1.897  0.50 15.77 ? 69  LYS A CG   1 
ATOM   1126 C  CD   A LYS A 1 69 ? -5.932  -14.310 -2.902  0.50 21.53 ? 69  LYS A CD   1 
ATOM   1127 C  CD   B LYS A 1 69 ? -5.295  -14.491 -2.542  0.50 17.72 ? 69  LYS A CD   1 
ATOM   1128 C  CE   A LYS A 1 69 ? -7.006  -15.211 -2.326  0.50 26.25 ? 69  LYS A CE   1 
ATOM   1129 C  CE   B LYS A 1 69 ? -4.107  -15.416 -2.444  0.50 21.64 ? 69  LYS A CE   1 
ATOM   1130 N  NZ   A LYS A 1 69 ? -6.926  -15.261 -0.846  0.50 27.40 ? 69  LYS A NZ   1 
ATOM   1131 N  NZ   B LYS A 1 69 ? -4.566  -16.840 -2.466  0.50 25.29 ? 69  LYS A NZ   1 
ATOM   1132 H  H    . LYS A 1 69 ? -3.724  -10.050 -3.984  1.00 8.96  ? 69  LYS A H    1 
ATOM   1133 H  HA   . LYS A 1 69 ? -5.526  -10.289 -1.949  1.00 5.86  ? 69  LYS A HA   1 
ATOM   1134 H  HB2  A LYS A 1 69 ? -5.264  -11.880 -3.882  0.50 12.83 ? 69  LYS A HB2  1 
ATOM   1135 H  HB2  B LYS A 1 69 ? -5.770  -11.982 -3.475  0.50 11.00 ? 69  LYS A HB2  1 
ATOM   1136 H  HB3  A LYS A 1 69 ? -4.051  -12.483 -2.985  0.50 14.42 ? 69  LYS A HB3  1 
ATOM   1137 H  HB3  B LYS A 1 69 ? -4.163  -12.230 -3.520  0.50 13.40 ? 69  LYS A HB3  1 
ATOM   1138 H  HG2  A LYS A 1 69 ? -5.806  -13.000 -1.281  0.50 16.98 ? 69  LYS A HG2  1 
ATOM   1139 H  HG2  B LYS A 1 69 ? -4.237  -13.184 -1.326  0.50 13.39 ? 69  LYS A HG2  1 
ATOM   1140 H  HG3  A LYS A 1 69 ? -6.879  -12.560 -2.380  0.50 17.16 ? 69  LYS A HG3  1 
ATOM   1141 H  HG3  B LYS A 1 69 ? -5.809  -12.966 -1.261  0.50 14.63 ? 69  LYS A HG3  1 
ATOM   1142 H  HD2  A LYS A 1 69 ? -6.063  -14.225 -3.875  0.50 20.58 ? 69  LYS A HD2  1 
ATOM   1143 H  HD2  B LYS A 1 69 ? -6.076  -14.937 -2.132  0.50 19.01 ? 69  LYS A HD2  1 
ATOM   1144 H  HD3  A LYS A 1 69 ? -5.034  -14.710 -2.749  0.50 20.71 ? 69  LYS A HD3  1 
ATOM   1145 H  HD3  B LYS A 1 69 ? -5.512  -14.361 -3.522  0.50 17.06 ? 69  LYS A HD3  1 
ATOM   1146 H  HE2  A LYS A 1 69 ? -7.904  -14.927 -2.586  0.50 25.31 ? 69  LYS A HE2  1 
ATOM   1147 H  HE2  B LYS A 1 69 ? -3.500  -15.297 -3.228  0.50 23.22 ? 69  LYS A HE2  1 
ATOM   1148 H  HE3  A LYS A 1 69 ? -6.851  -16.158 -2.626  0.50 25.08 ? 69  LYS A HE3  1 
ATOM   1149 H  HE3  B LYS A 1 69 ? -3.589  -15.287 -1.628  0.50 22.48 ? 69  LYS A HE3  1 
ATOM   1150 H  HZ1  A LYS A 1 69 ? -6.067  -15.159 -0.550  0.50 27.74 ? 69  LYS A HZ1  1 
ATOM   1151 H  HZ1  B LYS A 1 69 ? -5.226  -16.956 -1.807  0.50 23.57 ? 69  LYS A HZ1  1 
ATOM   1152 H  HZ2  A LYS A 1 69 ? -7.500  -14.628 -0.490  0.50 27.66 ? 69  LYS A HZ2  1 
ATOM   1153 H  HZ2  B LYS A 1 69 ? -4.888  -17.063 -3.293  0.50 22.88 ? 69  LYS A HZ2  1 
ATOM   1154 H  HZ3  A LYS A 1 69 ? -7.209  -16.097 -0.522  0.50 27.79 ? 69  LYS A HZ3  1 
ATOM   1155 H  HZ3  B LYS A 1 69 ? -3.889  -17.426 -2.236  0.50 23.05 ? 69  LYS A HZ3  1 
ATOM   1156 N  N    . LEU A 1 70 ? -4.165  -10.664 0.016   1.00 9.29  ? 70  LEU A N    1 
ATOM   1157 C  CA   . LEU A 1 70 ? -3.283  -10.719 1.175   1.00 7.79  ? 70  LEU A CA   1 
ATOM   1158 C  C    . LEU A 1 70 ? -2.989  -12.118 1.691   1.00 11.82 ? 70  LEU A C    1 
ATOM   1159 O  O    . LEU A 1 70 ? -3.893  -12.927 1.954   1.00 13.85 ? 70  LEU A O    1 
ATOM   1160 C  CB   . LEU A 1 70 ? -3.990  -9.955  2.291   1.00 8.00  ? 70  LEU A CB   1 
ATOM   1161 C  CG   . LEU A 1 70 ? -4.171  -8.456  2.142   1.00 10.55 ? 70  LEU A CG   1 
ATOM   1162 C  CD1  . LEU A 1 70 ? -4.833  -7.935  3.395   1.00 11.78 ? 70  LEU A CD1  1 
ATOM   1163 C  CD2  . LEU A 1 70 ? -2.860  -7.749  1.888   1.00 13.74 ? 70  LEU A CD2  1 
ATOM   1164 H  H    . LEU A 1 70 ? -5.053  -10.557 0.172   1.00 8.32  ? 70  LEU A H    1 
ATOM   1165 H  HA   . LEU A 1 70 ? -2.460  -10.261 0.903   1.00 5.58  ? 70  LEU A HA   1 
ATOM   1166 H  HB2  . LEU A 1 70 ? -4.947  -10.343 2.309   1.00 8.42  ? 70  LEU A HB2  1 
ATOM   1167 H  HB3  . LEU A 1 70 ? -3.581  -10.190 3.148   1.00 6.91  ? 70  LEU A HB3  1 
ATOM   1168 H  HG   . LEU A 1 70 ? -4.749  -8.308  1.362   1.00 8.97  ? 70  LEU A HG   1 
ATOM   1169 H  HD11 . LEU A 1 70 ? -5.653  -8.444  3.599   1.00 10.72 ? 70  LEU A HD11 1 
ATOM   1170 H  HD12 . LEU A 1 70 ? -4.196  -7.969  4.146   1.00 10.56 ? 70  LEU A HD12 1 
ATOM   1171 H  HD13 . LEU A 1 70 ? -5.112  -6.978  3.258   1.00 12.00 ? 70  LEU A HD13 1 
ATOM   1172 H  HD21 . LEU A 1 70 ? -2.134  -8.156  2.473   1.00 13.50 ? 70  LEU A HD21 1 
ATOM   1173 H  HD22 . LEU A 1 70 ? -2.539  -7.765  0.973   1.00 12.50 ? 70  LEU A HD22 1 
ATOM   1174 H  HD23 . LEU A 1 70 ? -2.946  -6.782  2.195   1.00 13.22 ? 70  LEU A HD23 1 
ATOM   1175 N  N    . PRO A 1 71 ? -1.704  -12.363 1.869   1.00 13.70 ? 71  PRO A N    1 
ATOM   1176 C  CA   . PRO A 1 71 ? -1.221  -13.619 2.467   1.00 11.10 ? 71  PRO A CA   1 
ATOM   1177 C  C    . PRO A 1 71 ? -1.442  -13.477 3.979   1.00 10.46 ? 71  PRO A C    1 
ATOM   1178 O  O    . PRO A 1 71 ? -1.706  -12.350 4.520   1.00 8.96  ? 71  PRO A O    1 
ATOM   1179 C  CB   . PRO A 1 71 ? 0.233   -13.648 2.067   1.00 11.79 ? 71  PRO A CB   1 
ATOM   1180 C  CG   . PRO A 1 71 ? 0.679   -12.196 2.019   1.00 15.21 ? 71  PRO A CG   1 
ATOM   1181 C  CD   . PRO A 1 71 ? -0.573  -11.440 1.605   1.00 11.74 ? 71  PRO A CD   1 
ATOM   1182 H  HA   . PRO A 1 71 ? -1.718  -14.316 1.940   1.00 11.37 ? 71  PRO A HA   1 
ATOM   1183 H  HB2  . PRO A 1 71 ? 0.767   -14.179 2.600   1.00 13.23 ? 71  PRO A HB2  1 
ATOM   1184 H  HB3  . PRO A 1 71 ? 0.360   -13.989 1.203   1.00 12.65 ? 71  PRO A HB3  1 
ATOM   1185 H  HG2  . PRO A 1 71 ? 0.965   -11.845 2.894   1.00 11.53 ? 71  PRO A HG2  1 
ATOM   1186 H  HG3  . PRO A 1 71 ? 1.267   -12.090 1.444   1.00 12.90 ? 71  PRO A HG3  1 
ATOM   1187 H  HD2  . PRO A 1 71 ? -0.699  -10.591 2.110   1.00 14.63 ? 71  PRO A HD2  1 
ATOM   1188 H  HD3  . PRO A 1 71 ? -0.533  -11.200 0.658   1.00 12.68 ? 71  PRO A HD3  1 
ATOM   1189 N  N    . LYS A 1 72 ? -1.326  -14.562 4.691   1.00 12.60 ? 72  LYS A N    1 
ATOM   1190 C  CA   . LYS A 1 72 ? -1.472  -14.573 6.164   1.00 12.31 ? 72  LYS A CA   1 
ATOM   1191 C  C    . LYS A 1 72 ? -0.257  -13.780 6.699   1.00 12.53 ? 72  LYS A C    1 
ATOM   1192 O  O    . LYS A 1 72 ? 0.855   -13.973 6.192   1.00 13.11 ? 72  LYS A O    1 
ATOM   1193 C  CB   . LYS A 1 72 ? -1.425  -15.971 6.718   1.00 21.24 ? 72  LYS A CB   1 
ATOM   1194 C  CG   . LYS A 1 72 ? -2.321  -16.388 7.828   1.00 30.34 ? 72  LYS A CG   1 
ATOM   1195 C  CD   . LYS A 1 72 ? -1.768  -16.341 9.241   1.00 38.32 ? 72  LYS A CD   1 
ATOM   1196 C  CE   . LYS A 1 72 ? -2.902  -16.211 10.233  1.00 45.61 ? 72  LYS A CE   1 
ATOM   1197 N  NZ   . LYS A 1 72 ? -2.610  -15.840 11.617  1.00 44.09 ? 72  LYS A NZ   1 
ATOM   1198 H  H    . LYS A 1 72 ? -1.116  -15.359 4.305   1.00 13.05 ? 72  LYS A H    1 
ATOM   1199 H  HA   . LYS A 1 72 ? -2.273  -14.128 6.413   1.00 9.53  ? 72  LYS A HA   1 
ATOM   1200 H  HB2  . LYS A 1 72 ? -1.602  -16.622 5.933   1.00 23.61 ? 72  LYS A HB2  1 
ATOM   1201 H  HB3  . LYS A 1 72 ? -0.460  -16.150 6.977   1.00 21.10 ? 72  LYS A HB3  1 
ATOM   1202 H  HG2  . LYS A 1 72 ? -3.217  -15.916 7.788   1.00 31.54 ? 72  LYS A HG2  1 
ATOM   1203 H  HG3  . LYS A 1 72 ? -2.616  -17.374 7.698   1.00 30.58 ? 72  LYS A HG3  1 
ATOM   1204 H  HD2  . LYS A 1 72 ? -1.381  -17.294 9.400   1.00 37.01 ? 72  LYS A HD2  1 
ATOM   1205 H  HD3  . LYS A 1 72 ? -1.056  -15.726 9.327   1.00 38.84 ? 72  LYS A HD3  1 
ATOM   1206 H  HE2  . LYS A 1 72 ? -3.376  -15.310 9.875   1.00 44.95 ? 72  LYS A HE2  1 
ATOM   1207 H  HE3  . LYS A 1 72 ? -3.549  -16.911 10.165  1.00 44.96 ? 72  LYS A HE3  1 
ATOM   1208 H  HZ1  . LYS A 1 72 ? -1.946  -15.238 11.732  1.00 45.33 ? 72  LYS A HZ1  1 
ATOM   1209 H  HZ2  . LYS A 1 72 ? -3.385  -15.414 12.044  1.00 41.56 ? 72  LYS A HZ2  1 
ATOM   1210 H  HZ3  . LYS A 1 72 ? -2.509  -16.594 12.158  1.00 44.93 ? 72  LYS A HZ3  1 
ATOM   1211 N  N    . GLY A 1 73 ? -0.508  -12.941 7.681   1.00 11.54 ? 73  GLY A N    1 
ATOM   1212 C  CA   . GLY A 1 73 ? 0.555   -12.152 8.297   1.00 9.71  ? 73  GLY A CA   1 
ATOM   1213 C  C    . GLY A 1 73 ? 0.640   -10.723 7.824   1.00 3.90  ? 73  GLY A C    1 
ATOM   1214 O  O    . GLY A 1 73 ? -0.304  -10.112 7.321   1.00 5.98  ? 73  GLY A O    1 
ATOM   1215 H  H    . GLY A 1 73 ? -1.348  -12.841 8.027   1.00 11.71 ? 73  GLY A H    1 
ATOM   1216 H  HA2  . GLY A 1 73 ? 0.378   -12.181 9.287   1.00 6.85  ? 73  GLY A HA2  1 
ATOM   1217 H  HA3  . GLY A 1 73 ? 1.418   -12.635 8.180   1.00 9.31  ? 73  GLY A HA3  1 
ATOM   1218 N  N    . GLN A 1 74 ? 1.840   -10.154 8.037   1.00 8.14  ? 74  GLN A N    1 
ATOM   1219 C  CA   . GLN A 1 74 ? 2.100   -8.755  7.686   1.00 8.89  ? 74  GLN A CA   1 
ATOM   1220 C  C    . GLN A 1 74 ? 2.469   -8.528  6.222   1.00 8.03  ? 74  GLN A C    1 
ATOM   1221 O  O    . GLN A 1 74 ? 3.236   -9.292  5.652   1.00 7.27  ? 74  GLN A O    1 
ATOM   1222 C  CB   . GLN A 1 74 ? 3.254   -8.210  8.546   1.00 14.47 ? 74  GLN A CB   1 
ATOM   1223 C  CG   . GLN A 1 74 ? 2.974   -8.235  10.047  1.00 17.37 ? 74  GLN A CG   1 
ATOM   1224 C  CD   . GLN A 1 74 ? 4.242   -8.612  10.809  1.00 24.09 ? 74  GLN A CD   1 
ATOM   1225 O  OE1  . GLN A 1 74 ? 4.285   -9.626  11.494  1.00 22.99 ? 74  GLN A OE1  1 
ATOM   1226 N  NE2  . GLN A 1 74 ? 5.279   -7.771  10.651  1.00 21.65 ? 74  GLN A NE2  1 
ATOM   1227 H  H    . GLN A 1 74 ? 2.521   -10.603 8.426   1.00 7.69  ? 74  GLN A H    1 
ATOM   1228 H  HA   . GLN A 1 74 ? 1.345   -8.182  7.942   1.00 7.63  ? 74  GLN A HA   1 
ATOM   1229 H  HB2  . GLN A 1 74 ? 4.039   -8.793  8.332   1.00 8.49  ? 74  GLN A HB2  1 
ATOM   1230 H  HB3  . GLN A 1 74 ? 3.442   -7.283  8.238   1.00 9.93  ? 74  GLN A HB3  1 
ATOM   1231 H  HG2  . GLN A 1 74 ? 2.693   -7.311  10.350  1.00 16.58 ? 74  GLN A HG2  1 
ATOM   1232 H  HG3  . GLN A 1 74 ? 2.289   -8.847  10.295  1.00 17.49 ? 74  GLN A HG3  1 
ATOM   1233 H  HE21 . GLN A 1 74 ? 6.048   -7.917  11.055  1.00 21.33 ? 74  GLN A HE21 1 
ATOM   1234 H  HE22 . GLN A 1 74 ? 5.229   -7.042  10.146  1.00 19.85 ? 74  GLN A HE22 1 
ATOM   1235 N  N    . SER A 1 75 ? 1.914   -7.443  5.697   1.00 6.53  ? 75  SER A N    1 
ATOM   1236 C  CA   . SER A 1 75 ? 2.157   -6.960  4.339   1.00 6.28  ? 75  SER A CA   1 
ATOM   1237 C  C    . SER A 1 75 ? 2.402   -5.444  4.449   1.00 3.20  ? 75  SER A C    1 
ATOM   1238 O  O    . SER A 1 75 ? 1.713   -4.778  5.227   1.00 4.87  ? 75  SER A O    1 
ATOM   1239 C  CB   . SER A 1 75 ? 1.062   -7.235  3.327   1.00 11.17 ? 75  SER A CB   1 
ATOM   1240 O  OG   . SER A 1 75 ? 1.006   -8.625  3.058   1.00 11.76 ? 75  SER A OG   1 
ATOM   1241 H  H    . SER A 1 75 ? 1.365   -6.892  6.202   1.00 6.40  ? 75  SER A H    1 
ATOM   1242 H  HA   . SER A 1 75 ? 2.986   -7.367  4.006   1.00 4.39  ? 75  SER A HA   1 
ATOM   1243 H  HB2  . SER A 1 75 ? 0.198   -6.897  3.651   1.00 10.66 ? 75  SER A HB2  1 
ATOM   1244 H  HB3  . SER A 1 75 ? 1.226   -6.701  2.473   1.00 9.70  ? 75  SER A HB3  1 
ATOM   1245 H  HG   . SER A 1 75 ? 1.781   -8.880  2.743   1.00 10.36 ? 75  SER A HG   1 
ATOM   1246 N  N    . TYR A 1 76 ? 3.363   -4.981  3.675   1.00 2.00  ? 76  TYR A N    1 
ATOM   1247 C  CA   . TYR A 1 76 ? 3.791   -3.592  3.600   1.00 2.49  ? 76  TYR A CA   1 
ATOM   1248 C  C    . TYR A 1 76 ? 3.833   -3.141  2.131   1.00 2.00  ? 76  TYR A C    1 
ATOM   1249 O  O    . TYR A 1 76 ? 4.380   -3.841  1.270   1.00 2.85  ? 76  TYR A O    1 
ATOM   1250 C  CB   . TYR A 1 76 ? 5.183   -3.456  4.259   1.00 2.23  ? 76  TYR A CB   1 
ATOM   1251 C  CG   . TYR A 1 76 ? 5.215   -3.897  5.719   1.00 2.00  ? 76  TYR A CG   1 
ATOM   1252 C  CD1  . TYR A 1 76 ? 4.841   -3.010  6.733   1.00 5.22  ? 76  TYR A CD1  1 
ATOM   1253 C  CD2  . TYR A 1 76 ? 5.618   -5.178  6.065   1.00 5.45  ? 76  TYR A CD2  1 
ATOM   1254 C  CE1  . TYR A 1 76 ? 4.856   -3.397  8.072   1.00 4.68  ? 76  TYR A CE1  1 
ATOM   1255 C  CE2  . TYR A 1 76 ? 5.650   -5.586  7.409   1.00 3.47  ? 76  TYR A CE2  1 
ATOM   1256 C  CZ   . TYR A 1 76 ? 5.278   -4.695  8.396   1.00 8.38  ? 76  TYR A CZ   1 
ATOM   1257 O  OH   . TYR A 1 76 ? 5.321   -5.118  9.699   1.00 11.58 ? 76  TYR A OH   1 
ATOM   1258 H  H    . TYR A 1 76 ? 3.842   -5.554  3.116   1.00 5.78  ? 76  TYR A H    1 
ATOM   1259 H  HA   . TYR A 1 76 ? 3.207   -3.007  4.108   1.00 2.00  ? 76  TYR A HA   1 
ATOM   1260 H  HB2  . TYR A 1 76 ? 5.754   -4.079  3.712   1.00 2.00  ? 76  TYR A HB2  1 
ATOM   1261 H  HB3  . TYR A 1 76 ? 5.489   -2.545  4.139   1.00 2.00  ? 76  TYR A HB3  1 
ATOM   1262 H  HD1  . TYR A 1 76 ? 4.538   -2.091  6.509   1.00 2.00  ? 76  TYR A HD1  1 
ATOM   1263 H  HD2  . TYR A 1 76 ? 5.888   -5.808  5.367   1.00 3.20  ? 76  TYR A HD2  1 
ATOM   1264 H  HE1  . TYR A 1 76 ? 4.590   -2.768  8.770   1.00 3.66  ? 76  TYR A HE1  1 
ATOM   1265 H  HE2  . TYR A 1 76 ? 5.939   -6.486  7.647   1.00 5.62  ? 76  TYR A HE2  1 
ATOM   1266 H  HH   . TYR A 1 76 ? 4.754   -4.638  10.202  1.00 6.72  ? 76  TYR A HH   1 
ATOM   1267 N  N    . PHE A 1 77 ? 3.230   -1.987  1.916   1.00 6.17  ? 77  PHE A N    1 
ATOM   1268 C  CA   . PHE A 1 77 ? 3.137   -1.375  0.584   1.00 9.32  ? 77  PHE A CA   1 
ATOM   1269 C  C    . PHE A 1 77 ? 3.562   0.100   0.665   1.00 5.30  ? 77  PHE A C    1 
ATOM   1270 O  O    . PHE A 1 77 ? 3.204   0.859   1.571   1.00 3.98  ? 77  PHE A O    1 
ATOM   1271 C  CB   . PHE A 1 77 ? 1.706   -1.432  -0.025  1.00 9.07  ? 77  PHE A CB   1 
ATOM   1272 C  CG   . PHE A 1 77 ? 1.071   -2.784  0.018   1.00 7.71  ? 77  PHE A CG   1 
ATOM   1273 C  CD1  . PHE A 1 77 ? 0.369   -3.175  1.178   1.00 12.16 ? 77  PHE A CD1  1 
ATOM   1274 C  CD2  . PHE A 1 77 ? 1.198   -3.660  -1.039  1.00 9.75  ? 77  PHE A CD2  1 
ATOM   1275 C  CE1  . PHE A 1 77 ? -0.190  -4.452  1.255   1.00 11.66 ? 77  PHE A CE1  1 
ATOM   1276 C  CE2  . PHE A 1 77 ? 0.638   -4.955  -0.988  1.00 8.17  ? 77  PHE A CE2  1 
ATOM   1277 C  CZ   . PHE A 1 77 ? -0.048  -5.320  0.180   1.00 7.37  ? 77  PHE A CZ   1 
ATOM   1278 H  H    . PHE A 1 77 ? 2.835   -1.500  2.588   1.00 2.20  ? 77  PHE A H    1 
ATOM   1279 H  HA   . PHE A 1 77 ? 3.616   -1.875  -0.076  1.00 2.00  ? 77  PHE A HA   1 
ATOM   1280 H  HB2  . PHE A 1 77 ? 1.203   -0.755  0.432   1.00 11.33 ? 77  PHE A HB2  1 
ATOM   1281 H  HB3  . PHE A 1 77 ? 1.819   -1.137  -0.984  1.00 10.07 ? 77  PHE A HB3  1 
ATOM   1282 H  HD1  . PHE A 1 77 ? 0.295   -2.582  1.898   1.00 7.79  ? 77  PHE A HD1  1 
ATOM   1283 H  HD2  . PHE A 1 77 ? 1.695   -3.376  -1.824  1.00 9.64  ? 77  PHE A HD2  1 
ATOM   1284 H  HE1  . PHE A 1 77 ? -0.666  -4.711  2.032   1.00 9.39  ? 77  PHE A HE1  1 
ATOM   1285 H  HE2  . PHE A 1 77 ? 0.715   -5.543  -1.677  1.00 7.79  ? 77  PHE A HE2  1 
ATOM   1286 H  HZ   . PHE A 1 77 ? -0.457  -6.206  0.232   1.00 11.44 ? 77  PHE A HZ   1 
ATOM   1287 N  N    . ILE A 1 78 ? 4.310   0.469   -0.389  1.00 5.72  ? 78  ILE A N    1 
ATOM   1288 C  CA   . ILE A 1 78 ? 4.733   1.871   -0.490  1.00 2.00  ? 78  ILE A CA   1 
ATOM   1289 C  C    . ILE A 1 78 ? 4.605   2.293   -1.972  1.00 2.00  ? 78  ILE A C    1 
ATOM   1290 O  O    . ILE A 1 78 ? 4.463   1.437   -2.845  1.00 3.04  ? 78  ILE A O    1 
ATOM   1291 C  CB   . ILE A 1 78 ? 6.172   2.131   -0.055  1.00 5.54  ? 78  ILE A CB   1 
ATOM   1292 C  CG1  . ILE A 1 78 ? 7.137   1.495   -1.038  1.00 3.39  ? 78  ILE A CG1  1 
ATOM   1293 C  CG2  . ILE A 1 78 ? 6.476   1.643   1.351   1.00 5.94  ? 78  ILE A CG2  1 
ATOM   1294 C  CD1  . ILE A 1 78 ? 8.631   1.709   -0.767  1.00 6.91  ? 78  ILE A CD1  1 
ATOM   1295 H  H    . ILE A 1 78 ? 4.529   -0.098  -1.046  1.00 2.20  ? 78  ILE A H    1 
ATOM   1296 H  HA   . ILE A 1 78 ? 4.129   2.424   0.045   1.00 2.00  ? 78  ILE A HA   1 
ATOM   1297 H  HB   . ILE A 1 78 ? 6.301   3.130   -0.089  1.00 3.04  ? 78  ILE A HB   1 
ATOM   1298 H  HG12 . ILE A 1 78 ? 6.925   0.602   -1.217  1.00 5.40  ? 78  ILE A HG12 1 
ATOM   1299 H  HG13 . ILE A 1 78 ? 7.009   2.053   -1.919  1.00 7.84  ? 78  ILE A HG13 1 
ATOM   1300 H  HG21 . ILE A 1 78 ? 5.836   1.975   2.015   1.00 3.16  ? 78  ILE A HG21 1 
ATOM   1301 H  HG22 . ILE A 1 78 ? 6.652   0.686   1.381   1.00 2.36  ? 78  ILE A HG22 1 
ATOM   1302 H  HG23 . ILE A 1 78 ? 7.391   2.063   1.626   1.00 5.75  ? 78  ILE A HG23 1 
ATOM   1303 H  HD11 . ILE A 1 78 ? 8.802   2.640   -0.564  1.00 2.66  ? 78  ILE A HD11 1 
ATOM   1304 H  HD12 . ILE A 1 78 ? 8.879   1.130   0.019   1.00 4.12  ? 78  ILE A HD12 1 
ATOM   1305 H  HD13 . ILE A 1 78 ? 9.137   1.363   -1.593  1.00 2.00  ? 78  ILE A HD13 1 
ATOM   1306 N  N    . CYS A 1 79 ? 4.661   3.589   -2.156  1.00 6.89  ? 79  CYS A N    1 
ATOM   1307 C  CA   . CYS A 1 79 ? 4.684   4.179   -3.525  1.00 3.26  ? 79  CYS A CA   1 
ATOM   1308 C  C    . CYS A 1 79 ? 6.182   4.599   -3.600  1.00 6.55  ? 79  CYS A C    1 
ATOM   1309 O  O    . CYS A 1 79 ? 6.563   5.301   -2.631  1.00 5.35  ? 79  CYS A O    1 
ATOM   1310 C  CB   . CYS A 1 79 ? 3.758   5.320   -3.770  1.00 2.00  ? 79  CYS A CB   1 
ATOM   1311 S  SG   . CYS A 1 79 ? 4.128   6.240   -5.293  1.00 4.13  ? 79  CYS A SG   1 
ATOM   1312 H  H    . CYS A 1 79 ? 4.812   4.189   -1.475  1.00 3.03  ? 79  CYS A H    1 
ATOM   1313 H  HA   . CYS A 1 79 ? 4.543   3.492   -4.169  1.00 5.74  ? 79  CYS A HA   1 
ATOM   1314 H  HB2  . CYS A 1 79 ? 2.837   4.947   -3.928  1.00 4.39  ? 79  CYS A HB2  1 
ATOM   1315 H  HB3  . CYS A 1 79 ? 3.691   5.936   -3.059  1.00 3.19  ? 79  CYS A HB3  1 
ATOM   1316 N  N    . ASN A 1 80 ? 6.924   4.173   -4.591  1.00 3.83  ? 80  ASN A N    1 
ATOM   1317 C  CA   . ASN A 1 80 ? 8.348   4.556   -4.614  1.00 7.54  ? 80  ASN A CA   1 
ATOM   1318 C  C    . ASN A 1 80 ? 8.733   5.692   -5.547  1.00 7.89  ? 80  ASN A C    1 
ATOM   1319 O  O    . ASN A 1 80 ? 9.962   5.885   -5.760  1.00 9.83  ? 80  ASN A O    1 
ATOM   1320 C  CB   . ASN A 1 80 ? 9.295   3.370   -4.627  1.00 4.18  ? 80  ASN A CB   1 
ATOM   1321 C  CG   . ASN A 1 80 ? 9.460   2.707   -5.974  1.00 4.45  ? 80  ASN A CG   1 
ATOM   1322 O  OD1  . ASN A 1 80 ? 8.858   3.140   -6.962  1.00 7.88  ? 80  ASN A OD1  1 
ATOM   1323 N  ND2  . ASN A 1 80 ? 10.279  1.669   -5.965  1.00 11.40 ? 80  ASN A ND2  1 
ATOM   1324 H  H    . ASN A 1 80 ? 6.570   3.662   -5.223  1.00 6.87  ? 80  ASN A H    1 
ATOM   1325 H  HA   . ASN A 1 80 ? 8.521   4.875   -3.648  1.00 3.78  ? 80  ASN A HA   1 
ATOM   1326 H  HB2  . ASN A 1 80 ? 10.191  3.614   -4.310  1.00 8.00  ? 80  ASN A HB2  1 
ATOM   1327 H  HB3  . ASN A 1 80 ? 9.025   2.687   -3.938  1.00 7.14  ? 80  ASN A HB3  1 
ATOM   1328 H  HD21 . ASN A 1 80 ? 10.432  1.196   -6.772  1.00 10.31 ? 80  ASN A HD21 1 
ATOM   1329 H  HD22 . ASN A 1 80 ? 10.708  1.373   -5.219  1.00 9.38  ? 80  ASN A HD22 1 
ATOM   1330 N  N    . PHE A 1 81 ? 7.819   6.464   -6.032  1.00 2.90  ? 81  PHE A N    1 
ATOM   1331 C  CA   . PHE A 1 81 ? 8.080   7.698   -6.811  1.00 4.60  ? 81  PHE A CA   1 
ATOM   1332 C  C    . PHE A 1 81 ? 8.826   8.582   -5.799  1.00 3.26  ? 81  PHE A C    1 
ATOM   1333 O  O    . PHE A 1 81 ? 8.588   8.516   -4.583  1.00 3.85  ? 81  PHE A O    1 
ATOM   1334 C  CB   . PHE A 1 81 ? 6.769   8.350   -7.255  1.00 3.67  ? 81  PHE A CB   1 
ATOM   1335 C  CG   . PHE A 1 81 ? 6.271   7.866   -8.596  1.00 4.35  ? 81  PHE A CG   1 
ATOM   1336 C  CD1  . PHE A 1 81 ? 5.973   6.535   -8.820  1.00 9.42  ? 81  PHE A CD1  1 
ATOM   1337 C  CD2  . PHE A 1 81 ? 6.112   8.787   -9.623  1.00 11.03 ? 81  PHE A CD2  1 
ATOM   1338 C  CE1  . PHE A 1 81 ? 5.510   6.106   -10.082 1.00 10.64 ? 81  PHE A CE1  1 
ATOM   1339 C  CE2  . PHE A 1 81 ? 5.656   8.388   -10.880 1.00 13.46 ? 81  PHE A CE2  1 
ATOM   1340 C  CZ   . PHE A 1 81 ? 5.371   7.062   -11.105 1.00 9.55  ? 81  PHE A CZ   1 
ATOM   1341 H  H    . PHE A 1 81 ? 6.919   6.336   -5.798  1.00 8.21  ? 81  PHE A H    1 
ATOM   1342 H  HA   . PHE A 1 81 ? 8.548   7.499   -7.566  1.00 2.00  ? 81  PHE A HA   1 
ATOM   1343 H  HB2  . PHE A 1 81 ? 6.117   8.105   -6.569  1.00 2.00  ? 81  PHE A HB2  1 
ATOM   1344 H  HB3  . PHE A 1 81 ? 6.930   9.308   -7.224  1.00 2.00  ? 81  PHE A HB3  1 
ATOM   1345 H  HD1  . PHE A 1 81 ? 6.088   5.896   -8.094  1.00 9.55  ? 81  PHE A HD1  1 
ATOM   1346 H  HD2  . PHE A 1 81 ? 6.317   9.695   -9.457  1.00 10.08 ? 81  PHE A HD2  1 
ATOM   1347 H  HE1  . PHE A 1 81 ? 5.310   5.226   -10.263 1.00 9.27  ? 81  PHE A HE1  1 
ATOM   1348 H  HE2  . PHE A 1 81 ? 5.555   9.035   -11.579 1.00 11.57 ? 81  PHE A HE2  1 
ATOM   1349 H  HZ   . PHE A 1 81 ? 5.054   6.793   -11.977 1.00 11.99 ? 81  PHE A HZ   1 
ATOM   1350 N  N    . PRO A 1 82 ? 9.762   9.373   -6.263  1.00 9.83  ? 82  PRO A N    1 
ATOM   1351 C  CA   . PRO A 1 82 ? 10.568  10.231  -5.381  1.00 8.91  ? 82  PRO A CA   1 
ATOM   1352 C  C    . PRO A 1 82 ? 9.750   11.067  -4.456  1.00 6.00  ? 82  PRO A C    1 
ATOM   1353 O  O    . PRO A 1 82 ? 8.888   11.877  -4.826  1.00 9.23  ? 82  PRO A O    1 
ATOM   1354 C  CB   . PRO A 1 82 ? 11.487  11.009  -6.317  1.00 15.54 ? 82  PRO A CB   1 
ATOM   1355 C  CG   . PRO A 1 82 ? 11.578  10.154  -7.583  1.00 15.17 ? 82  PRO A CG   1 
ATOM   1356 C  CD   . PRO A 1 82 ? 10.159  9.542   -7.690  1.00 11.55 ? 82  PRO A CD   1 
ATOM   1357 H  HA   . PRO A 1 82 ? 11.031  9.697   -4.730  1.00 8.69  ? 82  PRO A HA   1 
ATOM   1358 H  HB2  . PRO A 1 82 ? 11.151  11.890  -6.448  1.00 13.10 ? 82  PRO A HB2  1 
ATOM   1359 H  HB3  . PRO A 1 82 ? 12.302  11.148  -5.930  1.00 14.31 ? 82  PRO A HB3  1 
ATOM   1360 H  HG2  . PRO A 1 82 ? 11.859  10.555  -8.370  1.00 14.45 ? 82  PRO A HG2  1 
ATOM   1361 H  HG3  . PRO A 1 82 ? 12.124  9.491   -7.368  1.00 14.66 ? 82  PRO A HG3  1 
ATOM   1362 H  HD2  . PRO A 1 82 ? 9.459   10.124  -8.117  1.00 4.77  ? 82  PRO A HD2  1 
ATOM   1363 H  HD3  . PRO A 1 82 ? 10.191  8.723   -8.174  1.00 8.03  ? 82  PRO A HD3  1 
ATOM   1364 N  N    . GLY A 1 83 ? 10.026  10.865  -3.149  1.00 7.98  ? 83  GLY A N    1 
ATOM   1365 C  CA   . GLY A 1 83 ? 9.335   11.577  -2.091  1.00 7.67  ? 83  GLY A CA   1 
ATOM   1366 C  C    . GLY A 1 83 ? 7.956   11.126  -1.728  1.00 6.82  ? 83  GLY A C    1 
ATOM   1367 O  O    . GLY A 1 83 ? 7.382   11.699  -0.781  1.00 5.49  ? 83  GLY A O    1 
ATOM   1368 H  H    . GLY A 1 83 ? 10.661  10.273  -2.885  1.00 5.90  ? 83  GLY A H    1 
ATOM   1369 H  HA2  . GLY A 1 83 ? 9.871   11.797  -1.333  1.00 7.79  ? 83  GLY A HA2  1 
ATOM   1370 H  HA3  . GLY A 1 83 ? 9.176   12.562  -2.520  1.00 4.92  ? 83  GLY A HA3  1 
ATOM   1371 N  N    . HIS A 1 84 ? 7.382   10.143  -2.413  1.00 6.14  ? 84  HIS A N    1 
ATOM   1372 C  CA   . HIS A 1 84 ? 5.993   9.722   -2.070  1.00 2.72  ? 84  HIS A CA   1 
ATOM   1373 C  C    . HIS A 1 84 ? 5.921   8.955   -0.755  1.00 2.00  ? 84  HIS A C    1 
ATOM   1374 O  O    . HIS A 1 84 ? 5.011   9.257   0.040   1.00 5.34  ? 84  HIS A O    1 
ATOM   1375 C  CB   . HIS A 1 84 ? 5.366   8.971   -3.229  1.00 2.09  ? 84  HIS A CB   1 
ATOM   1376 C  CG   . HIS A 1 84 ? 5.050   9.842   -4.429  1.00 3.14  ? 84  HIS A CG   1 
ATOM   1377 N  ND1  . HIS A 1 84 ? 3.951   9.610   -5.209  1.00 6.88  ? 84  HIS A ND1  1 
ATOM   1378 C  CD2  . HIS A 1 84 ? 5.724   10.929  -4.917  1.00 8.18  ? 84  HIS A CD2  1 
ATOM   1379 C  CE1  . HIS A 1 84 ? 3.975   10.500  -6.156  1.00 7.54  ? 84  HIS A CE1  1 
ATOM   1380 N  NE2  . HIS A 1 84 ? 5.011   11.330  -6.030  1.00 5.87  ? 84  HIS A NE2  1 
ATOM   1381 H  H    . HIS A 1 84 ? 7.829   9.760   -3.102  1.00 2.32  ? 84  HIS A H    1 
ATOM   1382 H  HA   . HIS A 1 84 ? 5.425   10.535  -1.963  1.00 2.00  ? 84  HIS A HA   1 
ATOM   1383 H  HB2  . HIS A 1 84 ? 5.871   8.198   -3.490  1.00 2.00  ? 84  HIS A HB2  1 
ATOM   1384 H  HB3  . HIS A 1 84 ? 4.463   8.729   -2.825  1.00 2.00  ? 84  HIS A HB3  1 
ATOM   1385 H  HD2  . HIS A 1 84 ? 6.530   11.366  -4.615  1.00 5.72  ? 84  HIS A HD2  1 
ATOM   1386 H  HE1  . HIS A 1 84 ? 3.303   10.566  -6.856  1.00 8.24  ? 84  HIS A HE1  1 
ATOM   1387 H  HE2  . HIS A 1 84 ? 5.230   12.060  -6.584  1.00 9.61  ? 84  HIS A HE2  1 
ATOM   1388 N  N    . CYS A 1 85 ? 6.843   8.006   -0.599  1.00 5.15  ? 85  CYS A N    1 
ATOM   1389 C  CA   . CYS A 1 85 ? 6.888   7.184   0.631   1.00 6.13  ? 85  CYS A CA   1 
ATOM   1390 C  C    . CYS A 1 85 ? 7.085   8.113   1.822   1.00 7.05  ? 85  CYS A C    1 
ATOM   1391 O  O    . CYS A 1 85 ? 6.427   8.002   2.861   1.00 4.28  ? 85  CYS A O    1 
ATOM   1392 C  CB   . CYS A 1 85 ? 7.959   6.112   0.521   1.00 7.28  ? 85  CYS A CB   1 
ATOM   1393 S  SG   . CYS A 1 85 ? 8.082   5.039   1.954   1.00 7.03  ? 85  CYS A SG   1 
ATOM   1394 H  H    . CYS A 1 85 ? 7.470   7.821   -1.199  1.00 2.00  ? 85  CYS A H    1 
ATOM   1395 H  HA   . CYS A 1 85 ? 6.049   6.710   0.710   1.00 8.82  ? 85  CYS A HA   1 
ATOM   1396 H  HB2  . CYS A 1 85 ? 7.736   5.542   -0.235  1.00 6.43  ? 85  CYS A HB2  1 
ATOM   1397 H  HB3  . CYS A 1 85 ? 8.850   6.495   0.397   1.00 5.34  ? 85  CYS A HB3  1 
ATOM   1398 N  N    . GLN A 1 86 ? 8.010   9.043   1.644   1.00 8.20  ? 86  GLN A N    1 
ATOM   1399 C  CA   . GLN A 1 86 ? 8.357   10.051  2.663   1.00 7.52  ? 86  GLN A CA   1 
ATOM   1400 C  C    . GLN A 1 86 ? 7.211   10.979  2.990   1.00 11.44 ? 86  GLN A C    1 
ATOM   1401 O  O    . GLN A 1 86 ? 7.197   11.656  4.040   1.00 11.77 ? 86  GLN A O    1 
ATOM   1402 C  CB   . GLN A 1 86 ? 9.558   10.854  2.168   1.00 10.92 ? 86  GLN A CB   1 
ATOM   1403 C  CG   . GLN A 1 86 ? 10.804  10.021  2.035   1.00 10.58 ? 86  GLN A CG   1 
ATOM   1404 C  CD   . GLN A 1 86 ? 10.959  9.306   0.728   1.00 12.64 ? 86  GLN A CD   1 
ATOM   1405 O  OE1  . GLN A 1 86 ? 10.136  9.358   -0.181  1.00 11.68 ? 86  GLN A OE1  1 
ATOM   1406 N  NE2  . GLN A 1 86 ? 12.073  8.604   0.611   1.00 14.33 ? 86  GLN A NE2  1 
ATOM   1407 H  H    . GLN A 1 86 ? 8.488   9.117   0.873   1.00 7.58  ? 86  GLN A H    1 
ATOM   1408 H  HA   . GLN A 1 86 ? 8.651   9.580   3.467   1.00 7.47  ? 86  GLN A HA   1 
ATOM   1409 H  HB2  . GLN A 1 86 ? 9.278   11.266  1.319   1.00 6.37  ? 86  GLN A HB2  1 
ATOM   1410 H  HB3  . GLN A 1 86 ? 9.729   11.583  2.844   1.00 8.46  ? 86  GLN A HB3  1 
ATOM   1411 H  HG2  . GLN A 1 86 ? 11.612  10.436  2.312   1.00 12.78 ? 86  GLN A HG2  1 
ATOM   1412 H  HG3  . GLN A 1 86 ? 10.681  9.215   2.684   1.00 13.19 ? 86  GLN A HG3  1 
ATOM   1413 H  HE21 . GLN A 1 86 ? 12.234  8.132   -0.198  1.00 9.78  ? 86  GLN A HE21 1 
ATOM   1414 H  HE22 . GLN A 1 86 ? 12.692  8.596   1.337   1.00 12.55 ? 86  GLN A HE22 1 
ATOM   1415 N  N    . SER A 1 87 ? 6.225   11.025  2.095   1.00 9.72  ? 87  SER A N    1 
ATOM   1416 C  CA   . SER A 1 87 ? 5.062   11.895  2.285   1.00 9.96  ? 87  SER A CA   1 
ATOM   1417 C  C    . SER A 1 87 ? 3.881   11.120  2.846   1.00 13.89 ? 87  SER A C    1 
ATOM   1418 O  O    . SER A 1 87 ? 2.766   11.704  2.861   1.00 17.56 ? 87  SER A O    1 
ATOM   1419 C  CB   . SER A 1 87 ? 4.664   12.594  0.986   1.00 9.28  ? 87  SER A CB   1 
ATOM   1420 O  OG   . SER A 1 87 ? 5.715   13.360  0.439   1.00 8.16  ? 87  SER A OG   1 
ATOM   1421 H  H    . SER A 1 87 ? 6.244   10.544  1.339   1.00 10.68 ? 87  SER A H    1 
ATOM   1422 H  HA   . SER A 1 87 ? 5.312   12.609  2.896   1.00 10.17 ? 87  SER A HA   1 
ATOM   1423 H  HB2  . SER A 1 87 ? 4.620   11.771  0.300   1.00 11.89 ? 87  SER A HB2  1 
ATOM   1424 H  HB3  . SER A 1 87 ? 3.806   12.969  1.012   1.00 8.23  ? 87  SER A HB3  1 
ATOM   1425 H  HG   . SER A 1 87 ? 6.206   12.848  -0.071  1.00 8.40  ? 87  SER A HG   1 
ATOM   1426 N  N    . GLY A 1 88 ? 4.113   9.879   3.246   1.00 11.13 ? 88  GLY A N    1 
ATOM   1427 C  CA   . GLY A 1 88 ? 2.982   9.094   3.814   1.00 7.70  ? 88  GLY A CA   1 
ATOM   1428 C  C    . GLY A 1 88 ? 2.205   8.219   2.875   1.00 9.19  ? 88  GLY A C    1 
ATOM   1429 O  O    . GLY A 1 88 ? 1.080   7.770   3.188   1.00 9.15  ? 88  GLY A O    1 
ATOM   1430 H  H    . GLY A 1 88 ? 4.926   9.534   3.212   1.00 7.76  ? 88  GLY A H    1 
ATOM   1431 H  HA2  . GLY A 1 88 ? 3.320   8.577   4.572   1.00 10.08 ? 88  GLY A HA2  1 
ATOM   1432 H  HA3  . GLY A 1 88 ? 2.324   9.756   4.216   1.00 10.05 ? 88  GLY A HA3  1 
ATOM   1433 N  N    . MET A 1 89 ? 2.798   7.958   1.713   1.00 6.55  ? 89  MET A N    1 
ATOM   1434 C  CA   . MET A 1 89 ? 2.172   7.094   0.687   1.00 7.81  ? 89  MET A CA   1 
ATOM   1435 C  C    . MET A 1 89 ? 2.727   5.674   0.903   1.00 2.90  ? 89  MET A C    1 
ATOM   1436 O  O    . MET A 1 89 ? 3.591   5.154   0.225   1.00 4.75  ? 89  MET A O    1 
ATOM   1437 C  CB   . MET A 1 89 ? 2.357   7.652   -0.711  1.00 4.93  ? 89  MET A CB   1 
ATOM   1438 C  CG   . MET A 1 89 ? 1.530   6.897   -1.706  1.00 6.93  ? 89  MET A CG   1 
ATOM   1439 S  SD   . MET A 1 89 ? 1.231   7.870   -3.208  1.00 4.92  ? 89  MET A SD   1 
ATOM   1440 C  CE   . MET A 1 89 ? 0.147   6.631   -4.025  1.00 4.79  ? 89  MET A CE   1 
ATOM   1441 H  H    . MET A 1 89 ? 3.612   8.274   1.495   1.00 8.55  ? 89  MET A H    1 
ATOM   1442 H  HA   . MET A 1 89 ? 1.205   7.100   0.844   1.00 6.94  ? 89  MET A HA   1 
ATOM   1443 H  HB2  . MET A 1 89 ? 1.955   8.614   -0.702  1.00 2.84  ? 89  MET A HB2  1 
ATOM   1444 H  HB3  . MET A 1 89 ? 3.272   7.754   -0.937  1.00 6.83  ? 89  MET A HB3  1 
ATOM   1445 H  HG2  . MET A 1 89 ? 1.826   6.063   -2.039  1.00 2.92  ? 89  MET A HG2  1 
ATOM   1446 H  HG3  . MET A 1 89 ? 0.587   6.820   -1.292  1.00 5.54  ? 89  MET A HG3  1 
ATOM   1447 H  HE1  . MET A 1 89 ? -0.537  6.411   -3.364  1.00 4.23  ? 89  MET A HE1  1 
ATOM   1448 H  HE2  . MET A 1 89 ? -0.239  7.116   -4.806  1.00 5.95  ? 89  MET A HE2  1 
ATOM   1449 H  HE3  . MET A 1 89 ? 0.712   5.911   -4.283  1.00 3.38  ? 89  MET A HE3  1 
ATOM   1450 N  N    . LYS A 1 90 ? 2.189   5.103   1.995   1.00 5.67  ? 90  LYS A N    1 
ATOM   1451 C  CA   . LYS A 1 90 ? 2.554   3.760   2.456   1.00 3.63  ? 90  LYS A CA   1 
ATOM   1452 C  C    . LYS A 1 90 ? 1.520   3.248   3.455   1.00 2.72  ? 90  LYS A C    1 
ATOM   1453 O  O    . LYS A 1 90 ? 0.870   4.050   4.143   1.00 4.26  ? 90  LYS A O    1 
ATOM   1454 C  CB   . LYS A 1 90 ? 3.933   3.803   3.177   1.00 8.68  ? 90  LYS A CB   1 
ATOM   1455 C  CG   . LYS A 1 90 ? 3.874   4.715   4.375   1.00 10.96 ? 90  LYS A CG   1 
ATOM   1456 C  CD   . LYS A 1 90 ? 4.871   4.579   5.453   1.00 21.65 ? 90  LYS A CD   1 
ATOM   1457 C  CE   . LYS A 1 90 ? 6.301   4.744   5.110   1.00 20.59 ? 90  LYS A CE   1 
ATOM   1458 N  NZ   . LYS A 1 90 ? 7.130   4.831   6.368   1.00 17.14 ? 90  LYS A NZ   1 
ATOM   1459 H  H    . LYS A 1 90 ? 1.551   5.525   2.503   1.00 2.00  ? 90  LYS A H    1 
ATOM   1460 H  HA   . LYS A 1 90 ? 2.671   3.166   1.719   1.00 4.77  ? 90  LYS A HA   1 
ATOM   1461 H  HB2  . LYS A 1 90 ? 4.305   2.974   3.362   1.00 6.71  ? 90  LYS A HB2  1 
ATOM   1462 H  HB3  . LYS A 1 90 ? 4.497   4.299   2.457   1.00 5.56  ? 90  LYS A HB3  1 
ATOM   1463 H  HG2  . LYS A 1 90 ? 3.945   5.705   4.035   1.00 16.41 ? 90  LYS A HG2  1 
ATOM   1464 H  HG3  . LYS A 1 90 ? 2.966   4.721   4.800   1.00 14.37 ? 90  LYS A HG3  1 
ATOM   1465 H  HD2  . LYS A 1 90 ? 4.698   5.397   6.139   1.00 18.12 ? 90  LYS A HD2  1 
ATOM   1466 H  HD3  . LYS A 1 90 ? 4.724   3.810   6.044   1.00 20.64 ? 90  LYS A HD3  1 
ATOM   1467 H  HE2  . LYS A 1 90 ? 6.634   4.009   4.556   1.00 20.04 ? 90  LYS A HE2  1 
ATOM   1468 H  HE3  . LYS A 1 90 ? 6.415   5.617   4.640   1.00 22.30 ? 90  LYS A HE3  1 
ATOM   1469 H  HZ1  . LYS A 1 90 ? 6.579   4.649   7.090   1.00 17.26 ? 90  LYS A HZ1  1 
ATOM   1470 H  HZ2  . LYS A 1 90 ? 7.800   4.203   6.360   1.00 15.48 ? 90  LYS A HZ2  1 
ATOM   1471 H  HZ3  . LYS A 1 90 ? 7.505   5.656   6.427   1.00 16.37 ? 90  LYS A HZ3  1 
ATOM   1472 N  N    . ILE A 1 91 ? 1.375   1.918   3.483   1.00 7.61  ? 91  ILE A N    1 
ATOM   1473 C  CA   . ILE A 1 91 ? 0.442   1.279   4.411   1.00 2.83  ? 91  ILE A CA   1 
ATOM   1474 C  C    . ILE A 1 91 ? 1.037   -0.045  4.883   1.00 2.00  ? 91  ILE A C    1 
ATOM   1475 O  O    . ILE A 1 91 ? 1.770   -0.759  4.193   1.00 2.66  ? 91  ILE A O    1 
ATOM   1476 C  CB   . ILE A 1 91 ? -0.974  1.026   3.917   1.00 6.67  ? 91  ILE A CB   1 
ATOM   1477 C  CG1  . ILE A 1 91 ? -0.937  0.211   2.643   1.00 8.14  ? 91  ILE A CG1  1 
ATOM   1478 C  CG2  . ILE A 1 91 ? -1.752  2.325   3.746   1.00 6.74  ? 91  ILE A CG2  1 
ATOM   1479 C  CD1  . ILE A 1 91 ? -2.261  -0.310  2.071   1.00 9.06  ? 91  ILE A CD1  1 
ATOM   1480 H  H    . ILE A 1 91 ? 1.875   1.375   2.963   1.00 2.97  ? 91  ILE A H    1 
ATOM   1481 H  HA   . ILE A 1 91 ? 0.327   1.828   5.236   1.00 5.13  ? 91  ILE A HA   1 
ATOM   1482 H  HB   . ILE A 1 91 ? -1.433  0.526   4.654   1.00 8.26  ? 91  ILE A HB   1 
ATOM   1483 H  HG12 . ILE A 1 91 ? -0.522  0.791   1.949   1.00 9.13  ? 91  ILE A HG12 1 
ATOM   1484 H  HG13 . ILE A 1 91 ? -0.373  -0.583  2.816   1.00 9.91  ? 91  ILE A HG13 1 
ATOM   1485 H  HG21 . ILE A 1 91 ? -1.140  3.097   3.620   1.00 5.55  ? 91  ILE A HG21 1 
ATOM   1486 H  HG22 . ILE A 1 91 ? -2.352  2.251   2.962   1.00 7.28  ? 91  ILE A HG22 1 
ATOM   1487 H  HG23 . ILE A 1 91 ? -2.294  2.492   4.563   1.00 8.13  ? 91  ILE A HG23 1 
ATOM   1488 H  HD11 . ILE A 1 91 ? -2.812  0.457   1.857   1.00 7.49  ? 91  ILE A HD11 1 
ATOM   1489 H  HD12 . ILE A 1 91 ? -2.032  -0.777  1.152   1.00 6.29  ? 91  ILE A HD12 1 
ATOM   1490 H  HD13 . ILE A 1 91 ? -2.645  -0.973  2.655   1.00 6.18  ? 91  ILE A HD13 1 
ATOM   1491 N  N    . ALA A 1 92 ? 0.632   -0.344  6.124   1.00 5.14  ? 92  ALA A N    1 
ATOM   1492 C  CA   . ALA A 1 92 ? 1.046   -1.616  6.746   1.00 6.35  ? 92  ALA A CA   1 
ATOM   1493 C  C    . ALA A 1 92 ? -0.281  -2.298  7.193   1.00 6.04  ? 92  ALA A C    1 
ATOM   1494 O  O    . ALA A 1 92 ? -1.111  -1.645  7.798   1.00 5.05  ? 92  ALA A O    1 
ATOM   1495 C  CB   . ALA A 1 92 ? 2.019   -1.437  7.865   1.00 8.08  ? 92  ALA A CB   1 
ATOM   1496 H  H    . ALA A 1 92 ? 0.077   0.164   6.610   1.00 2.00  ? 92  ALA A H    1 
ATOM   1497 H  HA   . ALA A 1 92 ? 1.475   -2.173  6.062   1.00 4.17  ? 92  ALA A HA   1 
ATOM   1498 H  HB1  . ALA A 1 92 ? 1.843   -0.679  8.431   1.00 3.15  ? 92  ALA A HB1  1 
ATOM   1499 H  HB2  . ALA A 1 92 ? 2.145   -2.267  8.401   1.00 3.82  ? 92  ALA A HB2  1 
ATOM   1500 H  HB3  . ALA A 1 92 ? 2.946   -1.273  7.448   1.00 5.32  ? 92  ALA A HB3  1 
ATOM   1501 N  N    . VAL A 1 93 ? -0.357  -3.592  6.862   1.00 6.52  ? 93  VAL A N    1 
ATOM   1502 C  CA   . VAL A 1 93 ? -1.552  -4.369  7.248   1.00 4.11  ? 93  VAL A CA   1 
ATOM   1503 C  C    . VAL A 1 93 ? -1.121  -5.722  7.823   1.00 2.58  ? 93  VAL A C    1 
ATOM   1504 O  O    . VAL A 1 93 ? -0.024  -6.232  7.539   1.00 5.17  ? 93  VAL A O    1 
ATOM   1505 C  CB   . VAL A 1 93 ? -2.514  -4.503  6.057   1.00 8.39  ? 93  VAL A CB   1 
ATOM   1506 C  CG1  . VAL A 1 93 ? -2.792  -3.188  5.339   1.00 7.15  ? 93  VAL A CG1  1 
ATOM   1507 C  CG2  . VAL A 1 93 ? -2.057  -5.545  5.052   1.00 10.36 ? 93  VAL A CG2  1 
ATOM   1508 H  H    . VAL A 1 93 ? 0.291   -4.023  6.422   1.00 2.00  ? 93  VAL A H    1 
ATOM   1509 H  HA   . VAL A 1 93 ? -2.005  -3.881  7.947   1.00 2.00  ? 93  VAL A HA   1 
ATOM   1510 H  HB   . VAL A 1 93 ? -3.373  -4.852  6.428   1.00 6.12  ? 93  VAL A HB   1 
ATOM   1511 H  HG11 . VAL A 1 93 ? -2.632  -2.399  5.868   1.00 6.60  ? 93  VAL A HG11 1 
ATOM   1512 H  HG12 . VAL A 1 93 ? -2.242  -3.111  4.523   1.00 3.72  ? 93  VAL A HG12 1 
ATOM   1513 H  HG13 . VAL A 1 93 ? -3.712  -3.191  5.019   1.00 4.70  ? 93  VAL A HG13 1 
ATOM   1514 H  HG21 . VAL A 1 93 ? -1.252  -6.008  5.311   1.00 9.76  ? 93  VAL A HG21 1 
ATOM   1515 H  HG22 . VAL A 1 93 ? -2.798  -6.193  4.932   1.00 6.92  ? 93  VAL A HG22 1 
ATOM   1516 H  HG23 . VAL A 1 93 ? -1.890  -5.139  4.177   1.00 10.40 ? 93  VAL A HG23 1 
ATOM   1517 N  N    . ASN A 1 94 ? -2.028  -6.274  8.606   1.00 4.85  ? 94  ASN A N    1 
ATOM   1518 C  CA   . ASN A 1 94 ? -1.824  -7.611  9.210   1.00 3.78  ? 94  ASN A CA   1 
ATOM   1519 C  C    . ASN A 1 94 ? -3.087  -8.439  8.876   1.00 6.58  ? 94  ASN A C    1 
ATOM   1520 O  O    . ASN A 1 94 ? -4.176  -7.967  9.217   1.00 8.54  ? 94  ASN A O    1 
ATOM   1521 C  CB   . ASN A 1 94 ? -1.559  -7.589  10.703  1.00 6.29  ? 94  ASN A CB   1 
ATOM   1522 C  CG   . ASN A 1 94 ? -1.237  -9.022  11.188  1.00 4.82  ? 94  ASN A CG   1 
ATOM   1523 O  OD1  . ASN A 1 94 ? -0.289  -9.636  10.708  1.00 8.39  ? 94  ASN A OD1  1 
ATOM   1524 N  ND2  . ASN A 1 94 ? -2.022  -9.495  12.145  1.00 6.20  ? 94  ASN A ND2  1 
ATOM   1525 H  H    . ASN A 1 94 ? -2.827  -5.901  8.782   1.00 2.68  ? 94  ASN A H    1 
ATOM   1526 H  HA   . ASN A 1 94 ? -1.049  -8.048  8.861   1.00 2.00  ? 94  ASN A HA   1 
ATOM   1527 H  HB2  . ASN A 1 94 ? -0.753  -7.033  10.875  1.00 6.04  ? 94  ASN A HB2  1 
ATOM   1528 H  HB3  . ASN A 1 94 ? -2.305  -7.187  11.164  1.00 2.00  ? 94  ASN A HB3  1 
ATOM   1529 H  HD21 . ASN A 1 94 ? -1.874  -10.350 12.465  1.00 10.39 ? 94  ASN A HD21 1 
ATOM   1530 H  HD22 . ASN A 1 94 ? -2.719  -9.015  12.484  1.00 7.58  ? 94  ASN A HD22 1 
ATOM   1531 N  N    . ALA A 1 95 ? -2.832  -9.578  8.257   1.00 6.16  ? 95  ALA A N    1 
ATOM   1532 C  CA   . ALA A 1 95 ? -3.953  -10.459 7.899   1.00 9.57  ? 95  ALA A CA   1 
ATOM   1533 C  C    . ALA A 1 95 ? -3.946  -11.682 8.823   1.00 12.66 ? 95  ALA A C    1 
ATOM   1534 O  O    . ALA A 1 95 ? -2.932  -12.384 8.924   1.00 12.17 ? 95  ALA A O    1 
ATOM   1535 C  CB   . ALA A 1 95 ? -3.900  -10.843 6.442   1.00 12.45 ? 95  ALA A CB   1 
ATOM   1536 H  H    . ALA A 1 95 ? -2.021  -9.863  8.043   1.00 2.22  ? 95  ALA A H    1 
ATOM   1537 H  HA   . ALA A 1 95 ? -4.784  -9.954  8.054   1.00 11.32 ? 95  ALA A HA   1 
ATOM   1538 H  HB1  . ALA A 1 95 ? -3.845  -10.021 5.878   1.00 10.46 ? 95  ALA A HB1  1 
ATOM   1539 H  HB2  . ALA A 1 95 ? -3.119  -11.403 6.244   1.00 11.45 ? 95  ALA A HB2  1 
ATOM   1540 H  HB3  . ALA A 1 95 ? -4.721  -11.330 6.183   1.00 10.87 ? 95  ALA A HB3  1 
ATOM   1541 N  N    . LEU A 1 96 ? -5.105  -11.862 9.455   1.00 8.27  ? 96  LEU A N    1 
ATOM   1542 C  CA   . LEU A 1 96 ? -5.261  -13.010 10.377  1.00 13.54 ? 96  LEU A CA   1 
ATOM   1543 C  C    . LEU A 1 96 ? -5.664  -14.247 9.574   1.00 18.56 ? 96  LEU A C    1 
ATOM   1544 O  O    . LEU A 1 96 ? -5.409  -15.329 10.142  1.00 16.66 ? 96  LEU A O    1 
ATOM   1545 C  CB   . LEU A 1 96 ? -6.230  -12.632 11.464  1.00 14.79 ? 96  LEU A CB   1 
ATOM   1546 C  CG   . LEU A 1 96 ? -5.736  -11.592 12.469  1.00 20.79 ? 96  LEU A CG   1 
ATOM   1547 C  CD1  . LEU A 1 96 ? -6.856  -11.223 13.383  1.00 21.52 ? 96  LEU A CD1  1 
ATOM   1548 C  CD2  . LEU A 1 96 ? -4.536  -12.109 13.249  1.00 24.50 ? 96  LEU A CD2  1 
ATOM   1549 O  OXT  . LEU A 1 96 ? -6.191  -14.162 8.450   1.00 16.50 ? 96  LEU A OXT  1 
ATOM   1550 H  H    . LEU A 1 96 ? -5.807  -11.327 9.346   1.00 8.91  ? 96  LEU A H    1 
ATOM   1551 H  HA   . LEU A 1 96 ? -4.340  -13.193 10.748  1.00 15.07 ? 96  LEU A HA   1 
ATOM   1552 H  HB2  . LEU A 1 96 ? -7.083  -12.336 11.133  1.00 14.15 ? 96  LEU A HB2  1 
ATOM   1553 H  HB3  . LEU A 1 96 ? -6.386  -13.478 12.040  1.00 16.78 ? 96  LEU A HB3  1 
ATOM   1554 H  HG   . LEU A 1 96 ? -5.429  -10.798 11.955  1.00 20.57 ? 96  LEU A HG   1 
ATOM   1555 H  HD11 . LEU A 1 96 ? -7.281  -12.041 13.743  1.00 19.83 ? 96  LEU A HD11 1 
ATOM   1556 H  HD12 . LEU A 1 96 ? -6.474  -10.708 14.169  1.00 21.18 ? 96  LEU A HD12 1 
ATOM   1557 H  HD13 . LEU A 1 96 ? -7.495  -10.637 12.924  1.00 19.79 ? 96  LEU A HD13 1 
ATOM   1558 H  HD21 . LEU A 1 96 ? -4.716  -13.009 13.618  1.00 21.04 ? 96  LEU A HD21 1 
ATOM   1559 H  HD22 . LEU A 1 96 ? -3.722  -12.185 12.658  1.00 22.62 ? 96  LEU A HD22 1 
ATOM   1560 H  HD23 . LEU A 1 96 ? -4.283  -11.470 13.982  1.00 20.40 ? 96  LEU A HD23 1 
HETATM 1561 CU CU   . CU  B 2 .  ? 2.867   7.988   -5.233  1.00 5.01  ? 97  CU  A CU   1 
HETATM 1562 O  O    . HOH C 3 .  ? 9.407   7.438   -2.185  1.00 10.03 ? 98  HOH A O    1 
HETATM 1563 O  O    . HOH C 3 .  ? -0.102  1.961   7.933   1.00 7.94  ? 99  HOH A O    1 
HETATM 1564 O  O    . HOH C 3 .  ? -3.716  9.282   -8.800  1.00 10.20 ? 100 HOH A O    1 
HETATM 1565 O  O    . HOH C 3 .  ? 4.306   11.472  -9.595  1.00 16.35 ? 101 HOH A O    1 
HETATM 1566 O  O    . HOH C 3 .  ? -0.855  -9.727  4.718   1.00 8.27  ? 102 HOH A O    1 
HETATM 1567 O  O    . HOH C 3 .  ? 12.575  -6.023  7.520   1.00 9.04  ? 103 HOH A O    1 
HETATM 1568 O  O    . HOH C 3 .  ? -10.108 7.190   -6.462  1.00 23.92 ? 104 HOH A O    1 
HETATM 1569 O  O    . HOH C 3 .  ? -7.676  2.434   -4.058  1.00 5.01  ? 105 HOH A O    1 
HETATM 1570 O  O    . HOH C 3 .  ? 11.466  -0.320  -7.902  1.00 9.16  ? 106 HOH A O    1 
HETATM 1571 O  O    . HOH C 3 .  ? -10.837 4.877   -5.071  1.00 14.86 ? 107 HOH A O    1 
HETATM 1572 O  O    . HOH C 3 .  ? 11.517  -3.178  -7.374  1.00 12.21 ? 108 HOH A O    1 
HETATM 1573 O  O    . HOH C 3 .  ? 10.170  3.262   -9.498  1.00 25.29 ? 109 HOH A O    1 
HETATM 1574 O  O    . HOH C 3 .  ? 5.060   -7.294  2.308   1.00 11.27 ? 110 HOH A O    1 
HETATM 1575 O  O    . HOH C 3 .  ? 7.568   7.804   5.475   1.00 14.89 ? 111 HOH A O    1 
HETATM 1576 O  O    . HOH C 3 .  ? 6.606   2.524   -11.513 1.00 19.60 ? 112 HOH A O    1 
HETATM 1577 O  O    . HOH C 3 .  ? 14.177  -3.269  -6.453  1.00 14.79 ? 113 HOH A O    1 
HETATM 1578 O  O    . HOH C 3 .  ? -10.292 -13.807 3.210   1.00 25.33 ? 114 HOH A O    1 
HETATM 1579 O  O    . HOH C 3 .  ? 3.536   3.349   -12.272 1.00 17.10 ? 115 HOH A O    1 
HETATM 1580 O  O    . HOH C 3 .  ? 7.912   -8.202  -3.209  1.00 35.17 ? 116 HOH A O    1 
HETATM 1581 O  O    . HOH C 3 .  ? 19.583  4.997   2.197   1.00 82.05 ? 117 HOH A O    1 
HETATM 1582 O  O    . HOH C 3 .  ? 0.927   -14.876 10.772  1.00 31.33 ? 118 HOH A O    1 
HETATM 1583 O  O    A HOH C 3 .  ? -1.825  12.504  -7.624  0.50 5.66  ? 119 HOH A O    1 
HETATM 1584 O  O    . HOH C 3 .  ? -8.870  2.944   -11.064 1.00 26.18 ? 120 HOH A O    1 
HETATM 1585 O  O    . HOH C 3 .  ? -3.711  -4.508  10.157  1.00 19.89 ? 121 HOH A O    1 
HETATM 1586 O  O    A HOH C 3 .  ? -0.569  13.847  -8.391  0.50 9.29  ? 122 HOH A O    1 
HETATM 1587 O  O    . HOH C 3 .  ? 4.824   5.898   -14.782 1.00 21.07 ? 123 HOH A O    1 
HETATM 1588 O  O    . HOH C 3 .  ? -11.814 -8.889  6.431   1.00 21.90 ? 124 HOH A O    1 
HETATM 1589 O  O    . HOH C 3 .  ? 7.938   12.529  -7.197  1.00 41.34 ? 125 HOH A O    1 
HETATM 1590 O  O    . HOH C 3 .  ? 2.690   -9.333  -4.440  1.00 46.22 ? 126 HOH A O    1 
HETATM 1591 O  O    . HOH C 3 .  ? 1.145   -4.024  -12.904 1.00 16.71 ? 127 HOH A O    1 
HETATM 1592 O  O    . HOH C 3 .  ? 4.248   -11.780 8.643   1.00 19.07 ? 128 HOH A O    1 
HETATM 1593 O  O    . HOH C 3 .  ? -1.429  -1.659  10.788  1.00 45.26 ? 129 HOH A O    1 
HETATM 1594 O  O    . HOH C 3 .  ? -6.961  4.281   -12.113 1.00 33.42 ? 130 HOH A O    1 
HETATM 1595 O  O    . HOH C 3 .  ? -13.517 8.036   1.321   1.00 21.32 ? 131 HOH A O    1 
HETATM 1596 O  O    . HOH C 3 .  ? 7.646   -8.150  9.531   1.00 35.41 ? 132 HOH A O    1 
HETATM 1597 O  O    . HOH C 3 .  ? 6.410   -0.836  11.012  1.00 32.67 ? 133 HOH A O    1 
HETATM 1598 O  O    . HOH C 3 .  ? 12.759  3.275   -2.858  1.00 20.55 ? 134 HOH A O    1 
HETATM 1599 O  O    . HOH C 3 .  ? 2.958   -12.399 5.162   1.00 32.80 ? 135 HOH A O    1 
HETATM 1600 O  O    . HOH C 3 .  ? -6.875  -10.214 -6.728  1.00 83.16 ? 136 HOH A O    1 
HETATM 1601 O  O    . HOH C 3 .  ? 8.692   -5.978  -10.094 1.00 40.21 ? 137 HOH A O    1 
HETATM 1602 O  O    . HOH C 3 .  ? 15.225  -5.055  -7.862  1.00 33.87 ? 138 HOH A O    1 
HETATM 1603 O  O    . HOH C 3 .  ? -5.132  7.555   -14.775 1.00 26.70 ? 139 HOH A O    1 
HETATM 1604 O  O    . HOH C 3 .  ? -1.911  -5.232  -11.360 1.00 31.73 ? 140 HOH A O    1 
HETATM 1605 O  O    . HOH C 3 .  ? 11.116  5.061   -1.923  1.00 36.15 ? 141 HOH A O    1 
HETATM 1606 O  O    . HOH C 3 .  ? 14.194  0.111   10.013  1.00 34.03 ? 142 HOH A O    1 
HETATM 1607 O  O    . HOH C 3 .  ? 14.848  -4.001  4.128   1.00 22.78 ? 143 HOH A O    1 
HETATM 1608 O  O    . HOH C 3 .  ? 15.500  -1.038  7.996   1.00 16.91 ? 144 HOH A O    1 
HETATM 1609 O  O    . HOH C 3 .  ? -4.809  8.746   -6.351  1.00 28.48 ? 145 HOH A O    1 
HETATM 1610 O  O    . HOH C 3 .  ? 2.962   -9.268  0.801   1.00 28.79 ? 146 HOH A O    1 
HETATM 1611 O  O    . HOH C 3 .  ? -3.036  2.629   10.600  1.00 65.52 ? 147 HOH A O    1 
HETATM 1612 O  O    . HOH C 3 .  ? 7.745   0.680   -12.977 1.00 24.63 ? 148 HOH A O    1 
HETATM 1613 O  O    . HOH C 3 .  ? 8.817   -7.761  6.936   1.00 18.77 ? 149 HOH A O    1 
HETATM 1614 O  O    . HOH C 3 .  ? 6.763   -9.719  13.226  1.00 24.43 ? 150 HOH A O    1 
HETATM 1615 O  O    A HOH C 3 .  ? -3.575  12.709  -11.611 0.50 30.00 ? 151 HOH A O    1 
HETATM 1616 O  O    . HOH C 3 .  ? -1.528  11.893  -16.398 1.00 40.76 ? 152 HOH A O    1 
HETATM 1617 O  O    . HOH C 3 .  ? 10.238  9.880   5.426   1.00 54.01 ? 153 HOH A O    1 
HETATM 1618 O  O    . HOH C 3 .  ? 1.935   -15.832 4.894   1.00 52.87 ? 154 HOH A O    1 
HETATM 1619 O  O    . HOH C 3 .  ? 10.324  -0.079  12.641  1.00 40.85 ? 155 HOH A O    1 
HETATM 1620 O  O    . HOH C 3 .  ? -15.223 -12.531 2.962   1.00 52.38 ? 156 HOH A O    1 
HETATM 1621 O  O    . HOH C 3 .  ? -4.206  -7.751  13.258  1.00 34.44 ? 157 HOH A O    1 
HETATM 1622 O  O    . HOH C 3 .  ? -2.494  -10.800 -5.559  1.00 28.31 ? 158 HOH A O    1 
HETATM 1623 O  O    . HOH C 3 .  ? -12.374 -4.469  9.139   1.00 37.34 ? 159 HOH A O    1 
HETATM 1624 O  O    . HOH C 3 .  ? -3.807  -15.251 0.600   1.00 37.16 ? 160 HOH A O    1 
HETATM 1625 O  O    . HOH C 3 .  ? 4.966   -3.007  -13.959 1.00 71.81 ? 161 HOH A O    1 
HETATM 1626 O  O    . HOH C 3 .  ? -12.038 -9.538  14.362  1.00 38.75 ? 162 HOH A O    1 
HETATM 1627 O  O    . HOH C 3 .  ? 8.406   -8.329  1.329   1.00 38.59 ? 163 HOH A O    1 
HETATM 1628 O  O    . HOH C 3 .  ? -8.666  -4.306  -11.262 1.00 49.88 ? 164 HOH A O    1 
HETATM 1629 O  O    . HOH C 3 .  ? -12.964 -7.770  -6.861  1.00 39.79 ? 165 HOH A O    1 
HETATM 1630 O  O    . HOH C 3 .  ? -5.401  -2.758  11.080  1.00 48.93 ? 166 HOH A O    1 
HETATM 1631 O  O    . HOH C 3 .  ? 11.386  7.635   4.826   1.00 55.84 ? 167 HOH A O    1 
HETATM 1632 O  O    . HOH C 3 .  ? 15.044  -1.995  2.679   1.00 33.64 ? 168 HOH A O    1 
HETATM 1633 O  O    . HOH C 3 .  ? 15.471  -1.486  -5.162  1.00 29.30 ? 169 HOH A O    1 
HETATM 1634 O  O    . HOH C 3 .  ? -11.890 1.583   2.257   1.00 40.32 ? 170 HOH A O    1 
HETATM 1635 O  O    . HOH C 3 .  ? -6.457  -3.385  -13.929 1.00 40.66 ? 171 HOH A O    1 
HETATM 1636 O  O    . HOH C 3 .  ? 15.156  2.441   -2.683  1.00 46.39 ? 172 HOH A O    1 
HETATM 1637 O  O    . HOH C 3 .  ? -7.783  11.689  -4.115  1.00 62.10 ? 173 HOH A O    1 
HETATM 1638 O  O    . HOH C 3 .  ? -17.345 8.782   -0.271  1.00 47.47 ? 174 HOH A O    1 
HETATM 1639 O  O    . HOH C 3 .  ? 15.629  -0.660  5.334   1.00 42.89 ? 175 HOH A O    1 
HETATM 1640 O  O    . HOH C 3 .  ? -8.008  6.447   -10.758 1.00 29.45 ? 176 HOH A O    1 
HETATM 1641 O  O    . HOH C 3 .  ? -0.082  -10.766 -2.494  1.00 35.70 ? 177 HOH A O    1 
HETATM 1642 O  O    . HOH C 3 .  ? -7.925  -16.713 5.559   1.00 46.44 ? 178 HOH A O    1 
HETATM 1643 O  O    . HOH C 3 .  ? -5.780  -17.761 8.156   1.00 40.95 ? 179 HOH A O    1 
HETATM 1644 O  O    . HOH C 3 .  ? -4.829  -6.625  -10.497 1.00 39.06 ? 180 HOH A O    1 
HETATM 1645 O  O    . HOH C 3 .  ? -7.793  -16.310 8.171   1.00 32.81 ? 181 HOH A O    1 
HETATM 1646 O  O    . HOH C 3 .  ? -7.476  8.579   -0.049  1.00 32.34 ? 182 HOH A O    1 
HETATM 1647 O  O    . HOH C 3 .  ? 14.593  6.597   2.231   1.00 45.59 ? 183 HOH A O    1 
HETATM 1648 O  O    . HOH C 3 .  ? 1.370   -0.257  -16.588 1.00 44.98 ? 184 HOH A O    1 
HETATM 1649 O  O    . HOH C 3 .  ? -11.545 9.323   0.396   1.00 40.34 ? 185 HOH A O    1 
HETATM 1650 O  O    . HOH C 3 .  ? -13.279 -7.248  -10.353 1.00 45.56 ? 186 HOH A O    1 
HETATM 1651 O  O    . HOH C 3 .  ? -9.406  2.026   16.303  1.00 45.34 ? 187 HOH A O    1 
HETATM 1652 O  O    . HOH C 3 .  ? -16.011 9.436   1.964   1.00 53.86 ? 188 HOH A O    1 
HETATM 1653 O  O    . HOH C 3 .  ? -6.589  8.755   -12.084 1.00 42.80 ? 189 HOH A O    1 
HETATM 1654 O  O    . HOH C 3 .  ? -14.184 -10.945 6.082   1.00 71.66 ? 190 HOH A O    1 
HETATM 1655 O  O    . HOH C 3 .  ? 17.990  -4.145  -1.704  1.00 32.64 ? 191 HOH A O    1 
HETATM 1656 O  O    . HOH C 3 .  ? -16.091 -4.757  -0.474  1.00 47.28 ? 192 HOH A O    1 
HETATM 1657 O  O    . HOH C 3 .  ? 16.081  -8.579  -1.369  1.00 46.92 ? 193 HOH A O    1 
HETATM 1658 O  O    . HOH C 3 .  ? -5.994  7.692   5.282   1.00 79.62 ? 194 HOH A O    1 
HETATM 1659 O  O    . HOH C 3 .  ? 14.530  5.479   -0.639  1.00 78.37 ? 195 HOH A O    1 
HETATM 1660 O  O    . HOH C 3 .  ? -10.793 -11.904 -1.243  1.00 76.99 ? 196 HOH A O    1 
HETATM 1661 O  O    . HOH C 3 .  ? 6.591   -10.755 8.725   1.00 42.15 ? 197 HOH A O    1 
HETATM 1662 O  O    . HOH C 3 .  ? -2.777  11.928  -5.877  1.00 28.07 ? 198 HOH A O    1 
HETATM 1663 O  O    . HOH C 3 .  ? 9.242   10.813  -10.642 1.00 36.03 ? 199 HOH A O    1 
HETATM 1664 O  O    . HOH C 3 .  ? 6.882   4.847   9.104   1.00 41.65 ? 200 HOH A O    1 
HETATM 1665 O  O    A HOH C 3 .  ? -4.528  11.521  2.362   0.50 23.41 ? 201 HOH A O    1 
HETATM 1666 O  O    . HOH C 3 .  ? 1.670   2.876   9.499   1.00 41.21 ? 202 HOH A O    1 
HETATM 1667 O  O    A HOH C 3 .  ? -12.505 3.552   3.715   0.50 27.11 ? 203 HOH A O    1 
HETATM 1668 O  O    A HOH C 3 .  ? -4.582  5.757   0.030   0.50 17.44 ? 204 HOH A O    1 
HETATM 1669 O  O    . HOH C 3 .  ? 14.047  -9.020  1.025   1.00 57.49 ? 205 HOH A O    1 
HETATM 1670 O  O    . HOH C 3 .  ? 17.350  5.342   4.084   1.00 49.52 ? 206 HOH A O    1 
HETATM 1671 O  O    A HOH C 3 .  ? -0.624  1.066   10.430  0.50 42.98 ? 207 HOH A O    1 
HETATM 1672 O  O    A HOH C 3 .  ? -3.568  13.960  -2.409  0.50 26.16 ? 208 HOH A O    1 
HETATM 1673 O  O    . HOH C 3 .  ? 6.651   -8.393  4.682   1.00 47.80 ? 209 HOH A O    1 
HETATM 1674 O  O    . HOH C 3 .  ? 16.810  3.783   -1.244  1.00 75.15 ? 210 HOH A O    1 
HETATM 1675 O  O    A HOH C 3 .  ? -6.128  8.425   1.150   0.50 50.48 ? 211 HOH A O    1 
HETATM 1676 O  O    . HOH C 3 .  ? -0.855  -17.485 3.649   1.00 58.15 ? 212 HOH A O    1 
HETATM 1677 O  O    . HOH C 3 .  ? -7.869  -8.900  11.029  1.00 71.16 ? 213 HOH A O    1 
HETATM 1678 O  O    . HOH C 3 .  ? -5.920  -7.021  10.824  1.00 22.00 ? 214 HOH A O    1 
HETATM 1679 O  O    . HOH C 3 .  ? 11.920  -8.421  6.939   1.00 32.37 ? 215 HOH A O    1 
HETATM 1680 O  O    . HOH C 3 .  ? 5.215   11.693  -13.243 1.00 31.10 ? 216 HOH A O    1 
HETATM 1681 O  O    . HOH C 3 .  ? -1.829  8.239   -17.439 1.00 37.52 ? 217 HOH A O    1 
HETATM 1682 O  O    . HOH C 3 .  ? 1.963   -11.016 11.550  1.00 9.04  ? 218 HOH A O    1 
HETATM 1683 O  O    . HOH C 3 .  ? -3.925  -0.673  -16.906 1.00 9.42  ? 219 HOH A O    1 
# 
